data_4UQT
#
_entry.id   4UQT
#
_cell.length_a   1.000
_cell.length_b   1.000
_cell.length_c   1.000
_cell.angle_alpha   90.00
_cell.angle_beta   90.00
_cell.angle_gamma   90.00
#
_symmetry.space_group_name_H-M   'P 1'
#
loop_
_entity.id
_entity.type
_entity.pdbx_description
1 polymer 'U2 SNRNP COMPONENT IST3'
2 polymer 'PRE-MRNA-SPLICING FACTOR CWC26'
#
loop_
_entity_poly.entity_id
_entity_poly.type
_entity_poly.pdbx_seq_one_letter_code
_entity_poly.pdbx_strand_id
1 'polypeptide(L)'
;GAMGNEYKDNAYIYIGNLNRELTEGDILTVFSEYGVPVDVILSRDENTGESQGFAYLKYEDQRSTILAVDNLNGFKIGGR
ALKIDHTFYRPKR
;
A
2 'polypeptide(L)' GAMGNRFAIMPGSRWDGVHRSNGFEEKWFAKQNEINEKK B
#
# COMPACT_ATOMS: atom_id res chain seq x y z
N ASN A 5 -20.01 -10.80 -4.36
CA ASN A 5 -19.25 -11.98 -4.01
C ASN A 5 -17.97 -11.53 -3.31
N GLU A 6 -17.87 -11.84 -2.05
CA GLU A 6 -16.74 -11.43 -1.22
C GLU A 6 -15.60 -12.43 -1.32
N TYR A 7 -15.94 -13.67 -1.53
CA TYR A 7 -14.95 -14.70 -1.59
C TYR A 7 -14.39 -14.88 -2.96
N LYS A 8 -13.72 -13.87 -3.36
CA LYS A 8 -13.00 -13.80 -4.59
C LYS A 8 -11.56 -13.52 -4.25
N ASP A 9 -10.69 -13.62 -5.20
CA ASP A 9 -9.28 -13.39 -4.95
C ASP A 9 -8.92 -12.00 -5.36
N ASN A 10 -9.93 -11.16 -5.39
CA ASN A 10 -9.81 -9.75 -5.72
C ASN A 10 -9.40 -8.98 -4.47
N ALA A 11 -9.04 -9.73 -3.43
CA ALA A 11 -8.61 -9.18 -2.15
C ALA A 11 -7.10 -9.17 -2.09
N TYR A 12 -6.50 -9.63 -3.16
CA TYR A 12 -5.08 -9.83 -3.25
C TYR A 12 -4.49 -8.78 -4.17
N ILE A 13 -3.28 -8.37 -3.86
CA ILE A 13 -2.61 -7.37 -4.65
C ILE A 13 -1.15 -7.67 -4.74
N TYR A 14 -0.53 -7.04 -5.70
CA TYR A 14 0.87 -7.13 -5.92
C TYR A 14 1.48 -5.77 -5.67
N ILE A 15 2.47 -5.75 -4.84
CA ILE A 15 3.19 -4.54 -4.53
C ILE A 15 4.57 -4.66 -5.15
N GLY A 16 4.95 -3.70 -5.92
CA GLY A 16 6.24 -3.70 -6.55
C GLY A 16 6.97 -2.42 -6.25
N ASN A 17 8.27 -2.42 -6.53
CA ASN A 17 9.18 -1.27 -6.29
C ASN A 17 9.43 -1.12 -4.81
N LEU A 18 9.60 -2.23 -4.13
CA LEU A 18 9.88 -2.23 -2.71
C LEU A 18 11.26 -1.77 -2.42
N ASN A 19 11.40 -1.08 -1.34
CA ASN A 19 12.68 -0.63 -0.88
C ASN A 19 13.30 -1.78 -0.14
N ARG A 20 14.59 -1.90 -0.23
CA ARG A 20 15.35 -2.95 0.43
C ARG A 20 15.20 -2.90 1.96
N GLU A 21 14.77 -1.76 2.48
CA GLU A 21 14.61 -1.56 3.91
C GLU A 21 13.15 -1.71 4.37
N LEU A 22 12.28 -2.08 3.46
CA LEU A 22 10.88 -2.25 3.81
C LEU A 22 10.56 -3.68 4.12
N THR A 23 9.99 -3.90 5.28
CA THR A 23 9.64 -5.21 5.73
C THR A 23 8.12 -5.29 5.91
N GLU A 24 7.63 -6.48 6.25
CA GLU A 24 6.20 -6.76 6.38
C GLU A 24 5.52 -5.79 7.33
N GLY A 25 6.19 -5.44 8.42
CA GLY A 25 5.64 -4.53 9.41
C GLY A 25 5.34 -3.15 8.84
N ASP A 26 6.20 -2.67 7.95
CA ASP A 26 6.03 -1.34 7.33
C ASP A 26 4.82 -1.38 6.45
N ILE A 27 4.78 -2.40 5.62
CA ILE A 27 3.68 -2.60 4.69
C ILE A 27 2.36 -2.76 5.43
N LEU A 28 2.37 -3.57 6.48
CA LEU A 28 1.16 -3.87 7.23
C LEU A 28 0.55 -2.63 7.82
N THR A 29 1.37 -1.82 8.41
CA THR A 29 0.92 -0.59 9.02
C THR A 29 0.32 0.35 8.00
N VAL A 30 0.98 0.51 6.88
CA VAL A 30 0.54 1.38 5.83
C VAL A 30 -0.75 0.86 5.21
N PHE A 31 -0.75 -0.40 4.88
CA PHE A 31 -1.86 -1.05 4.26
C PHE A 31 -3.08 -1.11 5.18
N SER A 32 -2.84 -1.04 6.47
CA SER A 32 -3.91 -1.02 7.44
C SER A 32 -4.73 0.26 7.41
N GLU A 33 -4.21 1.36 6.87
CA GLU A 33 -5.04 2.55 6.80
C GLU A 33 -6.10 2.39 5.69
N TYR A 34 -5.84 1.48 4.76
CA TYR A 34 -6.74 1.25 3.63
C TYR A 34 -7.74 0.15 3.95
N GLY A 35 -7.52 -0.53 5.03
CA GLY A 35 -8.41 -1.57 5.42
C GLY A 35 -7.75 -2.57 6.31
N VAL A 36 -8.26 -3.77 6.31
CA VAL A 36 -7.75 -4.80 7.18
C VAL A 36 -6.90 -5.80 6.40
N PRO A 37 -5.58 -5.81 6.63
CA PRO A 37 -4.69 -6.78 6.03
C PRO A 37 -4.78 -8.11 6.79
N VAL A 38 -4.82 -9.20 6.09
CA VAL A 38 -4.89 -10.47 6.77
C VAL A 38 -3.61 -11.26 6.59
N ASP A 39 -2.99 -11.12 5.46
CA ASP A 39 -1.76 -11.83 5.18
C ASP A 39 -0.87 -10.98 4.33
N VAL A 40 0.40 -11.09 4.54
CA VAL A 40 1.38 -10.34 3.81
C VAL A 40 2.61 -11.24 3.59
N ILE A 41 3.13 -11.22 2.40
CA ILE A 41 4.33 -11.91 2.06
C ILE A 41 5.35 -10.93 1.56
N LEU A 42 6.45 -10.82 2.24
CA LEU A 42 7.51 -9.99 1.76
C LEU A 42 8.47 -10.90 1.08
N SER A 43 8.61 -10.76 -0.19
CA SER A 43 9.51 -11.54 -0.92
C SER A 43 10.90 -11.00 -0.66
N ARG A 44 11.71 -11.83 -0.06
CA ARG A 44 13.04 -11.47 0.33
C ARG A 44 13.97 -12.50 -0.18
N ASP A 45 15.09 -12.05 -0.66
CA ASP A 45 16.07 -12.92 -1.24
C ASP A 45 16.89 -13.58 -0.18
N GLU A 46 16.93 -14.89 -0.22
CA GLU A 46 17.66 -15.70 0.76
C GLU A 46 19.17 -15.40 0.78
N ASN A 47 19.69 -14.91 -0.32
CA ASN A 47 21.12 -14.68 -0.45
C ASN A 47 21.52 -13.38 0.20
N THR A 48 20.78 -12.34 -0.09
CA THR A 48 21.07 -11.00 0.42
C THR A 48 20.38 -10.73 1.76
N GLY A 49 19.31 -11.44 2.00
CA GLY A 49 18.54 -11.25 3.20
C GLY A 49 17.65 -10.01 3.10
N GLU A 50 17.64 -9.39 1.94
CA GLU A 50 16.89 -8.17 1.73
C GLU A 50 15.72 -8.41 0.80
N SER A 51 14.80 -7.48 0.82
CA SER A 51 13.60 -7.49 0.01
C SER A 51 13.94 -7.63 -1.50
N GLN A 52 13.09 -8.36 -2.23
CA GLN A 52 13.30 -8.62 -3.65
C GLN A 52 12.69 -7.54 -4.53
N GLY A 53 12.29 -6.45 -3.91
CA GLY A 53 11.70 -5.35 -4.65
C GLY A 53 10.23 -5.52 -4.91
N PHE A 54 9.62 -6.51 -4.30
CA PHE A 54 8.21 -6.73 -4.47
C PHE A 54 7.67 -7.47 -3.27
N ALA A 55 6.38 -7.34 -3.04
CA ALA A 55 5.72 -8.00 -1.95
C ALA A 55 4.25 -8.25 -2.29
N TYR A 56 3.57 -8.91 -1.39
CA TYR A 56 2.17 -9.25 -1.53
C TYR A 56 1.45 -9.00 -0.22
N LEU A 57 0.20 -8.59 -0.29
CA LEU A 57 -0.63 -8.43 0.87
C LEU A 57 -2.06 -8.63 0.43
N LYS A 58 -2.84 -9.28 1.25
CA LYS A 58 -4.23 -9.49 0.94
C LYS A 58 -5.08 -8.92 2.05
N TYR A 59 -6.18 -8.40 1.69
CA TYR A 59 -7.09 -7.79 2.61
C TYR A 59 -8.24 -8.69 2.90
N GLU A 60 -8.93 -8.34 3.95
CA GLU A 60 -10.13 -9.02 4.33
C GLU A 60 -11.29 -8.52 3.45
N ASP A 61 -11.14 -7.29 2.95
CA ASP A 61 -12.18 -6.64 2.19
C ASP A 61 -11.62 -6.25 0.83
N GLN A 62 -12.36 -6.54 -0.24
CA GLN A 62 -11.93 -6.21 -1.60
C GLN A 62 -11.83 -4.69 -1.85
N ARG A 63 -12.65 -3.91 -1.18
CA ARG A 63 -12.67 -2.45 -1.35
C ARG A 63 -11.38 -1.84 -0.82
N SER A 64 -10.87 -2.45 0.19
CA SER A 64 -9.61 -2.08 0.77
C SER A 64 -8.47 -2.16 -0.27
N THR A 65 -8.53 -3.15 -1.17
CA THR A 65 -7.47 -3.30 -2.17
C THR A 65 -7.42 -2.09 -3.10
N ILE A 66 -8.58 -1.64 -3.58
CA ILE A 66 -8.67 -0.47 -4.46
C ILE A 66 -8.24 0.78 -3.74
N LEU A 67 -8.60 0.87 -2.46
CA LEU A 67 -8.17 1.99 -1.62
C LEU A 67 -6.67 2.04 -1.53
N ALA A 68 -6.06 0.89 -1.35
CA ALA A 68 -4.63 0.81 -1.27
C ALA A 68 -3.95 1.00 -2.61
N VAL A 69 -4.42 0.31 -3.64
CA VAL A 69 -3.79 0.37 -4.96
C VAL A 69 -3.76 1.77 -5.52
N ASP A 70 -4.87 2.43 -5.48
CA ASP A 70 -5.02 3.72 -6.15
C ASP A 70 -4.28 4.83 -5.41
N ASN A 71 -4.13 4.65 -4.13
CA ASN A 71 -3.49 5.64 -3.28
C ASN A 71 -1.99 5.41 -3.16
N LEU A 72 -1.58 4.16 -3.21
CA LEU A 72 -0.19 3.78 -2.99
C LEU A 72 0.58 3.73 -4.28
N ASN A 73 -0.10 3.43 -5.36
CA ASN A 73 0.54 3.38 -6.66
C ASN A 73 1.01 4.79 -7.02
N GLY A 74 2.27 4.91 -7.30
CA GLY A 74 2.83 6.19 -7.67
C GLY A 74 3.26 7.00 -6.47
N PHE A 75 2.98 6.51 -5.28
CA PHE A 75 3.31 7.22 -4.07
C PHE A 75 4.74 6.87 -3.70
N LYS A 76 5.48 7.84 -3.27
CA LYS A 76 6.87 7.63 -2.95
C LYS A 76 7.08 7.32 -1.48
N ILE A 77 7.62 6.16 -1.21
CA ILE A 77 7.99 5.75 0.13
C ILE A 77 9.45 5.35 0.04
N GLY A 78 10.23 5.68 1.06
CA GLY A 78 11.65 5.33 1.07
C GLY A 78 12.42 5.92 -0.10
N GLY A 79 11.88 6.97 -0.71
CA GLY A 79 12.50 7.59 -1.83
C GLY A 79 12.18 6.92 -3.16
N ARG A 80 11.27 5.96 -3.15
CA ARG A 80 10.91 5.29 -4.39
C ARG A 80 9.40 5.19 -4.55
N ALA A 81 8.94 5.26 -5.78
CA ALA A 81 7.52 5.20 -6.09
C ALA A 81 7.01 3.78 -6.07
N LEU A 82 6.08 3.52 -5.19
CA LEU A 82 5.47 2.21 -5.08
C LEU A 82 4.57 1.89 -6.23
N LYS A 83 4.57 0.65 -6.61
CA LYS A 83 3.72 0.19 -7.65
C LYS A 83 2.78 -0.84 -7.11
N ILE A 84 1.52 -0.56 -7.14
CA ILE A 84 0.56 -1.53 -6.64
C ILE A 84 -0.32 -1.92 -7.79
N ASP A 85 -0.61 -3.18 -7.90
CA ASP A 85 -1.46 -3.68 -8.95
C ASP A 85 -2.32 -4.80 -8.41
N HIS A 86 -3.49 -4.96 -8.96
CA HIS A 86 -4.38 -6.03 -8.53
C HIS A 86 -3.98 -7.31 -9.22
N THR A 87 -3.89 -8.37 -8.49
CA THR A 87 -3.50 -9.62 -9.03
C THR A 87 -4.08 -10.71 -8.15
N PHE A 88 -4.34 -11.88 -8.68
CA PHE A 88 -4.72 -12.95 -7.82
C PHE A 88 -3.44 -13.67 -7.43
N TYR A 89 -3.07 -13.56 -6.21
CA TYR A 89 -1.88 -14.20 -5.76
C TYR A 89 -2.25 -15.40 -4.95
N ARG A 90 -1.58 -16.48 -5.17
CA ARG A 90 -1.80 -17.63 -4.35
C ARG A 90 -0.50 -18.00 -3.68
N PRO A 91 -0.47 -17.92 -2.35
CA PRO A 91 0.73 -18.18 -1.56
C PRO A 91 1.14 -19.64 -1.48
N LYS A 92 2.41 -19.84 -1.28
CA LYS A 92 3.00 -21.12 -1.06
C LYS A 92 3.39 -21.15 0.40
N ARG A 93 3.08 -22.22 1.09
CA ARG A 93 3.41 -22.32 2.50
C ARG A 93 4.47 -23.38 2.70
N ASN B 5 -9.43 7.57 -0.80
CA ASN B 5 -10.40 7.65 -1.90
C ASN B 5 -11.85 7.75 -1.45
N ARG B 6 -12.06 8.00 -0.16
CA ARG B 6 -13.39 8.16 0.42
C ARG B 6 -14.26 6.94 0.51
N PHE B 7 -13.71 5.93 1.07
CA PHE B 7 -14.42 4.69 1.31
C PHE B 7 -14.74 4.56 2.79
N ALA B 8 -15.61 3.65 3.14
CA ALA B 8 -16.10 3.56 4.50
C ALA B 8 -15.53 2.35 5.23
N ILE B 9 -14.41 1.85 4.78
CA ILE B 9 -13.78 0.73 5.44
C ILE B 9 -12.96 1.24 6.60
N MET B 10 -13.13 0.62 7.74
CA MET B 10 -12.43 1.02 8.94
C MET B 10 -11.02 0.43 8.92
N PRO B 11 -10.01 1.24 9.27
CA PRO B 11 -8.60 0.82 9.26
C PRO B 11 -8.28 -0.40 10.15
N GLY B 12 -7.29 -1.16 9.71
CA GLY B 12 -6.86 -2.36 10.37
C GLY B 12 -6.07 -2.09 11.63
N SER B 13 -5.82 -3.12 12.37
CA SER B 13 -5.21 -3.02 13.68
C SER B 13 -3.68 -2.77 13.65
N ARG B 14 -3.06 -2.97 12.49
CA ARG B 14 -1.61 -2.76 12.38
C ARG B 14 -1.30 -1.29 12.12
N TRP B 15 -2.35 -0.49 12.02
CA TRP B 15 -2.22 0.90 11.71
C TRP B 15 -1.78 1.72 12.89
N ASP B 16 -0.75 2.41 12.65
CA ASP B 16 -0.17 3.38 13.49
C ASP B 16 -0.22 4.61 12.66
N GLY B 17 -0.38 5.75 13.28
CA GLY B 17 -0.53 7.12 12.68
C GLY B 17 0.40 7.47 11.53
N VAL B 18 0.27 6.71 10.55
CA VAL B 18 0.93 6.80 9.31
C VAL B 18 -0.09 7.19 8.28
N HIS B 19 0.12 8.30 7.67
CA HIS B 19 -0.77 8.77 6.66
C HIS B 19 -0.05 8.78 5.31
N ARG B 20 -0.40 7.86 4.45
CA ARG B 20 0.13 7.87 3.09
C ARG B 20 -1.04 8.29 2.22
N SER B 21 -0.94 9.40 1.60
CA SER B 21 -2.07 9.89 0.84
C SER B 21 -1.69 10.34 -0.56
N ASN B 22 -2.49 9.91 -1.53
CA ASN B 22 -2.32 10.33 -2.92
C ASN B 22 -2.76 11.77 -3.06
N GLY B 23 -2.58 12.33 -4.23
CA GLY B 23 -2.96 13.69 -4.42
C GLY B 23 -1.95 14.61 -3.80
N PHE B 24 -0.72 14.21 -3.85
CA PHE B 24 0.35 15.05 -3.39
C PHE B 24 0.63 16.15 -4.39
N GLU B 25 0.43 15.82 -5.66
CA GLU B 25 0.67 16.73 -6.77
C GLU B 25 -0.22 17.97 -6.65
N GLU B 26 -1.47 17.79 -6.22
CA GLU B 26 -2.40 18.91 -6.07
C GLU B 26 -1.93 19.87 -4.99
N LYS B 27 -1.34 19.32 -3.94
CA LYS B 27 -0.87 20.12 -2.82
C LYS B 27 0.27 20.98 -3.29
N TRP B 28 1.11 20.38 -4.11
CA TRP B 28 2.23 21.07 -4.70
C TRP B 28 1.71 22.15 -5.64
N PHE B 29 0.72 21.77 -6.43
CA PHE B 29 0.08 22.66 -7.38
C PHE B 29 -0.58 23.85 -6.67
N ALA B 30 -1.19 23.57 -5.55
CA ALA B 30 -1.88 24.57 -4.77
C ALA B 30 -0.94 25.65 -4.24
N LYS B 31 0.27 25.27 -3.93
CA LYS B 31 1.25 26.22 -3.37
C LYS B 31 2.17 26.78 -4.43
N GLN B 32 2.22 26.14 -5.56
CA GLN B 32 3.04 26.60 -6.69
C GLN B 32 2.28 27.72 -7.42
N ASN B 33 1.11 28.07 -6.86
CA ASN B 33 0.20 29.10 -7.39
C ASN B 33 0.90 30.41 -7.64
N GLU B 34 1.94 30.63 -6.88
CA GLU B 34 2.72 31.82 -6.98
C GLU B 34 3.34 32.07 -8.33
N ILE B 35 3.50 33.33 -8.60
CA ILE B 35 4.04 33.79 -9.84
C ILE B 35 5.42 34.38 -9.62
N ASN B 36 5.64 34.92 -8.44
CA ASN B 36 6.93 35.55 -8.15
C ASN B 36 7.65 34.80 -7.05
N GLU B 37 6.88 34.28 -6.11
CA GLU B 37 7.44 33.65 -4.94
C GLU B 37 7.80 32.20 -5.26
N LYS B 38 8.22 31.47 -4.23
CA LYS B 38 8.58 30.07 -4.29
C LYS B 38 7.53 29.23 -5.00
N LYS B 39 7.98 28.30 -5.80
CA LYS B 39 7.10 27.44 -6.54
C LYS B 39 7.10 26.09 -5.88
N ASN A 5 -15.81 -9.89 -0.15
CA ASN A 5 -16.32 -10.71 -1.24
C ASN A 5 -15.45 -11.96 -1.31
N GLU A 6 -16.05 -13.10 -1.05
CA GLU A 6 -15.33 -14.38 -1.01
C GLU A 6 -15.21 -14.99 -2.39
N TYR A 7 -16.12 -14.61 -3.26
CA TYR A 7 -16.24 -15.21 -4.58
C TYR A 7 -15.34 -14.53 -5.60
N LYS A 8 -14.55 -13.63 -5.13
CA LYS A 8 -13.59 -12.96 -5.97
C LYS A 8 -12.24 -13.08 -5.30
N ASP A 9 -11.22 -12.83 -6.05
CA ASP A 9 -9.85 -12.99 -5.57
C ASP A 9 -9.14 -11.67 -5.71
N ASN A 10 -9.94 -10.62 -5.81
CA ASN A 10 -9.46 -9.24 -5.97
C ASN A 10 -8.94 -8.71 -4.63
N ALA A 11 -8.81 -9.61 -3.67
CA ALA A 11 -8.32 -9.32 -2.36
C ALA A 11 -6.80 -9.35 -2.37
N TYR A 12 -6.25 -9.86 -3.47
CA TYR A 12 -4.83 -10.00 -3.59
C TYR A 12 -4.31 -8.87 -4.43
N ILE A 13 -3.14 -8.39 -4.11
CA ILE A 13 -2.50 -7.34 -4.85
C ILE A 13 -1.03 -7.57 -4.93
N TYR A 14 -0.45 -6.99 -5.91
CA TYR A 14 0.94 -7.02 -6.15
C TYR A 14 1.52 -5.67 -5.85
N ILE A 15 2.48 -5.64 -4.98
CA ILE A 15 3.18 -4.44 -4.65
C ILE A 15 4.55 -4.56 -5.26
N GLY A 16 4.93 -3.60 -6.02
CA GLY A 16 6.20 -3.61 -6.66
C GLY A 16 6.98 -2.39 -6.31
N ASN A 17 8.28 -2.51 -6.46
CA ASN A 17 9.27 -1.48 -6.15
C ASN A 17 9.34 -1.26 -4.67
N LEU A 18 9.87 -2.24 -3.99
CA LEU A 18 10.02 -2.22 -2.54
C LEU A 18 11.42 -1.87 -2.13
N ASN A 19 11.52 -1.10 -1.09
CA ASN A 19 12.80 -0.77 -0.49
C ASN A 19 13.28 -1.97 0.29
N ARG A 20 14.56 -2.20 0.29
CA ARG A 20 15.18 -3.31 1.01
C ARG A 20 14.89 -3.22 2.51
N GLU A 21 14.66 -2.00 3.00
CA GLU A 21 14.45 -1.77 4.44
C GLU A 21 12.99 -1.98 4.83
N LEU A 22 12.16 -2.30 3.87
CA LEU A 22 10.76 -2.51 4.14
C LEU A 22 10.46 -3.96 4.36
N THR A 23 9.83 -4.23 5.46
CA THR A 23 9.46 -5.56 5.86
C THR A 23 7.95 -5.65 5.90
N GLU A 24 7.41 -6.83 6.14
CA GLU A 24 5.98 -7.06 6.21
C GLU A 24 5.33 -6.12 7.22
N GLY A 25 6.00 -5.91 8.35
CA GLY A 25 5.49 -5.03 9.39
C GLY A 25 5.28 -3.60 8.91
N ASP A 26 6.18 -3.12 8.06
CA ASP A 26 6.10 -1.76 7.49
C ASP A 26 4.93 -1.65 6.58
N ILE A 27 4.83 -2.62 5.68
CA ILE A 27 3.75 -2.68 4.71
C ILE A 27 2.41 -2.78 5.41
N LEU A 28 2.37 -3.58 6.46
CA LEU A 28 1.15 -3.78 7.23
C LEU A 28 0.66 -2.48 7.80
N THR A 29 1.56 -1.67 8.31
CA THR A 29 1.18 -0.39 8.89
C THR A 29 0.55 0.51 7.84
N VAL A 30 1.17 0.58 6.69
CA VAL A 30 0.69 1.41 5.61
C VAL A 30 -0.64 0.90 5.08
N PHE A 31 -0.68 -0.37 4.81
CA PHE A 31 -1.81 -1.03 4.24
C PHE A 31 -3.01 -1.07 5.18
N SER A 32 -2.73 -0.98 6.48
CA SER A 32 -3.78 -0.93 7.47
C SER A 32 -4.56 0.37 7.41
N GLU A 33 -3.98 1.41 6.81
CA GLU A 33 -4.70 2.67 6.65
C GLU A 33 -5.88 2.45 5.68
N TYR A 34 -5.71 1.52 4.77
CA TYR A 34 -6.68 1.29 3.73
C TYR A 34 -7.73 0.27 4.13
N GLY A 35 -7.39 -0.56 5.07
CA GLY A 35 -8.30 -1.56 5.53
C GLY A 35 -7.64 -2.52 6.46
N VAL A 36 -8.15 -3.71 6.51
CA VAL A 36 -7.61 -4.71 7.40
C VAL A 36 -6.82 -5.76 6.60
N PRO A 37 -5.51 -5.80 6.81
CA PRO A 37 -4.67 -6.80 6.18
C PRO A 37 -4.75 -8.13 6.95
N VAL A 38 -4.84 -9.21 6.23
CA VAL A 38 -4.92 -10.51 6.89
C VAL A 38 -3.67 -11.32 6.65
N ASP A 39 -3.01 -11.09 5.53
CA ASP A 39 -1.79 -11.81 5.22
C ASP A 39 -0.93 -10.95 4.35
N VAL A 40 0.35 -11.06 4.54
CA VAL A 40 1.31 -10.28 3.80
C VAL A 40 2.59 -11.11 3.57
N ILE A 41 3.10 -11.07 2.37
CA ILE A 41 4.33 -11.71 2.03
C ILE A 41 5.29 -10.68 1.49
N LEU A 42 6.42 -10.56 2.11
CA LEU A 42 7.44 -9.69 1.60
C LEU A 42 8.38 -10.58 0.86
N SER A 43 8.50 -10.39 -0.40
CA SER A 43 9.41 -11.17 -1.13
C SER A 43 10.82 -10.78 -0.76
N ARG A 44 11.52 -11.69 -0.18
CA ARG A 44 12.85 -11.47 0.30
C ARG A 44 13.73 -12.57 -0.21
N ASP A 45 14.83 -12.18 -0.78
CA ASP A 45 15.77 -13.08 -1.38
C ASP A 45 16.62 -13.74 -0.33
N GLU A 46 16.65 -15.04 -0.35
CA GLU A 46 17.43 -15.85 0.58
C GLU A 46 18.95 -15.58 0.49
N ASN A 47 19.41 -15.17 -0.68
CA ASN A 47 20.84 -15.03 -0.93
C ASN A 47 21.35 -13.74 -0.33
N THR A 48 20.66 -12.68 -0.64
CA THR A 48 21.05 -11.35 -0.19
C THR A 48 20.49 -11.05 1.20
N GLY A 49 19.41 -11.73 1.55
CA GLY A 49 18.76 -11.48 2.81
C GLY A 49 18.02 -10.15 2.78
N GLU A 50 17.74 -9.67 1.59
CA GLU A 50 17.10 -8.39 1.39
C GLU A 50 15.81 -8.59 0.63
N SER A 51 15.06 -7.52 0.49
CA SER A 51 13.82 -7.56 -0.26
C SER A 51 14.12 -7.79 -1.74
N GLN A 52 13.24 -8.50 -2.40
CA GLN A 52 13.36 -8.77 -3.82
C GLN A 52 12.81 -7.59 -4.61
N GLY A 53 12.31 -6.61 -3.88
CA GLY A 53 11.83 -5.42 -4.47
C GLY A 53 10.37 -5.47 -4.80
N PHE A 54 9.66 -6.43 -4.26
CA PHE A 54 8.24 -6.54 -4.47
C PHE A 54 7.64 -7.30 -3.30
N ALA A 55 6.33 -7.22 -3.13
CA ALA A 55 5.66 -7.88 -2.05
C ALA A 55 4.19 -8.13 -2.39
N TYR A 56 3.52 -8.81 -1.49
CA TYR A 56 2.12 -9.14 -1.62
C TYR A 56 1.41 -8.93 -0.28
N LEU A 57 0.17 -8.52 -0.34
CA LEU A 57 -0.66 -8.37 0.84
C LEU A 57 -2.10 -8.58 0.45
N LYS A 58 -2.86 -9.23 1.29
CA LYS A 58 -4.25 -9.45 1.02
C LYS A 58 -5.08 -8.86 2.14
N TYR A 59 -6.21 -8.34 1.78
CA TYR A 59 -7.09 -7.71 2.73
C TYR A 59 -8.26 -8.57 3.04
N GLU A 60 -8.93 -8.22 4.10
CA GLU A 60 -10.15 -8.85 4.49
C GLU A 60 -11.24 -8.48 3.48
N ASP A 61 -11.23 -7.23 3.06
CA ASP A 61 -12.24 -6.73 2.16
C ASP A 61 -11.63 -6.14 0.89
N GLN A 62 -12.28 -6.41 -0.22
CA GLN A 62 -11.85 -5.96 -1.54
C GLN A 62 -11.98 -4.46 -1.78
N ARG A 63 -12.78 -3.77 -1.00
CA ARG A 63 -12.82 -2.32 -1.10
C ARG A 63 -11.50 -1.73 -0.64
N SER A 64 -10.92 -2.38 0.32
CA SER A 64 -9.65 -2.00 0.86
C SER A 64 -8.51 -2.16 -0.16
N THR A 65 -8.57 -3.18 -1.02
CA THR A 65 -7.50 -3.40 -1.99
C THR A 65 -7.42 -2.25 -2.99
N ILE A 66 -8.59 -1.84 -3.51
CA ILE A 66 -8.68 -0.72 -4.42
C ILE A 66 -8.27 0.57 -3.74
N LEU A 67 -8.64 0.71 -2.46
CA LEU A 67 -8.24 1.87 -1.65
C LEU A 67 -6.73 1.99 -1.58
N ALA A 68 -6.09 0.87 -1.35
CA ALA A 68 -4.66 0.84 -1.23
C ALA A 68 -3.98 1.08 -2.56
N VAL A 69 -4.44 0.39 -3.59
CA VAL A 69 -3.85 0.51 -4.93
C VAL A 69 -3.91 1.96 -5.42
N ASP A 70 -5.07 2.54 -5.28
CA ASP A 70 -5.38 3.88 -5.80
C ASP A 70 -4.50 4.96 -5.17
N ASN A 71 -4.14 4.77 -3.91
CA ASN A 71 -3.31 5.76 -3.20
C ASN A 71 -1.85 5.44 -3.17
N LEU A 72 -1.53 4.18 -3.31
CA LEU A 72 -0.15 3.73 -3.14
C LEU A 72 0.55 3.62 -4.45
N ASN A 73 -0.19 3.29 -5.46
CA ASN A 73 0.40 3.14 -6.76
C ASN A 73 0.89 4.48 -7.26
N GLY A 74 2.15 4.55 -7.61
CA GLY A 74 2.75 5.77 -8.11
C GLY A 74 3.19 6.71 -6.99
N PHE A 75 2.96 6.29 -5.77
CA PHE A 75 3.32 7.10 -4.61
C PHE A 75 4.75 6.80 -4.20
N LYS A 76 5.47 7.80 -3.76
CA LYS A 76 6.85 7.63 -3.40
C LYS A 76 7.00 7.42 -1.90
N ILE A 77 7.52 6.28 -1.55
CA ILE A 77 7.87 5.96 -0.18
C ILE A 77 9.32 5.59 -0.22
N GLY A 78 10.08 5.98 0.78
CA GLY A 78 11.50 5.65 0.81
C GLY A 78 12.25 6.15 -0.42
N GLY A 79 11.77 7.25 -1.02
CA GLY A 79 12.38 7.81 -2.21
C GLY A 79 12.06 7.03 -3.49
N ARG A 80 11.24 6.00 -3.39
CA ARG A 80 10.91 5.16 -4.53
C ARG A 80 9.41 5.07 -4.73
N ALA A 81 9.00 5.02 -5.98
CA ALA A 81 7.60 5.00 -6.34
C ALA A 81 7.06 3.59 -6.35
N LEU A 82 6.09 3.36 -5.50
CA LEU A 82 5.44 2.08 -5.40
C LEU A 82 4.58 1.77 -6.58
N LYS A 83 4.50 0.51 -6.89
CA LYS A 83 3.66 0.03 -7.93
C LYS A 83 2.69 -0.95 -7.33
N ILE A 84 1.43 -0.64 -7.35
CA ILE A 84 0.45 -1.56 -6.81
C ILE A 84 -0.47 -1.94 -7.91
N ASP A 85 -0.69 -3.19 -8.07
CA ASP A 85 -1.57 -3.66 -9.11
C ASP A 85 -2.34 -4.85 -8.61
N HIS A 86 -3.53 -5.06 -9.10
CA HIS A 86 -4.32 -6.22 -8.69
C HIS A 86 -3.83 -7.45 -9.42
N THR A 87 -3.67 -8.51 -8.71
CA THR A 87 -3.16 -9.72 -9.27
C THR A 87 -3.79 -10.86 -8.49
N PHE A 88 -3.80 -12.06 -8.99
CA PHE A 88 -4.28 -13.14 -8.19
C PHE A 88 -3.08 -13.89 -7.72
N TYR A 89 -2.81 -13.79 -6.46
CA TYR A 89 -1.65 -14.39 -5.87
C TYR A 89 -2.01 -15.59 -5.03
N ARG A 90 -1.31 -16.66 -5.21
CA ARG A 90 -1.47 -17.82 -4.36
C ARG A 90 -0.12 -18.14 -3.70
N PRO A 91 -0.05 -18.08 -2.38
CA PRO A 91 1.19 -18.32 -1.61
C PRO A 91 1.73 -19.75 -1.74
N LYS A 92 3.02 -19.85 -1.86
CA LYS A 92 3.70 -21.11 -1.95
C LYS A 92 4.10 -21.55 -0.53
N ARG A 93 3.67 -22.72 -0.16
CA ARG A 93 3.95 -23.28 1.14
C ARG A 93 4.84 -24.49 0.99
N ASN B 5 -10.38 7.38 1.16
CA ASN B 5 -10.68 7.71 -0.25
C ASN B 5 -12.17 7.51 -0.57
N ARG B 6 -13.07 7.94 0.38
CA ARG B 6 -14.56 7.95 0.21
C ARG B 6 -15.17 6.60 0.43
N PHE B 7 -14.48 5.82 1.17
CA PHE B 7 -14.93 4.49 1.56
C PHE B 7 -15.14 4.47 3.07
N ALA B 8 -15.79 3.46 3.56
CA ALA B 8 -16.16 3.40 4.97
C ALA B 8 -15.46 2.28 5.69
N ILE B 9 -14.41 1.77 5.10
CA ILE B 9 -13.67 0.69 5.71
C ILE B 9 -12.79 1.22 6.81
N MET B 10 -12.93 0.64 7.97
CA MET B 10 -12.17 1.00 9.12
C MET B 10 -10.78 0.40 9.01
N PRO B 11 -9.78 1.12 9.49
CA PRO B 11 -8.38 0.71 9.40
C PRO B 11 -8.04 -0.50 10.28
N GLY B 12 -6.94 -1.16 9.95
CA GLY B 12 -6.47 -2.30 10.69
C GLY B 12 -5.68 -1.89 11.92
N SER B 13 -5.33 -2.85 12.72
CA SER B 13 -4.66 -2.64 13.99
C SER B 13 -3.17 -2.27 13.81
N ARG B 14 -2.63 -2.55 12.64
CA ARG B 14 -1.21 -2.25 12.38
C ARG B 14 -0.99 -0.81 12.04
N TRP B 15 -2.05 -0.10 11.81
CA TRP B 15 -1.97 1.29 11.45
C TRP B 15 -1.51 2.14 12.61
N ASP B 16 -0.44 2.81 12.35
CA ASP B 16 0.11 3.80 13.19
C ASP B 16 0.02 5.02 12.35
N GLY B 17 -0.14 6.16 12.96
CA GLY B 17 -0.31 7.53 12.36
C GLY B 17 0.64 7.90 11.21
N VAL B 18 0.61 7.10 10.26
CA VAL B 18 1.29 7.17 9.02
C VAL B 18 0.28 7.58 7.98
N HIS B 19 0.62 8.56 7.20
CA HIS B 19 -0.28 9.05 6.18
C HIS B 19 0.27 8.73 4.82
N ARG B 20 -0.45 7.92 4.07
CA ARG B 20 -0.03 7.60 2.73
C ARG B 20 -1.16 7.85 1.76
N SER B 21 -1.01 8.87 0.94
CA SER B 21 -2.04 9.21 -0.03
C SER B 21 -1.41 9.78 -1.30
N ASN B 22 -1.99 9.44 -2.46
CA ASN B 22 -1.50 9.93 -3.76
C ASN B 22 -1.88 11.39 -3.95
N GLY B 23 -2.91 11.81 -3.26
CA GLY B 23 -3.31 13.18 -3.29
C GLY B 23 -2.72 13.90 -2.13
N PHE B 24 -1.42 13.91 -2.09
CA PHE B 24 -0.64 14.49 -1.02
C PHE B 24 -0.63 16.02 -1.01
N GLU B 25 -0.68 16.66 -2.19
CA GLU B 25 -0.62 18.13 -2.26
C GLU B 25 -1.77 18.77 -1.50
N GLU B 26 -2.97 18.27 -1.73
CA GLU B 26 -4.18 18.77 -1.09
C GLU B 26 -4.12 18.63 0.42
N LYS B 27 -3.52 17.56 0.90
CA LYS B 27 -3.43 17.29 2.32
C LYS B 27 -2.61 18.36 3.01
N TRP B 28 -1.45 18.66 2.44
CA TRP B 28 -0.57 19.67 2.98
C TRP B 28 -1.20 21.03 2.85
N PHE B 29 -1.88 21.23 1.75
CA PHE B 29 -2.59 22.47 1.47
C PHE B 29 -3.73 22.67 2.48
N ALA B 30 -4.34 21.59 2.87
CA ALA B 30 -5.44 21.62 3.77
C ALA B 30 -5.00 22.00 5.18
N LYS B 31 -3.83 21.54 5.59
CA LYS B 31 -3.35 21.81 6.94
C LYS B 31 -2.56 23.10 7.02
N GLN B 32 -2.19 23.60 5.86
CA GLN B 32 -1.48 24.85 5.77
C GLN B 32 -2.50 26.00 5.76
N ASN B 33 -3.77 25.62 5.91
CA ASN B 33 -4.92 26.55 5.94
C ASN B 33 -4.69 27.70 6.91
N GLU B 34 -3.98 27.42 7.97
CA GLU B 34 -3.70 28.40 8.99
C GLU B 34 -2.84 29.53 8.43
N ILE B 35 -3.34 30.74 8.55
CA ILE B 35 -2.63 31.91 8.02
C ILE B 35 -1.84 32.63 9.08
N ASN B 36 -2.34 32.59 10.29
CA ASN B 36 -1.66 33.24 11.42
C ASN B 36 -0.70 32.29 12.08
N GLU B 37 -0.91 31.04 11.77
CA GLU B 37 -0.09 29.99 12.29
C GLU B 37 0.84 29.49 11.18
N LYS B 38 1.53 28.40 11.43
CA LYS B 38 2.47 27.86 10.47
C LYS B 38 1.83 27.14 9.28
N LYS B 39 2.66 26.71 8.36
CA LYS B 39 2.23 26.04 7.17
C LYS B 39 2.78 24.62 7.21
N ASN A 5 -13.94 -12.94 0.13
CA ASN A 5 -13.54 -13.40 -1.19
C ASN A 5 -13.73 -14.88 -1.31
N GLU A 6 -14.52 -15.32 -2.27
CA GLU A 6 -14.66 -16.72 -2.50
C GLU A 6 -14.12 -17.06 -3.88
N TYR A 7 -14.57 -16.32 -4.89
CA TYR A 7 -14.21 -16.59 -6.29
C TYR A 7 -13.88 -15.31 -7.07
N LYS A 8 -13.62 -14.25 -6.36
CA LYS A 8 -13.30 -12.99 -7.02
C LYS A 8 -11.81 -12.83 -7.13
N ASP A 9 -11.15 -13.19 -6.04
CA ASP A 9 -9.68 -13.15 -5.87
C ASP A 9 -9.10 -11.77 -6.01
N ASN A 10 -9.97 -10.81 -5.87
CA ASN A 10 -9.66 -9.39 -5.98
C ASN A 10 -9.27 -8.86 -4.58
N ALA A 11 -8.90 -9.80 -3.72
CA ALA A 11 -8.47 -9.50 -2.37
C ALA A 11 -6.96 -9.46 -2.34
N TYR A 12 -6.36 -9.80 -3.47
CA TYR A 12 -4.93 -9.90 -3.56
C TYR A 12 -4.40 -8.74 -4.37
N ILE A 13 -3.26 -8.26 -4.01
CA ILE A 13 -2.60 -7.22 -4.74
C ILE A 13 -1.13 -7.47 -4.83
N TYR A 14 -0.56 -6.91 -5.83
CA TYR A 14 0.83 -6.98 -6.08
C TYR A 14 1.42 -5.64 -5.75
N ILE A 15 2.37 -5.63 -4.88
CA ILE A 15 3.07 -4.43 -4.55
C ILE A 15 4.45 -4.56 -5.14
N GLY A 16 4.85 -3.59 -5.89
CA GLY A 16 6.13 -3.60 -6.51
C GLY A 16 6.86 -2.32 -6.25
N ASN A 17 8.16 -2.33 -6.49
CA ASN A 17 9.07 -1.19 -6.29
C ASN A 17 9.31 -0.95 -4.82
N LEU A 18 9.34 -2.03 -4.06
CA LEU A 18 9.64 -1.97 -2.63
C LEU A 18 11.03 -1.49 -2.39
N ASN A 19 11.19 -0.77 -1.33
CA ASN A 19 12.48 -0.30 -0.92
C ASN A 19 13.11 -1.41 -0.14
N ARG A 20 14.39 -1.62 -0.34
CA ARG A 20 15.11 -2.75 0.27
C ARG A 20 15.06 -2.76 1.80
N GLU A 21 14.69 -1.63 2.39
CA GLU A 21 14.64 -1.54 3.84
C GLU A 21 13.22 -1.65 4.37
N LEU A 22 12.26 -1.83 3.47
CA LEU A 22 10.87 -1.98 3.86
C LEU A 22 10.59 -3.40 4.31
N THR A 23 10.00 -3.50 5.47
CA THR A 23 9.69 -4.74 6.08
C THR A 23 8.18 -4.97 6.05
N GLU A 24 7.78 -6.16 6.46
CA GLU A 24 6.39 -6.55 6.54
C GLU A 24 5.59 -5.59 7.40
N GLY A 25 6.18 -5.20 8.52
CA GLY A 25 5.54 -4.28 9.45
C GLY A 25 5.28 -2.92 8.83
N ASP A 26 6.19 -2.47 7.97
CA ASP A 26 6.03 -1.19 7.31
C ASP A 26 4.84 -1.23 6.41
N ILE A 27 4.80 -2.28 5.60
CA ILE A 27 3.72 -2.50 4.68
C ILE A 27 2.39 -2.64 5.42
N LEU A 28 2.38 -3.47 6.45
CA LEU A 28 1.17 -3.76 7.20
C LEU A 28 0.59 -2.53 7.82
N THR A 29 1.43 -1.69 8.37
CA THR A 29 0.98 -0.49 9.00
C THR A 29 0.29 0.46 7.99
N VAL A 30 0.93 0.63 6.84
CA VAL A 30 0.43 1.51 5.81
C VAL A 30 -0.86 0.96 5.21
N PHE A 31 -0.83 -0.31 4.90
CA PHE A 31 -1.93 -1.00 4.31
C PHE A 31 -3.14 -1.08 5.25
N SER A 32 -2.87 -1.00 6.54
CA SER A 32 -3.93 -0.97 7.53
C SER A 32 -4.70 0.35 7.50
N GLU A 33 -4.12 1.39 6.92
CA GLU A 33 -4.81 2.66 6.80
C GLU A 33 -5.92 2.51 5.73
N TYR A 34 -5.69 1.60 4.80
CA TYR A 34 -6.60 1.36 3.70
C TYR A 34 -7.65 0.33 4.03
N GLY A 35 -7.40 -0.43 5.07
CA GLY A 35 -8.33 -1.41 5.48
C GLY A 35 -7.71 -2.41 6.38
N VAL A 36 -8.25 -3.59 6.39
CA VAL A 36 -7.78 -4.62 7.28
C VAL A 36 -6.97 -5.66 6.52
N PRO A 37 -5.64 -5.68 6.71
CA PRO A 37 -4.77 -6.67 6.12
C PRO A 37 -4.86 -7.99 6.89
N VAL A 38 -4.93 -9.08 6.20
CA VAL A 38 -5.03 -10.36 6.88
C VAL A 38 -3.80 -11.20 6.68
N ASP A 39 -3.11 -10.99 5.58
CA ASP A 39 -1.90 -11.76 5.28
C ASP A 39 -0.99 -10.93 4.43
N VAL A 40 0.29 -11.07 4.64
CA VAL A 40 1.27 -10.34 3.87
C VAL A 40 2.51 -11.20 3.67
N ILE A 41 3.01 -11.22 2.47
CA ILE A 41 4.21 -11.91 2.13
C ILE A 41 5.20 -10.93 1.58
N LEU A 42 6.33 -10.82 2.19
CA LEU A 42 7.37 -9.98 1.69
C LEU A 42 8.24 -10.85 0.87
N SER A 43 8.31 -10.60 -0.38
CA SER A 43 9.14 -11.36 -1.22
C SER A 43 10.58 -10.90 -1.00
N ARG A 44 11.39 -11.79 -0.53
CA ARG A 44 12.75 -11.49 -0.20
C ARG A 44 13.65 -12.49 -0.86
N ASP A 45 14.84 -12.09 -1.10
CA ASP A 45 15.86 -12.96 -1.60
C ASP A 45 16.56 -13.58 -0.40
N GLU A 46 16.43 -14.88 -0.24
CA GLU A 46 16.98 -15.58 0.94
C GLU A 46 18.51 -15.49 1.08
N ASN A 47 19.16 -15.11 0.02
CA ASN A 47 20.61 -15.05 0.01
C ASN A 47 21.06 -13.75 0.65
N THR A 48 20.48 -12.68 0.20
CA THR A 48 20.80 -11.37 0.69
C THR A 48 20.00 -11.03 1.95
N GLY A 49 18.88 -11.70 2.10
CA GLY A 49 18.01 -11.49 3.24
C GLY A 49 17.20 -10.23 3.09
N GLU A 50 17.28 -9.62 1.94
CA GLU A 50 16.63 -8.37 1.70
C GLU A 50 15.43 -8.55 0.83
N SER A 51 14.61 -7.53 0.84
CA SER A 51 13.42 -7.47 0.07
C SER A 51 13.77 -7.49 -1.43
N GLN A 52 12.98 -8.22 -2.20
CA GLN A 52 13.18 -8.35 -3.64
C GLN A 52 12.78 -7.12 -4.39
N GLY A 53 11.90 -6.36 -3.79
CA GLY A 53 11.38 -5.21 -4.47
C GLY A 53 9.93 -5.37 -4.78
N PHE A 54 9.34 -6.41 -4.28
CA PHE A 54 7.95 -6.64 -4.48
C PHE A 54 7.43 -7.42 -3.30
N ALA A 55 6.15 -7.32 -3.05
CA ALA A 55 5.53 -8.04 -1.97
C ALA A 55 4.05 -8.25 -2.28
N TYR A 56 3.40 -8.99 -1.41
CA TYR A 56 2.01 -9.33 -1.54
C TYR A 56 1.29 -9.07 -0.24
N LEU A 57 0.07 -8.57 -0.31
CA LEU A 57 -0.75 -8.38 0.86
C LEU A 57 -2.20 -8.56 0.44
N LYS A 58 -2.97 -9.20 1.29
CA LYS A 58 -4.36 -9.41 1.02
C LYS A 58 -5.19 -8.83 2.13
N TYR A 59 -6.31 -8.30 1.78
CA TYR A 59 -7.19 -7.70 2.73
C TYR A 59 -8.38 -8.57 2.99
N GLU A 60 -9.07 -8.26 4.06
CA GLU A 60 -10.29 -8.92 4.40
C GLU A 60 -11.42 -8.33 3.56
N ASP A 61 -11.32 -7.04 3.28
CA ASP A 61 -12.34 -6.32 2.56
C ASP A 61 -11.79 -5.92 1.19
N GLN A 62 -12.51 -6.23 0.15
CA GLN A 62 -12.07 -5.93 -1.21
C GLN A 62 -12.08 -4.44 -1.54
N ARG A 63 -12.84 -3.65 -0.79
CA ARG A 63 -12.82 -2.20 -0.96
C ARG A 63 -11.46 -1.66 -0.56
N SER A 64 -10.89 -2.28 0.40
CA SER A 64 -9.59 -1.93 0.90
C SER A 64 -8.47 -2.13 -0.16
N THR A 65 -8.56 -3.17 -0.99
CA THR A 65 -7.51 -3.44 -1.97
C THR A 65 -7.43 -2.31 -3.00
N ILE A 66 -8.59 -1.89 -3.49
CA ILE A 66 -8.69 -0.81 -4.44
C ILE A 66 -8.25 0.51 -3.80
N LEU A 67 -8.62 0.71 -2.53
CA LEU A 67 -8.20 1.89 -1.76
C LEU A 67 -6.69 1.98 -1.66
N ALA A 68 -6.08 0.86 -1.39
CA ALA A 68 -4.66 0.81 -1.25
C ALA A 68 -3.98 1.05 -2.58
N VAL A 69 -4.45 0.39 -3.62
CA VAL A 69 -3.89 0.58 -4.96
C VAL A 69 -4.00 2.07 -5.40
N ASP A 70 -5.16 2.63 -5.17
CA ASP A 70 -5.52 4.03 -5.52
C ASP A 70 -4.60 5.05 -4.86
N ASN A 71 -4.22 4.77 -3.65
CA ASN A 71 -3.40 5.72 -2.90
C ASN A 71 -1.93 5.42 -2.92
N LEU A 72 -1.60 4.17 -3.09
CA LEU A 72 -0.21 3.74 -2.97
C LEU A 72 0.47 3.68 -4.29
N ASN A 73 -0.27 3.39 -5.33
CA ASN A 73 0.32 3.30 -6.63
C ASN A 73 0.80 4.69 -7.05
N GLY A 74 2.07 4.79 -7.37
CA GLY A 74 2.67 6.05 -7.73
C GLY A 74 3.21 6.81 -6.51
N PHE A 75 2.84 6.37 -5.32
CA PHE A 75 3.22 7.06 -4.09
C PHE A 75 4.66 6.70 -3.72
N LYS A 76 5.42 7.68 -3.28
CA LYS A 76 6.81 7.46 -2.97
C LYS A 76 7.03 7.19 -1.51
N ILE A 77 7.62 6.06 -1.23
CA ILE A 77 8.03 5.69 0.10
C ILE A 77 9.49 5.30 -0.02
N GLY A 78 10.30 5.63 0.97
CA GLY A 78 11.72 5.33 0.92
C GLY A 78 12.43 6.06 -0.20
N GLY A 79 11.78 7.06 -0.76
CA GLY A 79 12.33 7.81 -1.84
C GLY A 79 11.97 7.23 -3.20
N ARG A 80 11.24 6.11 -3.22
CA ARG A 80 10.89 5.47 -4.49
C ARG A 80 9.39 5.29 -4.64
N ALA A 81 8.94 5.29 -5.87
CA ALA A 81 7.52 5.23 -6.17
C ALA A 81 7.00 3.81 -6.22
N LEU A 82 6.11 3.50 -5.32
CA LEU A 82 5.46 2.21 -5.23
C LEU A 82 4.59 1.92 -6.42
N LYS A 83 4.50 0.67 -6.75
CA LYS A 83 3.65 0.21 -7.80
C LYS A 83 2.69 -0.80 -7.23
N ILE A 84 1.43 -0.52 -7.28
CA ILE A 84 0.46 -1.46 -6.78
C ILE A 84 -0.40 -1.87 -7.94
N ASP A 85 -0.64 -3.13 -8.05
CA ASP A 85 -1.41 -3.65 -9.14
C ASP A 85 -2.24 -4.80 -8.63
N HIS A 86 -3.38 -5.01 -9.21
CA HIS A 86 -4.24 -6.12 -8.81
C HIS A 86 -3.75 -7.39 -9.48
N THR A 87 -3.60 -8.43 -8.71
CA THR A 87 -3.10 -9.67 -9.20
C THR A 87 -3.81 -10.77 -8.44
N PHE A 88 -3.73 -11.99 -8.91
CA PHE A 88 -4.30 -13.06 -8.13
C PHE A 88 -3.13 -13.88 -7.62
N TYR A 89 -2.89 -13.80 -6.33
CA TYR A 89 -1.77 -14.50 -5.74
C TYR A 89 -2.22 -15.68 -4.89
N ARG A 90 -1.56 -16.80 -5.05
CA ARG A 90 -1.79 -17.94 -4.20
C ARG A 90 -0.49 -18.31 -3.51
N PRO A 91 -0.42 -18.17 -2.17
CA PRO A 91 0.79 -18.44 -1.41
C PRO A 91 1.03 -19.92 -1.09
N LYS A 92 2.29 -20.22 -0.93
CA LYS A 92 2.74 -21.50 -0.47
C LYS A 92 3.52 -21.21 0.79
N ARG A 93 3.30 -21.96 1.83
CA ARG A 93 4.00 -21.74 3.08
C ARG A 93 5.19 -22.68 3.14
N ASN B 5 -10.29 6.50 -3.08
CA ASN B 5 -10.98 7.79 -2.95
C ASN B 5 -12.39 7.59 -2.37
N ARG B 6 -12.67 8.27 -1.25
CA ARG B 6 -14.00 8.34 -0.58
C ARG B 6 -14.69 6.99 -0.24
N PHE B 7 -13.97 6.13 0.38
CA PHE B 7 -14.50 4.88 0.88
C PHE B 7 -14.67 4.96 2.40
N ALA B 8 -15.39 4.02 2.97
CA ALA B 8 -15.60 4.01 4.39
C ALA B 8 -15.27 2.65 4.98
N ILE B 9 -14.00 2.42 5.21
CA ILE B 9 -13.54 1.18 5.80
C ILE B 9 -12.69 1.50 7.02
N MET B 10 -13.00 0.87 8.14
CA MET B 10 -12.25 1.06 9.35
C MET B 10 -10.88 0.42 9.21
N PRO B 11 -9.83 1.10 9.68
CA PRO B 11 -8.44 0.65 9.54
C PRO B 11 -8.15 -0.65 10.31
N GLY B 12 -7.12 -1.33 9.86
CA GLY B 12 -6.69 -2.55 10.48
C GLY B 12 -5.97 -2.29 11.78
N SER B 13 -5.75 -3.32 12.53
CA SER B 13 -5.15 -3.22 13.85
C SER B 13 -3.66 -2.94 13.77
N ARG B 14 -3.06 -3.18 12.60
CA ARG B 14 -1.61 -3.00 12.42
C ARG B 14 -1.27 -1.52 12.24
N TRP B 15 -2.30 -0.71 12.06
CA TRP B 15 -2.16 0.70 11.84
C TRP B 15 -1.71 1.41 13.08
N ASP B 16 -0.71 2.18 12.87
CA ASP B 16 -0.17 3.10 13.79
C ASP B 16 -0.24 4.36 13.03
N GLY B 17 -0.61 5.45 13.70
CA GLY B 17 -0.81 6.85 13.17
C GLY B 17 0.12 7.34 12.07
N VAL B 18 0.12 6.62 11.05
CA VAL B 18 0.82 6.83 9.84
C VAL B 18 -0.21 7.12 8.77
N HIS B 19 -0.12 8.26 8.16
CA HIS B 19 -1.09 8.64 7.15
C HIS B 19 -0.44 8.56 5.78
N ARG B 20 -0.95 7.70 4.95
CA ARG B 20 -0.46 7.56 3.60
C ARG B 20 -1.62 7.67 2.65
N SER B 21 -1.57 8.62 1.80
CA SER B 21 -2.59 8.84 0.81
C SER B 21 -1.92 9.38 -0.43
N ASN B 22 -2.51 9.17 -1.62
CA ASN B 22 -1.89 9.63 -2.88
C ASN B 22 -1.74 11.14 -2.93
N GLY B 23 -0.63 11.56 -2.42
CA GLY B 23 -0.28 12.93 -2.39
C GLY B 23 1.11 13.12 -2.85
N PHE B 24 1.52 12.37 -3.82
CA PHE B 24 2.84 12.53 -4.39
C PHE B 24 2.88 13.75 -5.32
N GLU B 25 1.79 13.96 -6.03
CA GLU B 25 1.66 15.03 -6.99
C GLU B 25 1.65 16.41 -6.30
N GLU B 26 0.98 16.49 -5.14
CA GLU B 26 0.89 17.72 -4.35
C GLU B 26 2.27 18.23 -3.96
N LYS B 27 3.18 17.30 -3.71
CA LYS B 27 4.52 17.61 -3.27
C LYS B 27 5.24 18.40 -4.34
N TRP B 28 5.12 17.94 -5.57
CA TRP B 28 5.74 18.60 -6.71
C TRP B 28 5.14 19.98 -6.89
N PHE B 29 3.84 20.05 -6.72
CA PHE B 29 3.08 21.27 -6.82
C PHE B 29 3.44 22.26 -5.70
N ALA B 30 3.81 21.72 -4.57
CA ALA B 30 4.20 22.53 -3.46
C ALA B 30 5.63 23.06 -3.63
N LYS B 31 6.53 22.22 -4.16
CA LYS B 31 7.95 22.58 -4.30
C LYS B 31 8.20 23.38 -5.57
N GLN B 32 7.21 23.38 -6.44
CA GLN B 32 7.31 24.10 -7.71
C GLN B 32 7.17 25.60 -7.48
N ASN B 33 7.06 25.98 -6.22
CA ASN B 33 7.03 27.38 -5.83
C ASN B 33 8.34 28.03 -6.24
N GLU B 34 9.38 27.23 -6.23
CA GLU B 34 10.68 27.66 -6.59
C GLU B 34 10.95 27.43 -8.05
N ILE B 35 11.89 28.17 -8.55
CA ILE B 35 12.26 28.14 -9.93
C ILE B 35 13.59 27.44 -10.12
N ASN B 36 14.44 27.52 -9.10
CA ASN B 36 15.79 26.98 -9.22
C ASN B 36 16.02 25.89 -8.17
N GLU B 37 15.40 26.05 -7.03
CA GLU B 37 15.68 25.23 -5.90
C GLU B 37 15.04 23.84 -6.00
N LYS B 38 15.67 22.91 -5.31
CA LYS B 38 15.34 21.50 -5.31
C LYS B 38 13.93 21.17 -4.82
N LYS B 39 13.74 21.26 -3.54
CA LYS B 39 12.47 20.89 -2.95
C LYS B 39 12.23 21.73 -1.71
N ASN A 5 -14.48 -15.33 6.67
CA ASN A 5 -14.28 -14.65 5.38
C ASN A 5 -13.02 -15.17 4.72
N GLU A 6 -13.19 -16.23 3.96
CA GLU A 6 -12.14 -16.89 3.29
C GLU A 6 -12.58 -17.47 1.95
N TYR A 7 -13.72 -17.01 1.46
CA TYR A 7 -14.27 -17.54 0.22
C TYR A 7 -14.26 -16.52 -0.90
N LYS A 8 -13.67 -15.38 -0.64
CA LYS A 8 -13.59 -14.35 -1.63
C LYS A 8 -12.26 -14.44 -2.34
N ASP A 9 -11.21 -14.10 -1.61
CA ASP A 9 -9.82 -14.15 -2.04
C ASP A 9 -9.51 -13.37 -3.31
N ASN A 10 -10.36 -12.42 -3.62
CA ASN A 10 -10.10 -11.48 -4.71
C ASN A 10 -9.36 -10.28 -4.13
N ALA A 11 -8.89 -10.46 -2.92
CA ALA A 11 -8.28 -9.41 -2.13
C ALA A 11 -6.78 -9.38 -2.31
N TYR A 12 -6.30 -9.91 -3.41
CA TYR A 12 -4.88 -9.98 -3.64
C TYR A 12 -4.40 -8.79 -4.44
N ILE A 13 -3.20 -8.34 -4.15
CA ILE A 13 -2.56 -7.26 -4.86
C ILE A 13 -1.07 -7.51 -4.99
N TYR A 14 -0.47 -6.82 -5.90
CA TYR A 14 0.92 -6.86 -6.15
C TYR A 14 1.52 -5.53 -5.81
N ILE A 15 2.48 -5.54 -4.96
CA ILE A 15 3.19 -4.35 -4.63
C ILE A 15 4.57 -4.49 -5.24
N GLY A 16 4.99 -3.54 -5.98
CA GLY A 16 6.25 -3.56 -6.63
C GLY A 16 7.03 -2.31 -6.33
N ASN A 17 8.33 -2.35 -6.60
CA ASN A 17 9.26 -1.24 -6.33
C ASN A 17 9.49 -1.07 -4.86
N LEU A 18 9.54 -2.18 -4.16
CA LEU A 18 9.83 -2.18 -2.74
C LEU A 18 11.26 -1.81 -2.48
N ASN A 19 11.48 -1.28 -1.32
CA ASN A 19 12.79 -0.93 -0.87
C ASN A 19 13.31 -2.13 -0.12
N ARG A 20 14.60 -2.28 -0.09
CA ARG A 20 15.24 -3.39 0.58
C ARG A 20 15.04 -3.28 2.09
N GLU A 21 14.80 -2.06 2.56
CA GLU A 21 14.63 -1.80 3.99
C GLU A 21 13.16 -1.93 4.40
N LEU A 22 12.28 -2.00 3.43
CA LEU A 22 10.87 -2.07 3.73
C LEU A 22 10.49 -3.45 4.17
N THR A 23 9.98 -3.52 5.35
CA THR A 23 9.61 -4.74 5.97
C THR A 23 8.11 -4.92 5.89
N GLU A 24 7.65 -6.08 6.31
CA GLU A 24 6.23 -6.38 6.33
C GLU A 24 5.58 -5.44 7.31
N GLY A 25 6.30 -5.12 8.37
CA GLY A 25 5.82 -4.20 9.37
C GLY A 25 5.50 -2.85 8.78
N ASP A 26 6.34 -2.40 7.85
CA ASP A 26 6.12 -1.12 7.18
C ASP A 26 4.90 -1.22 6.31
N ILE A 27 4.87 -2.27 5.50
CA ILE A 27 3.78 -2.49 4.57
C ILE A 27 2.45 -2.62 5.31
N LEU A 28 2.44 -3.42 6.34
CA LEU A 28 1.23 -3.71 7.11
C LEU A 28 0.67 -2.46 7.70
N THR A 29 1.52 -1.67 8.28
CA THR A 29 1.11 -0.46 8.91
C THR A 29 0.49 0.53 7.91
N VAL A 30 1.15 0.69 6.78
CA VAL A 30 0.70 1.59 5.75
C VAL A 30 -0.60 1.10 5.11
N PHE A 31 -0.62 -0.17 4.76
CA PHE A 31 -1.74 -0.81 4.13
C PHE A 31 -2.96 -0.84 5.05
N SER A 32 -2.71 -0.80 6.34
CA SER A 32 -3.77 -0.76 7.31
C SER A 32 -4.56 0.56 7.28
N GLU A 33 -3.99 1.63 6.70
CA GLU A 33 -4.78 2.86 6.54
C GLU A 33 -5.94 2.62 5.56
N TYR A 34 -5.70 1.75 4.60
CA TYR A 34 -6.63 1.52 3.53
C TYR A 34 -7.65 0.43 3.88
N GLY A 35 -7.28 -0.41 4.81
CA GLY A 35 -8.17 -1.44 5.25
C GLY A 35 -7.52 -2.37 6.20
N VAL A 36 -8.10 -3.53 6.39
CA VAL A 36 -7.57 -4.50 7.31
C VAL A 36 -6.79 -5.58 6.56
N PRO A 37 -5.47 -5.61 6.71
CA PRO A 37 -4.63 -6.63 6.10
C PRO A 37 -4.68 -7.92 6.90
N VAL A 38 -4.78 -9.04 6.21
CA VAL A 38 -4.86 -10.32 6.91
C VAL A 38 -3.61 -11.15 6.69
N ASP A 39 -2.96 -10.96 5.56
CA ASP A 39 -1.76 -11.73 5.26
C ASP A 39 -0.86 -10.93 4.36
N VAL A 40 0.43 -11.02 4.58
CA VAL A 40 1.39 -10.29 3.80
C VAL A 40 2.65 -11.17 3.57
N ILE A 41 3.11 -11.22 2.35
CA ILE A 41 4.30 -11.96 2.00
C ILE A 41 5.32 -11.03 1.41
N LEU A 42 6.44 -10.94 2.06
CA LEU A 42 7.51 -10.12 1.60
C LEU A 42 8.46 -11.04 0.87
N SER A 43 8.64 -10.82 -0.39
CA SER A 43 9.55 -11.60 -1.16
C SER A 43 10.95 -11.13 -0.87
N ARG A 44 11.77 -12.02 -0.38
CA ARG A 44 13.11 -11.70 0.04
C ARG A 44 14.11 -12.69 -0.52
N ASP A 45 15.22 -12.16 -0.98
CA ASP A 45 16.31 -12.94 -1.54
C ASP A 45 17.00 -13.73 -0.46
N GLU A 46 17.14 -15.00 -0.71
CA GLU A 46 17.77 -15.93 0.23
C GLU A 46 19.22 -15.58 0.53
N ASN A 47 19.89 -14.96 -0.43
CA ASN A 47 21.31 -14.70 -0.32
C ASN A 47 21.60 -13.47 0.51
N THR A 48 20.93 -12.40 0.19
CA THR A 48 21.13 -11.13 0.84
C THR A 48 20.25 -10.97 2.06
N GLY A 49 19.16 -11.69 2.07
CA GLY A 49 18.19 -11.58 3.13
C GLY A 49 17.27 -10.38 2.94
N GLU A 50 17.52 -9.63 1.89
CA GLU A 50 16.81 -8.39 1.63
C GLU A 50 15.59 -8.63 0.78
N SER A 51 14.77 -7.63 0.69
CA SER A 51 13.56 -7.68 -0.09
C SER A 51 13.90 -7.75 -1.59
N GLN A 52 13.09 -8.46 -2.35
CA GLN A 52 13.31 -8.64 -3.79
C GLN A 52 12.70 -7.52 -4.62
N GLY A 53 12.19 -6.52 -3.93
CA GLY A 53 11.62 -5.37 -4.60
C GLY A 53 10.14 -5.50 -4.86
N PHE A 54 9.51 -6.52 -4.31
CA PHE A 54 8.09 -6.69 -4.48
C PHE A 54 7.54 -7.45 -3.31
N ALA A 55 6.26 -7.30 -3.07
CA ALA A 55 5.60 -7.98 -1.99
C ALA A 55 4.12 -8.20 -2.31
N TYR A 56 3.47 -8.94 -1.46
CA TYR A 56 2.06 -9.28 -1.59
C TYR A 56 1.36 -9.04 -0.27
N LEU A 57 0.13 -8.57 -0.34
CA LEU A 57 -0.69 -8.35 0.83
C LEU A 57 -2.14 -8.55 0.45
N LYS A 58 -2.90 -9.17 1.33
CA LYS A 58 -4.31 -9.38 1.08
C LYS A 58 -5.11 -8.77 2.22
N TYR A 59 -6.24 -8.25 1.89
CA TYR A 59 -7.11 -7.61 2.84
C TYR A 59 -8.30 -8.47 3.15
N GLU A 60 -8.98 -8.13 4.20
CA GLU A 60 -10.21 -8.80 4.58
C GLU A 60 -11.34 -8.38 3.61
N ASP A 61 -11.22 -7.18 3.04
CA ASP A 61 -12.25 -6.67 2.12
C ASP A 61 -11.60 -6.14 0.83
N GLN A 62 -12.25 -6.39 -0.29
CA GLN A 62 -11.79 -5.97 -1.63
C GLN A 62 -11.86 -4.45 -1.85
N ARG A 63 -12.67 -3.77 -1.08
CA ARG A 63 -12.76 -2.32 -1.15
C ARG A 63 -11.45 -1.69 -0.71
N SER A 64 -10.85 -2.34 0.22
CA SER A 64 -9.58 -1.95 0.75
C SER A 64 -8.46 -2.06 -0.30
N THR A 65 -8.50 -3.09 -1.17
CA THR A 65 -7.43 -3.28 -2.14
C THR A 65 -7.39 -2.12 -3.14
N ILE A 66 -8.56 -1.74 -3.64
CA ILE A 66 -8.68 -0.61 -4.55
C ILE A 66 -8.26 0.69 -3.88
N LEU A 67 -8.63 0.83 -2.60
CA LEU A 67 -8.22 1.99 -1.80
C LEU A 67 -6.72 2.08 -1.68
N ALA A 68 -6.08 0.95 -1.44
CA ALA A 68 -4.65 0.92 -1.30
C ALA A 68 -3.95 1.12 -2.61
N VAL A 69 -4.39 0.42 -3.65
CA VAL A 69 -3.77 0.50 -4.97
C VAL A 69 -3.73 1.93 -5.50
N ASP A 70 -4.84 2.60 -5.44
CA ASP A 70 -4.99 3.93 -6.03
C ASP A 70 -4.07 4.95 -5.41
N ASN A 71 -3.99 4.93 -4.12
CA ASN A 71 -3.30 5.97 -3.37
C ASN A 71 -1.84 5.61 -3.09
N LEU A 72 -1.52 4.35 -3.17
CA LEU A 72 -0.15 3.90 -2.94
C LEU A 72 0.62 3.84 -4.22
N ASN A 73 -0.08 3.60 -5.30
CA ASN A 73 0.57 3.57 -6.58
C ASN A 73 1.12 4.94 -6.89
N GLY A 74 2.39 5.00 -7.17
CA GLY A 74 3.04 6.24 -7.47
C GLY A 74 3.55 6.94 -6.22
N PHE A 75 3.32 6.35 -5.05
CA PHE A 75 3.74 6.95 -3.80
C PHE A 75 5.23 6.67 -3.62
N LYS A 76 5.98 7.68 -3.33
CA LYS A 76 7.40 7.51 -3.12
C LYS A 76 7.69 7.20 -1.67
N ILE A 77 8.19 6.03 -1.40
CA ILE A 77 8.63 5.65 -0.07
C ILE A 77 10.08 5.27 -0.22
N GLY A 78 10.90 5.63 0.76
CA GLY A 78 12.33 5.31 0.72
C GLY A 78 13.02 5.86 -0.52
N GLY A 79 12.45 6.87 -1.13
CA GLY A 79 13.03 7.46 -2.30
C GLY A 79 12.65 6.75 -3.59
N ARG A 80 11.73 5.80 -3.53
CA ARG A 80 11.31 5.07 -4.71
C ARG A 80 9.79 5.01 -4.80
N ALA A 81 9.26 5.16 -5.98
CA ALA A 81 7.83 5.17 -6.21
C ALA A 81 7.27 3.77 -6.27
N LEU A 82 6.35 3.48 -5.37
CA LEU A 82 5.67 2.20 -5.28
C LEU A 82 4.78 1.94 -6.46
N LYS A 83 4.69 0.71 -6.83
CA LYS A 83 3.80 0.30 -7.87
C LYS A 83 2.84 -0.71 -7.30
N ILE A 84 1.58 -0.40 -7.34
CA ILE A 84 0.60 -1.33 -6.85
C ILE A 84 -0.24 -1.73 -8.03
N ASP A 85 -0.55 -2.98 -8.11
CA ASP A 85 -1.38 -3.50 -9.18
C ASP A 85 -2.24 -4.61 -8.63
N HIS A 86 -3.40 -4.81 -9.19
CA HIS A 86 -4.25 -5.92 -8.75
C HIS A 86 -3.81 -7.16 -9.46
N THR A 87 -3.62 -8.20 -8.74
CA THR A 87 -3.13 -9.43 -9.29
C THR A 87 -3.74 -10.56 -8.47
N PHE A 88 -3.72 -11.77 -8.95
CA PHE A 88 -4.13 -12.86 -8.14
C PHE A 88 -2.89 -13.66 -7.81
N TYR A 89 -2.52 -13.63 -6.58
CA TYR A 89 -1.29 -14.22 -6.13
C TYR A 89 -1.57 -15.51 -5.40
N ARG A 90 -0.77 -16.52 -5.65
CA ARG A 90 -0.93 -17.76 -4.93
C ARG A 90 0.28 -17.96 -4.03
N PRO A 91 0.08 -17.92 -2.71
CA PRO A 91 1.16 -18.09 -1.73
C PRO A 91 1.70 -19.51 -1.63
N LYS A 92 2.96 -19.60 -1.36
CA LYS A 92 3.63 -20.85 -1.13
C LYS A 92 4.00 -20.93 0.33
N ARG A 93 3.51 -21.93 0.99
CA ARG A 93 3.75 -22.13 2.38
C ARG A 93 4.72 -23.26 2.53
N ASN B 5 -11.40 6.45 -1.95
CA ASN B 5 -12.16 7.68 -1.90
C ASN B 5 -13.60 7.36 -1.75
N ARG B 6 -14.25 7.98 -0.76
CA ARG B 6 -15.70 7.82 -0.39
C ARG B 6 -16.07 6.41 0.12
N PHE B 7 -15.08 5.66 0.49
CA PHE B 7 -15.30 4.35 1.10
C PHE B 7 -15.25 4.51 2.59
N ALA B 8 -15.71 3.53 3.28
CA ALA B 8 -15.71 3.56 4.71
C ALA B 8 -15.32 2.21 5.23
N ILE B 9 -14.04 1.97 5.25
CA ILE B 9 -13.50 0.75 5.78
C ILE B 9 -12.64 1.10 6.98
N MET B 10 -12.80 0.33 8.02
CA MET B 10 -12.06 0.54 9.25
C MET B 10 -10.59 0.23 9.02
N PRO B 11 -9.70 1.06 9.54
CA PRO B 11 -8.26 0.84 9.41
C PRO B 11 -7.82 -0.40 10.20
N GLY B 12 -6.83 -1.08 9.67
CA GLY B 12 -6.31 -2.26 10.31
C GLY B 12 -5.64 -1.96 11.62
N SER B 13 -5.48 -2.96 12.42
CA SER B 13 -4.91 -2.84 13.75
C SER B 13 -3.39 -2.64 13.69
N ARG B 14 -2.82 -2.88 12.53
CA ARG B 14 -1.38 -2.71 12.31
C ARG B 14 -1.05 -1.21 12.12
N TRP B 15 -2.08 -0.42 11.89
CA TRP B 15 -1.94 1.00 11.60
C TRP B 15 -1.55 1.80 12.84
N ASP B 16 -0.44 2.51 12.77
CA ASP B 16 0.01 3.36 13.87
C ASP B 16 0.26 4.76 13.39
N GLY B 17 -0.64 5.69 13.73
CA GLY B 17 -0.50 7.14 13.40
C GLY B 17 0.15 7.47 12.04
N VAL B 18 -0.17 6.70 11.03
CA VAL B 18 0.46 6.85 9.73
C VAL B 18 -0.49 7.50 8.74
N HIS B 19 -0.07 8.54 8.11
CA HIS B 19 -0.86 9.10 7.05
C HIS B 19 -0.10 8.90 5.75
N ARG B 20 -0.64 8.12 4.85
CA ARG B 20 0.02 7.91 3.57
C ARG B 20 -0.92 8.20 2.44
N SER B 21 -0.66 9.26 1.74
CA SER B 21 -1.44 9.63 0.59
C SER B 21 -0.59 10.28 -0.48
N ASN B 22 -0.50 9.61 -1.62
CA ASN B 22 0.19 10.15 -2.78
C ASN B 22 -0.75 11.10 -3.46
N GLY B 23 -2.01 10.73 -3.40
CA GLY B 23 -3.04 11.53 -3.91
C GLY B 23 -3.67 12.29 -2.78
N PHE B 24 -2.89 13.14 -2.18
CA PHE B 24 -3.34 13.95 -1.07
C PHE B 24 -4.20 15.12 -1.53
N GLU B 25 -3.86 15.66 -2.68
CA GLU B 25 -4.53 16.83 -3.23
C GLU B 25 -5.98 16.50 -3.63
N GLU B 26 -6.17 15.34 -4.25
CA GLU B 26 -7.49 14.89 -4.70
C GLU B 26 -8.47 14.81 -3.54
N LYS B 27 -7.96 14.46 -2.39
CA LYS B 27 -8.75 14.30 -1.19
C LYS B 27 -9.39 15.63 -0.83
N TRP B 28 -8.58 16.68 -0.88
CA TRP B 28 -9.05 18.02 -0.59
C TRP B 28 -9.96 18.48 -1.70
N PHE B 29 -9.61 18.13 -2.91
CA PHE B 29 -10.37 18.47 -4.08
C PHE B 29 -11.77 17.86 -4.03
N ALA B 30 -11.86 16.72 -3.44
CA ALA B 30 -13.10 16.01 -3.31
C ALA B 30 -13.98 16.62 -2.22
N LYS B 31 -13.37 17.18 -1.19
CA LYS B 31 -14.13 17.71 -0.07
C LYS B 31 -14.36 19.20 -0.18
N GLN B 32 -13.64 19.84 -1.09
CA GLN B 32 -13.67 21.31 -1.27
C GLN B 32 -15.00 21.79 -1.86
N ASN B 33 -15.90 20.85 -2.06
CA ASN B 33 -17.25 21.13 -2.55
C ASN B 33 -18.02 21.96 -1.55
N GLU B 34 -17.68 21.79 -0.30
CA GLU B 34 -18.31 22.50 0.78
C GLU B 34 -17.83 23.93 0.84
N ILE B 35 -18.71 24.79 0.47
CA ILE B 35 -18.44 26.21 0.46
C ILE B 35 -19.21 26.91 1.54
N ASN B 36 -20.39 26.44 1.81
CA ASN B 36 -21.20 27.04 2.85
C ASN B 36 -21.12 26.19 4.09
N GLU B 37 -20.85 24.93 3.88
CA GLU B 37 -20.81 23.99 4.94
C GLU B 37 -19.44 24.03 5.58
N LYS B 38 -19.38 23.65 6.83
CA LYS B 38 -18.18 23.74 7.62
C LYS B 38 -17.04 22.86 7.10
N LYS B 39 -15.99 23.53 6.69
CA LYS B 39 -14.82 22.90 6.18
C LYS B 39 -13.83 22.75 7.32
N ASN A 5 -14.74 -9.63 1.34
CA ASN A 5 -15.78 -10.64 1.08
C ASN A 5 -15.15 -11.98 0.90
N GLU A 6 -15.63 -12.97 1.64
CA GLU A 6 -15.06 -14.32 1.59
C GLU A 6 -15.50 -15.05 0.33
N TYR A 7 -16.44 -14.47 -0.34
CA TYR A 7 -16.96 -15.02 -1.58
C TYR A 7 -16.20 -14.48 -2.78
N LYS A 8 -15.14 -13.78 -2.48
CA LYS A 8 -14.22 -13.28 -3.44
C LYS A 8 -12.83 -13.70 -3.03
N ASP A 9 -11.99 -13.85 -3.97
CA ASP A 9 -10.59 -14.15 -3.70
C ASP A 9 -9.77 -13.07 -4.38
N ASN A 10 -10.46 -12.00 -4.65
CA ASN A 10 -9.95 -10.81 -5.32
C ASN A 10 -9.27 -9.89 -4.30
N ALA A 11 -8.86 -10.46 -3.19
CA ALA A 11 -8.31 -9.70 -2.09
C ALA A 11 -6.80 -9.58 -2.19
N TYR A 12 -6.26 -10.09 -3.26
CA TYR A 12 -4.83 -10.12 -3.43
C TYR A 12 -4.37 -8.93 -4.26
N ILE A 13 -3.22 -8.41 -3.96
CA ILE A 13 -2.60 -7.35 -4.73
C ILE A 13 -1.13 -7.58 -4.85
N TYR A 14 -0.55 -6.93 -5.83
CA TYR A 14 0.84 -7.00 -6.07
C TYR A 14 1.45 -5.66 -5.74
N ILE A 15 2.43 -5.68 -4.91
CA ILE A 15 3.14 -4.48 -4.57
C ILE A 15 4.53 -4.60 -5.18
N GLY A 16 4.94 -3.61 -5.89
CA GLY A 16 6.22 -3.59 -6.50
C GLY A 16 6.93 -2.30 -6.18
N ASN A 17 8.23 -2.27 -6.44
CA ASN A 17 9.11 -1.11 -6.19
C ASN A 17 9.34 -0.92 -4.69
N LEU A 18 9.45 -2.02 -3.97
CA LEU A 18 9.73 -1.99 -2.54
C LEU A 18 11.13 -1.52 -2.24
N ASN A 19 11.30 -0.97 -1.08
CA ASN A 19 12.59 -0.53 -0.60
C ASN A 19 13.21 -1.69 0.14
N ARG A 20 14.52 -1.77 0.14
CA ARG A 20 15.26 -2.82 0.82
C ARG A 20 15.02 -2.78 2.34
N GLU A 21 14.60 -1.62 2.83
CA GLU A 21 14.39 -1.43 4.26
C GLU A 21 12.91 -1.67 4.64
N LEU A 22 12.08 -1.97 3.66
CA LEU A 22 10.68 -2.20 3.94
C LEU A 22 10.43 -3.65 4.24
N THR A 23 9.84 -3.87 5.38
CA THR A 23 9.54 -5.18 5.84
C THR A 23 8.04 -5.42 5.78
N GLU A 24 7.64 -6.64 6.09
CA GLU A 24 6.23 -7.05 6.14
C GLU A 24 5.46 -6.14 7.09
N GLY A 25 6.08 -5.82 8.21
CA GLY A 25 5.47 -4.98 9.22
C GLY A 25 5.20 -3.58 8.74
N ASP A 26 6.13 -3.03 7.95
CA ASP A 26 5.99 -1.66 7.44
C ASP A 26 4.82 -1.62 6.49
N ILE A 27 4.79 -2.61 5.60
CA ILE A 27 3.72 -2.74 4.63
C ILE A 27 2.38 -2.87 5.32
N LEU A 28 2.32 -3.70 6.35
CA LEU A 28 1.08 -3.92 7.08
C LEU A 28 0.57 -2.63 7.68
N THR A 29 1.42 -1.86 8.29
CA THR A 29 1.02 -0.61 8.89
C THR A 29 0.45 0.38 7.85
N VAL A 30 1.13 0.51 6.73
CA VAL A 30 0.72 1.42 5.68
C VAL A 30 -0.62 0.97 5.06
N PHE A 31 -0.69 -0.30 4.74
CA PHE A 31 -1.84 -0.92 4.15
C PHE A 31 -3.03 -0.94 5.10
N SER A 32 -2.74 -0.87 6.38
CA SER A 32 -3.77 -0.81 7.39
C SER A 32 -4.54 0.51 7.37
N GLU A 33 -3.98 1.55 6.79
CA GLU A 33 -4.74 2.79 6.73
C GLU A 33 -5.82 2.66 5.63
N TYR A 34 -5.55 1.79 4.67
CA TYR A 34 -6.42 1.61 3.53
C TYR A 34 -7.49 0.55 3.81
N GLY A 35 -7.21 -0.30 4.75
CA GLY A 35 -8.17 -1.29 5.12
C GLY A 35 -7.62 -2.23 6.14
N VAL A 36 -8.17 -3.40 6.21
CA VAL A 36 -7.74 -4.39 7.17
C VAL A 36 -6.95 -5.50 6.46
N PRO A 37 -5.62 -5.48 6.57
CA PRO A 37 -4.77 -6.50 6.00
C PRO A 37 -4.79 -7.76 6.88
N VAL A 38 -4.89 -8.91 6.26
CA VAL A 38 -4.96 -10.14 7.02
C VAL A 38 -3.74 -11.02 6.81
N ASP A 39 -3.00 -10.78 5.74
CA ASP A 39 -1.81 -11.60 5.45
C ASP A 39 -0.90 -10.83 4.50
N VAL A 40 0.40 -10.91 4.73
CA VAL A 40 1.37 -10.22 3.89
C VAL A 40 2.60 -11.11 3.68
N ILE A 41 3.10 -11.15 2.45
CA ILE A 41 4.32 -11.85 2.10
C ILE A 41 5.32 -10.87 1.51
N LEU A 42 6.49 -10.81 2.07
CA LEU A 42 7.52 -10.00 1.53
C LEU A 42 8.43 -10.92 0.76
N SER A 43 8.59 -10.67 -0.50
CA SER A 43 9.50 -11.44 -1.26
C SER A 43 10.88 -10.89 -0.98
N ARG A 44 11.73 -11.71 -0.42
CA ARG A 44 13.01 -11.27 0.03
C ARG A 44 14.11 -11.98 -0.72
N ASP A 45 15.08 -11.22 -1.18
CA ASP A 45 16.24 -11.75 -1.87
C ASP A 45 17.06 -12.60 -0.97
N GLU A 46 17.26 -13.83 -1.37
CA GLU A 46 18.01 -14.82 -0.61
C GLU A 46 19.47 -14.40 -0.39
N ASN A 47 20.00 -13.56 -1.27
CA ASN A 47 21.41 -13.18 -1.18
C ASN A 47 21.62 -12.09 -0.17
N THR A 48 20.84 -11.05 -0.27
CA THR A 48 20.98 -9.92 0.60
C THR A 48 20.20 -10.09 1.89
N GLY A 49 19.19 -10.93 1.84
CA GLY A 49 18.35 -11.21 2.99
C GLY A 49 17.33 -10.11 3.22
N GLU A 50 17.35 -9.09 2.37
CA GLU A 50 16.52 -7.93 2.58
C GLU A 50 15.17 -8.05 1.90
N SER A 51 15.08 -7.60 0.66
CA SER A 51 13.85 -7.58 -0.07
C SER A 51 14.13 -7.79 -1.57
N GLN A 52 13.11 -8.19 -2.31
CA GLN A 52 13.21 -8.38 -3.76
C GLN A 52 12.67 -7.19 -4.51
N GLY A 53 12.15 -6.24 -3.78
CA GLY A 53 11.56 -5.09 -4.41
C GLY A 53 10.10 -5.29 -4.74
N PHE A 54 9.52 -6.39 -4.29
CA PHE A 54 8.12 -6.65 -4.52
C PHE A 54 7.56 -7.46 -3.37
N ALA A 55 6.26 -7.36 -3.15
CA ALA A 55 5.61 -8.08 -2.07
C ALA A 55 4.13 -8.32 -2.39
N TYR A 56 3.47 -9.04 -1.52
CA TYR A 56 2.06 -9.38 -1.64
C TYR A 56 1.34 -9.11 -0.32
N LEU A 57 0.09 -8.67 -0.38
CA LEU A 57 -0.72 -8.44 0.79
C LEU A 57 -2.19 -8.65 0.43
N LYS A 58 -2.94 -9.24 1.33
CA LYS A 58 -4.36 -9.48 1.12
C LYS A 58 -5.16 -8.84 2.25
N TYR A 59 -6.29 -8.32 1.89
CA TYR A 59 -7.19 -7.67 2.83
C TYR A 59 -8.37 -8.55 3.08
N GLU A 60 -9.12 -8.25 4.12
CA GLU A 60 -10.33 -8.97 4.39
C GLU A 60 -11.45 -8.53 3.43
N ASP A 61 -11.34 -7.31 2.90
CA ASP A 61 -12.34 -6.86 1.96
C ASP A 61 -11.70 -6.23 0.73
N GLN A 62 -12.34 -6.44 -0.40
CA GLN A 62 -11.89 -5.98 -1.69
C GLN A 62 -11.98 -4.45 -1.84
N ARG A 63 -12.80 -3.81 -1.04
CA ARG A 63 -12.89 -2.34 -1.09
C ARG A 63 -11.55 -1.73 -0.70
N SER A 64 -10.91 -2.38 0.20
CA SER A 64 -9.62 -1.98 0.68
C SER A 64 -8.51 -2.15 -0.38
N THR A 65 -8.57 -3.23 -1.17
CA THR A 65 -7.53 -3.48 -2.17
C THR A 65 -7.46 -2.35 -3.19
N ILE A 66 -8.63 -1.95 -3.67
CA ILE A 66 -8.75 -0.85 -4.63
C ILE A 66 -8.32 0.47 -4.00
N LEU A 67 -8.69 0.68 -2.74
CA LEU A 67 -8.27 1.87 -1.99
C LEU A 67 -6.76 1.94 -1.87
N ALA A 68 -6.15 0.83 -1.57
CA ALA A 68 -4.73 0.78 -1.40
C ALA A 68 -4.01 0.93 -2.72
N VAL A 69 -4.44 0.21 -3.75
CA VAL A 69 -3.82 0.30 -5.08
C VAL A 69 -3.86 1.74 -5.61
N ASP A 70 -5.00 2.33 -5.54
CA ASP A 70 -5.28 3.65 -6.09
C ASP A 70 -4.48 4.74 -5.38
N ASN A 71 -4.28 4.55 -4.10
CA ASN A 71 -3.60 5.55 -3.28
C ASN A 71 -2.10 5.31 -3.16
N LEU A 72 -1.70 4.07 -3.24
CA LEU A 72 -0.31 3.70 -3.04
C LEU A 72 0.46 3.67 -4.31
N ASN A 73 -0.21 3.35 -5.38
CA ASN A 73 0.44 3.36 -6.65
C ASN A 73 0.81 4.80 -6.99
N GLY A 74 2.07 5.04 -7.26
CA GLY A 74 2.52 6.39 -7.54
C GLY A 74 2.87 7.17 -6.25
N PHE A 75 2.72 6.52 -5.11
CA PHE A 75 2.99 7.11 -3.81
C PHE A 75 4.46 6.82 -3.50
N LYS A 76 5.18 7.81 -3.04
CA LYS A 76 6.58 7.63 -2.76
C LYS A 76 6.83 7.34 -1.30
N ILE A 77 7.47 6.23 -1.05
CA ILE A 77 7.90 5.84 0.26
C ILE A 77 9.38 5.53 0.13
N GLY A 78 10.17 5.91 1.12
CA GLY A 78 11.60 5.66 1.08
C GLY A 78 12.30 6.29 -0.13
N GLY A 79 11.70 7.34 -0.67
CA GLY A 79 12.25 8.02 -1.82
C GLY A 79 11.92 7.33 -3.15
N ARG A 80 11.15 6.26 -3.09
CA ARG A 80 10.82 5.51 -4.28
C ARG A 80 9.31 5.38 -4.45
N ALA A 81 8.85 5.41 -5.67
CA ALA A 81 7.43 5.35 -5.97
C ALA A 81 6.94 3.92 -6.02
N LEU A 82 6.03 3.60 -5.13
CA LEU A 82 5.44 2.29 -5.07
C LEU A 82 4.59 1.98 -6.27
N LYS A 83 4.58 0.73 -6.62
CA LYS A 83 3.79 0.26 -7.70
C LYS A 83 2.83 -0.76 -7.16
N ILE A 84 1.58 -0.51 -7.26
CA ILE A 84 0.62 -1.46 -6.77
C ILE A 84 -0.22 -1.86 -7.92
N ASP A 85 -0.47 -3.11 -8.06
CA ASP A 85 -1.26 -3.58 -9.16
C ASP A 85 -2.13 -4.72 -8.69
N HIS A 86 -3.27 -4.89 -9.31
CA HIS A 86 -4.16 -5.97 -8.96
C HIS A 86 -3.69 -7.25 -9.60
N THR A 87 -3.60 -8.29 -8.83
CA THR A 87 -3.14 -9.56 -9.30
C THR A 87 -3.83 -10.59 -8.43
N PHE A 88 -3.92 -11.81 -8.85
CA PHE A 88 -4.42 -12.80 -7.97
C PHE A 88 -3.25 -13.71 -7.60
N TYR A 89 -2.82 -13.62 -6.39
CA TYR A 89 -1.69 -14.40 -5.95
C TYR A 89 -2.16 -15.50 -5.02
N ARG A 90 -1.71 -16.68 -5.27
CA ARG A 90 -2.00 -17.76 -4.35
C ARG A 90 -0.70 -18.22 -3.74
N PRO A 91 -0.53 -18.03 -2.43
CA PRO A 91 0.68 -18.45 -1.74
C PRO A 91 0.75 -19.95 -1.64
N LYS A 92 1.89 -20.51 -1.87
CA LYS A 92 2.01 -21.92 -1.79
C LYS A 92 2.22 -22.34 -0.36
N ARG A 93 1.25 -23.03 0.12
CA ARG A 93 1.29 -23.55 1.44
C ARG A 93 1.67 -25.00 1.30
N ASN B 5 -10.81 7.36 -0.99
CA ASN B 5 -11.44 7.35 -2.32
C ASN B 5 -12.93 7.01 -2.22
N ARG B 6 -13.67 7.72 -1.33
CA ARG B 6 -15.17 7.63 -1.17
C ARG B 6 -15.64 6.36 -0.47
N PHE B 7 -14.73 5.62 0.03
CA PHE B 7 -15.09 4.38 0.73
C PHE B 7 -15.06 4.62 2.22
N ALA B 8 -15.63 3.71 2.95
CA ALA B 8 -15.64 3.82 4.38
C ALA B 8 -15.23 2.52 5.01
N ILE B 9 -13.94 2.28 5.04
CA ILE B 9 -13.38 1.10 5.67
C ILE B 9 -12.50 1.55 6.82
N MET B 10 -12.65 0.89 7.94
CA MET B 10 -11.86 1.15 9.13
C MET B 10 -10.41 0.76 8.89
N PRO B 11 -9.49 1.38 9.60
CA PRO B 11 -8.10 1.04 9.53
C PRO B 11 -7.81 -0.29 10.25
N GLY B 12 -6.88 -1.03 9.69
CA GLY B 12 -6.47 -2.29 10.25
C GLY B 12 -5.77 -2.15 11.57
N SER B 13 -5.62 -3.25 12.26
CA SER B 13 -5.05 -3.25 13.59
C SER B 13 -3.52 -3.04 13.56
N ARG B 14 -2.93 -3.19 12.38
CA ARG B 14 -1.50 -3.04 12.23
C ARG B 14 -1.13 -1.55 12.05
N TRP B 15 -2.14 -0.71 11.97
CA TRP B 15 -1.96 0.71 11.78
C TRP B 15 -1.51 1.39 13.03
N ASP B 16 -0.48 2.11 12.87
CA ASP B 16 0.08 2.98 13.82
C ASP B 16 0.10 4.26 13.09
N GLY B 17 -0.17 5.35 13.78
CA GLY B 17 -0.22 6.75 13.30
C GLY B 17 0.81 7.15 12.26
N VAL B 18 0.65 6.56 11.17
CA VAL B 18 1.35 6.76 9.96
C VAL B 18 0.37 7.36 8.99
N HIS B 19 0.67 8.52 8.49
CA HIS B 19 -0.25 9.23 7.63
C HIS B 19 0.09 8.96 6.17
N ARG B 20 -0.82 8.33 5.46
CA ARG B 20 -0.64 8.07 4.06
C ARG B 20 -1.74 8.70 3.26
N SER B 21 -1.44 9.71 2.51
CA SER B 21 -2.44 10.38 1.72
C SER B 21 -1.98 10.43 0.27
N ASN B 22 -2.81 9.92 -0.63
CA ASN B 22 -2.49 9.85 -2.06
C ASN B 22 -2.30 11.23 -2.65
N GLY B 23 -1.34 11.32 -3.54
CA GLY B 23 -1.06 12.52 -4.25
C GLY B 23 -0.55 13.61 -3.35
N PHE B 24 0.39 13.30 -2.50
CA PHE B 24 0.92 14.30 -1.59
C PHE B 24 1.86 15.26 -2.32
N GLU B 25 2.56 14.72 -3.30
CA GLU B 25 3.57 15.44 -4.05
C GLU B 25 2.93 16.61 -4.83
N GLU B 26 1.76 16.36 -5.39
CA GLU B 26 1.05 17.38 -6.15
C GLU B 26 0.59 18.52 -5.26
N LYS B 27 0.19 18.19 -4.03
CA LYS B 27 -0.35 19.18 -3.11
C LYS B 27 0.73 20.15 -2.73
N TRP B 28 1.90 19.62 -2.41
CA TRP B 28 3.04 20.42 -2.01
C TRP B 28 3.49 21.30 -3.16
N PHE B 29 3.42 20.76 -4.35
CA PHE B 29 3.74 21.46 -5.58
C PHE B 29 2.67 22.52 -5.90
N ALA B 30 1.46 22.27 -5.51
CA ALA B 30 0.39 23.21 -5.73
C ALA B 30 0.42 24.37 -4.71
N LYS B 31 0.70 24.05 -3.46
CA LYS B 31 0.66 25.06 -2.39
C LYS B 31 1.92 25.88 -2.36
N GLN B 32 2.95 25.38 -3.02
CA GLN B 32 4.24 26.03 -3.06
C GLN B 32 4.18 27.32 -3.89
N ASN B 33 2.99 27.60 -4.42
CA ASN B 33 2.74 28.83 -5.16
C ASN B 33 2.89 30.01 -4.21
N GLU B 34 2.60 29.76 -2.95
CA GLU B 34 2.75 30.73 -1.91
C GLU B 34 4.18 30.66 -1.42
N ILE B 35 4.89 31.69 -1.70
CA ILE B 35 6.33 31.71 -1.50
C ILE B 35 6.78 32.62 -0.35
N ASN B 36 5.98 33.60 0.00
CA ASN B 36 6.40 34.55 1.05
C ASN B 36 5.49 34.51 2.26
N GLU B 37 4.32 33.98 2.05
CA GLU B 37 3.25 33.97 3.07
C GLU B 37 3.66 33.17 4.34
N LYS B 38 2.94 33.38 5.42
CA LYS B 38 3.23 32.81 6.74
C LYS B 38 2.96 31.32 6.76
N LYS B 39 3.99 30.53 6.54
CA LYS B 39 3.94 29.07 6.54
C LYS B 39 5.33 28.53 6.35
N ASN A 5 -15.93 -9.54 -1.46
CA ASN A 5 -16.91 -10.43 -2.07
C ASN A 5 -16.28 -11.76 -2.32
N GLU A 6 -17.06 -12.78 -2.42
CA GLU A 6 -16.55 -14.12 -2.60
C GLU A 6 -16.54 -14.52 -4.06
N TYR A 7 -17.16 -13.71 -4.87
CA TYR A 7 -17.25 -13.98 -6.31
C TYR A 7 -16.07 -13.38 -7.04
N LYS A 8 -15.28 -12.68 -6.29
CA LYS A 8 -14.10 -12.05 -6.79
C LYS A 8 -12.92 -12.60 -6.06
N ASP A 9 -11.78 -12.60 -6.69
CA ASP A 9 -10.54 -13.08 -6.08
C ASP A 9 -9.59 -11.87 -5.97
N ASN A 10 -10.22 -10.70 -5.96
CA ASN A 10 -9.58 -9.37 -5.95
C ASN A 10 -9.07 -9.00 -4.55
N ALA A 11 -8.79 -10.00 -3.72
CA ALA A 11 -8.33 -9.75 -2.36
C ALA A 11 -6.83 -9.64 -2.32
N TYR A 12 -6.21 -9.92 -3.45
CA TYR A 12 -4.78 -9.93 -3.54
C TYR A 12 -4.30 -8.76 -4.37
N ILE A 13 -3.16 -8.22 -4.01
CA ILE A 13 -2.54 -7.15 -4.75
C ILE A 13 -1.05 -7.38 -4.86
N TYR A 14 -0.48 -6.79 -5.85
CA TYR A 14 0.91 -6.84 -6.11
C TYR A 14 1.49 -5.50 -5.75
N ILE A 15 2.44 -5.51 -4.88
CA ILE A 15 3.15 -4.32 -4.54
C ILE A 15 4.54 -4.45 -5.13
N GLY A 16 4.94 -3.47 -5.87
CA GLY A 16 6.22 -3.48 -6.50
C GLY A 16 7.02 -2.28 -6.10
N ASN A 17 8.33 -2.37 -6.29
CA ASN A 17 9.31 -1.37 -5.88
C ASN A 17 9.44 -1.29 -4.40
N LEU A 18 9.58 -2.44 -3.80
CA LEU A 18 9.82 -2.51 -2.39
C LEU A 18 11.21 -2.08 -2.06
N ASN A 19 11.32 -1.46 -0.94
CA ASN A 19 12.58 -0.99 -0.48
C ASN A 19 13.10 -2.01 0.47
N ARG A 20 14.40 -2.18 0.47
CA ARG A 20 15.06 -3.20 1.28
C ARG A 20 14.78 -3.04 2.79
N GLU A 21 14.40 -1.85 3.19
CA GLU A 21 14.10 -1.60 4.58
C GLU A 21 12.61 -1.68 4.87
N LEU A 22 11.86 -2.06 3.88
CA LEU A 22 10.45 -2.27 4.06
C LEU A 22 10.17 -3.71 4.33
N THR A 23 9.72 -3.96 5.51
CA THR A 23 9.41 -5.28 5.97
C THR A 23 7.91 -5.49 5.95
N GLU A 24 7.48 -6.72 6.26
CA GLU A 24 6.08 -7.08 6.34
C GLU A 24 5.37 -6.13 7.31
N GLY A 25 6.02 -5.87 8.44
CA GLY A 25 5.50 -4.97 9.44
C GLY A 25 5.26 -3.55 8.92
N ASP A 26 6.21 -3.02 8.12
CA ASP A 26 6.08 -1.67 7.57
C ASP A 26 4.89 -1.60 6.64
N ILE A 27 4.81 -2.58 5.74
CA ILE A 27 3.74 -2.68 4.77
C ILE A 27 2.39 -2.77 5.46
N LEU A 28 2.32 -3.59 6.49
CA LEU A 28 1.08 -3.84 7.21
C LEU A 28 0.52 -2.57 7.79
N THR A 29 1.36 -1.78 8.41
CA THR A 29 0.95 -0.54 9.00
C THR A 29 0.38 0.43 7.97
N VAL A 30 1.07 0.57 6.86
CA VAL A 30 0.65 1.46 5.80
C VAL A 30 -0.65 0.98 5.17
N PHE A 31 -0.71 -0.29 4.87
CA PHE A 31 -1.84 -0.91 4.25
C PHE A 31 -3.06 -0.96 5.17
N SER A 32 -2.81 -0.85 6.46
CA SER A 32 -3.87 -0.80 7.44
C SER A 32 -4.63 0.53 7.38
N GLU A 33 -4.02 1.56 6.80
CA GLU A 33 -4.73 2.83 6.63
C GLU A 33 -5.84 2.63 5.58
N TYR A 34 -5.59 1.71 4.67
CA TYR A 34 -6.45 1.47 3.55
C TYR A 34 -7.43 0.34 3.82
N GLY A 35 -7.30 -0.29 4.95
CA GLY A 35 -8.21 -1.32 5.31
C GLY A 35 -7.65 -2.28 6.29
N VAL A 36 -8.19 -3.47 6.29
CA VAL A 36 -7.75 -4.49 7.22
C VAL A 36 -6.95 -5.58 6.49
N PRO A 37 -5.62 -5.57 6.64
CA PRO A 37 -4.75 -6.56 6.04
C PRO A 37 -4.77 -7.85 6.87
N VAL A 38 -4.80 -8.99 6.22
CA VAL A 38 -4.82 -10.25 6.94
C VAL A 38 -3.56 -11.07 6.72
N ASP A 39 -2.86 -10.83 5.63
CA ASP A 39 -1.66 -11.60 5.31
C ASP A 39 -0.78 -10.79 4.40
N VAL A 40 0.51 -10.89 4.59
CA VAL A 40 1.47 -10.17 3.80
C VAL A 40 2.74 -11.04 3.64
N ILE A 41 3.22 -11.13 2.44
CA ILE A 41 4.42 -11.87 2.14
C ILE A 41 5.44 -10.94 1.51
N LEU A 42 6.63 -10.92 2.05
CA LEU A 42 7.69 -10.12 1.51
C LEU A 42 8.61 -11.06 0.75
N SER A 43 8.89 -10.75 -0.48
CA SER A 43 9.76 -11.56 -1.25
C SER A 43 11.19 -11.05 -1.05
N ARG A 44 12.04 -11.87 -0.51
CA ARG A 44 13.38 -11.44 -0.31
C ARG A 44 14.31 -12.33 -1.06
N ASP A 45 15.08 -11.71 -1.90
CA ASP A 45 16.03 -12.37 -2.76
C ASP A 45 17.13 -13.02 -1.97
N GLU A 46 17.26 -14.33 -2.10
CA GLU A 46 18.25 -15.12 -1.36
C GLU A 46 19.69 -14.70 -1.71
N ASN A 47 19.86 -14.12 -2.89
CA ASN A 47 21.18 -13.75 -3.35
C ASN A 47 21.66 -12.51 -2.65
N THR A 48 20.84 -11.51 -2.63
CA THR A 48 21.22 -10.24 -2.06
C THR A 48 20.90 -10.18 -0.56
N GLY A 49 19.94 -10.99 -0.14
CA GLY A 49 19.51 -10.99 1.24
C GLY A 49 18.77 -9.70 1.59
N GLU A 50 18.36 -8.99 0.56
CA GLU A 50 17.72 -7.71 0.74
C GLU A 50 16.24 -7.79 0.45
N SER A 51 15.89 -7.84 -0.80
CA SER A 51 14.52 -7.86 -1.20
C SER A 51 14.46 -8.20 -2.67
N GLN A 52 13.33 -8.68 -3.12
CA GLN A 52 13.09 -8.88 -4.53
C GLN A 52 12.48 -7.63 -5.12
N GLY A 53 12.05 -6.75 -4.23
CA GLY A 53 11.48 -5.51 -4.63
C GLY A 53 10.00 -5.63 -4.90
N PHE A 54 9.37 -6.67 -4.43
CA PHE A 54 7.94 -6.80 -4.58
C PHE A 54 7.38 -7.48 -3.35
N ALA A 55 6.14 -7.31 -3.08
CA ALA A 55 5.53 -7.97 -1.97
C ALA A 55 4.05 -8.20 -2.24
N TYR A 56 3.46 -8.99 -1.41
CA TYR A 56 2.08 -9.36 -1.53
C TYR A 56 1.36 -9.07 -0.24
N LEU A 57 0.18 -8.53 -0.34
CA LEU A 57 -0.64 -8.31 0.82
C LEU A 57 -2.09 -8.53 0.43
N LYS A 58 -2.83 -9.15 1.30
CA LYS A 58 -4.22 -9.41 1.07
C LYS A 58 -5.04 -8.83 2.20
N TYR A 59 -6.19 -8.35 1.87
CA TYR A 59 -7.06 -7.75 2.83
C TYR A 59 -8.20 -8.65 3.17
N GLU A 60 -8.86 -8.32 4.26
CA GLU A 60 -10.04 -9.01 4.68
C GLU A 60 -11.18 -8.63 3.74
N ASP A 61 -11.09 -7.45 3.15
CA ASP A 61 -12.13 -6.99 2.26
C ASP A 61 -11.51 -6.44 0.97
N GLN A 62 -12.13 -6.74 -0.13
CA GLN A 62 -11.70 -6.34 -1.46
C GLN A 62 -11.87 -4.84 -1.74
N ARG A 63 -12.71 -4.15 -0.98
CA ARG A 63 -12.85 -2.71 -1.07
C ARG A 63 -11.52 -2.04 -0.70
N SER A 64 -10.85 -2.65 0.23
CA SER A 64 -9.57 -2.19 0.73
C SER A 64 -8.43 -2.34 -0.30
N THR A 65 -8.44 -3.41 -1.10
CA THR A 65 -7.35 -3.63 -2.05
C THR A 65 -7.27 -2.48 -3.05
N ILE A 66 -8.43 -2.08 -3.56
CA ILE A 66 -8.54 -0.96 -4.48
C ILE A 66 -8.14 0.35 -3.82
N LEU A 67 -8.52 0.50 -2.54
CA LEU A 67 -8.17 1.71 -1.76
C LEU A 67 -6.68 1.89 -1.68
N ALA A 68 -6.00 0.81 -1.42
CA ALA A 68 -4.59 0.84 -1.28
C ALA A 68 -3.90 1.08 -2.61
N VAL A 69 -4.40 0.44 -3.66
CA VAL A 69 -3.83 0.60 -5.00
C VAL A 69 -3.82 2.06 -5.46
N ASP A 70 -4.93 2.73 -5.27
CA ASP A 70 -5.12 4.13 -5.76
C ASP A 70 -4.09 5.06 -5.19
N ASN A 71 -3.87 4.91 -3.92
CA ASN A 71 -3.09 5.87 -3.17
C ASN A 71 -1.67 5.46 -3.00
N LEU A 72 -1.39 4.22 -3.15
CA LEU A 72 -0.04 3.76 -2.96
C LEU A 72 0.69 3.71 -4.26
N ASN A 73 -0.03 3.44 -5.32
CA ASN A 73 0.59 3.36 -6.61
C ASN A 73 1.10 4.75 -7.00
N GLY A 74 2.37 4.85 -7.29
CA GLY A 74 2.96 6.12 -7.65
C GLY A 74 3.44 6.90 -6.42
N PHE A 75 3.26 6.36 -5.23
CA PHE A 75 3.68 7.03 -4.01
C PHE A 75 5.09 6.60 -3.67
N LYS A 76 5.92 7.54 -3.30
CA LYS A 76 7.30 7.25 -3.05
C LYS A 76 7.55 7.00 -1.58
N ILE A 77 8.09 5.85 -1.28
CA ILE A 77 8.51 5.49 0.04
C ILE A 77 9.96 5.06 -0.07
N GLY A 78 10.78 5.43 0.91
CA GLY A 78 12.19 5.05 0.93
C GLY A 78 12.97 5.48 -0.31
N GLY A 79 12.47 6.49 -1.00
CA GLY A 79 13.14 6.97 -2.18
C GLY A 79 12.78 6.20 -3.45
N ARG A 80 11.73 5.42 -3.40
CA ARG A 80 11.27 4.69 -4.57
C ARG A 80 9.76 4.69 -4.65
N ALA A 81 9.23 4.71 -5.85
CA ALA A 81 7.81 4.81 -6.06
C ALA A 81 7.15 3.46 -6.09
N LEU A 82 6.24 3.25 -5.18
CA LEU A 82 5.51 2.02 -5.08
C LEU A 82 4.64 1.77 -6.26
N LYS A 83 4.63 0.57 -6.68
CA LYS A 83 3.82 0.17 -7.76
C LYS A 83 2.79 -0.82 -7.24
N ILE A 84 1.53 -0.47 -7.30
CA ILE A 84 0.53 -1.39 -6.80
C ILE A 84 -0.37 -1.75 -7.95
N ASP A 85 -0.58 -3.00 -8.13
CA ASP A 85 -1.42 -3.48 -9.20
C ASP A 85 -2.16 -4.69 -8.68
N HIS A 86 -3.33 -4.96 -9.19
CA HIS A 86 -4.07 -6.11 -8.72
C HIS A 86 -3.55 -7.35 -9.39
N THR A 87 -3.45 -8.39 -8.66
CA THR A 87 -2.93 -9.62 -9.15
C THR A 87 -3.65 -10.71 -8.39
N PHE A 88 -3.62 -11.92 -8.87
CA PHE A 88 -4.16 -12.98 -8.08
C PHE A 88 -2.99 -13.80 -7.63
N TYR A 89 -2.69 -13.72 -6.37
CA TYR A 89 -1.57 -14.42 -5.82
C TYR A 89 -2.05 -15.57 -4.98
N ARG A 90 -1.33 -16.65 -4.98
CA ARG A 90 -1.68 -17.72 -4.11
C ARG A 90 -0.47 -17.96 -3.21
N PRO A 91 -0.60 -17.70 -1.90
CA PRO A 91 0.48 -17.89 -0.93
C PRO A 91 0.93 -19.33 -0.79
N LYS A 92 2.22 -19.49 -0.73
CA LYS A 92 2.84 -20.76 -0.53
C LYS A 92 3.58 -20.68 0.78
N ARG A 93 3.34 -21.62 1.64
CA ARG A 93 3.96 -21.59 2.95
C ARG A 93 5.19 -22.45 2.95
N ASN B 5 -10.66 4.88 -3.50
CA ASN B 5 -10.13 5.93 -2.61
C ASN B 5 -11.19 6.51 -1.67
N ARG B 6 -10.83 6.63 -0.38
CA ARG B 6 -11.65 7.29 0.63
C ARG B 6 -13.00 6.59 0.87
N PHE B 7 -12.89 5.33 1.14
CA PHE B 7 -14.03 4.42 1.36
C PHE B 7 -14.29 4.29 2.87
N ALA B 8 -15.40 3.68 3.19
CA ALA B 8 -15.90 3.64 4.58
C ALA B 8 -15.34 2.46 5.36
N ILE B 9 -14.17 2.02 5.00
CA ILE B 9 -13.56 0.90 5.66
C ILE B 9 -12.67 1.38 6.80
N MET B 10 -12.83 0.77 7.95
CA MET B 10 -12.08 1.14 9.14
C MET B 10 -10.66 0.59 9.09
N PRO B 11 -9.68 1.38 9.53
CA PRO B 11 -8.26 0.99 9.49
C PRO B 11 -7.94 -0.25 10.34
N GLY B 12 -7.02 -1.05 9.85
CA GLY B 12 -6.62 -2.29 10.49
C GLY B 12 -5.89 -2.08 11.80
N SER B 13 -5.65 -3.17 12.50
CA SER B 13 -5.03 -3.16 13.80
C SER B 13 -3.52 -2.94 13.70
N ARG B 14 -2.96 -3.09 12.50
CA ARG B 14 -1.52 -2.91 12.31
C ARG B 14 -1.20 -1.43 12.09
N TRP B 15 -2.24 -0.62 12.03
CA TRP B 15 -2.06 0.79 11.79
C TRP B 15 -1.64 1.53 13.03
N ASP B 16 -0.65 2.30 12.83
CA ASP B 16 -0.20 3.29 13.74
C ASP B 16 -0.31 4.50 12.92
N GLY B 17 -0.79 5.58 13.52
CA GLY B 17 -0.99 6.94 12.93
C GLY B 17 0.05 7.42 11.95
N VAL B 18 0.12 6.70 10.91
CA VAL B 18 0.93 6.92 9.78
C VAL B 18 0.04 7.49 8.70
N HIS B 19 0.42 8.63 8.19
CA HIS B 19 -0.35 9.33 7.20
C HIS B 19 0.25 9.05 5.83
N ARG B 20 -0.45 8.30 5.01
CA ARG B 20 0.04 8.04 3.68
C ARG B 20 -0.95 8.51 2.63
N SER B 21 -0.59 9.55 1.96
CA SER B 21 -1.40 10.08 0.91
C SER B 21 -0.54 10.27 -0.32
N ASN B 22 -1.07 9.87 -1.45
CA ASN B 22 -0.34 9.85 -2.71
C ASN B 22 0.04 11.24 -3.13
N GLY B 23 -0.93 12.12 -3.09
CA GLY B 23 -0.67 13.49 -3.42
C GLY B 23 -1.90 14.21 -3.86
N PHE B 24 -2.77 13.53 -4.53
CA PHE B 24 -3.99 14.15 -5.00
C PHE B 24 -5.04 14.31 -3.88
N GLU B 25 -5.07 13.37 -2.96
CA GLU B 25 -6.06 13.35 -1.88
C GLU B 25 -5.90 14.53 -0.97
N GLU B 26 -4.64 14.88 -0.72
CA GLU B 26 -4.34 16.00 0.15
C GLU B 26 -4.85 17.28 -0.45
N LYS B 27 -4.81 17.39 -1.76
CA LYS B 27 -5.25 18.57 -2.45
C LYS B 27 -6.74 18.74 -2.26
N TRP B 28 -7.45 17.63 -2.34
CA TRP B 28 -8.89 17.60 -2.17
C TRP B 28 -9.24 18.00 -0.74
N PHE B 29 -8.45 17.50 0.18
CA PHE B 29 -8.59 17.79 1.60
C PHE B 29 -8.15 19.23 1.92
N ALA B 30 -7.21 19.74 1.20
CA ALA B 30 -6.72 21.07 1.43
C ALA B 30 -7.72 22.11 0.93
N LYS B 31 -8.36 21.85 -0.20
CA LYS B 31 -9.28 22.81 -0.80
C LYS B 31 -10.65 22.74 -0.16
N GLN B 32 -10.88 21.68 0.59
CA GLN B 32 -12.17 21.49 1.23
C GLN B 32 -12.28 22.36 2.47
N ASN B 33 -11.22 23.11 2.74
CA ASN B 33 -11.15 24.01 3.91
C ASN B 33 -12.34 24.96 3.95
N GLU B 34 -12.74 25.44 2.78
CA GLU B 34 -13.91 26.25 2.64
C GLU B 34 -14.74 25.71 1.48
N ILE B 35 -15.84 25.09 1.84
CA ILE B 35 -16.68 24.38 0.89
C ILE B 35 -17.70 25.28 0.22
N ASN B 36 -18.14 26.29 0.93
CA ASN B 36 -19.19 27.17 0.43
C ASN B 36 -18.61 28.36 -0.29
N GLU B 37 -17.37 28.63 0.00
CA GLU B 37 -16.73 29.80 -0.53
C GLU B 37 -16.16 29.51 -1.93
N LYS B 38 -15.90 30.55 -2.67
CA LYS B 38 -15.50 30.50 -4.07
C LYS B 38 -13.99 30.39 -4.24
N LYS B 39 -13.26 30.53 -3.14
CA LYS B 39 -11.80 30.42 -3.18
C LYS B 39 -11.36 29.02 -3.64
N ASN A 5 -15.11 -8.65 1.60
CA ASN A 5 -16.11 -9.71 1.37
C ASN A 5 -15.49 -11.05 1.65
N GLU A 6 -16.11 -11.78 2.56
CA GLU A 6 -15.67 -13.09 3.01
C GLU A 6 -15.76 -14.09 1.89
N TYR A 7 -16.73 -13.87 1.07
CA TYR A 7 -17.11 -14.78 0.02
C TYR A 7 -16.34 -14.51 -1.28
N LYS A 8 -15.26 -13.78 -1.18
CA LYS A 8 -14.41 -13.51 -2.32
C LYS A 8 -13.00 -13.71 -1.93
N ASP A 9 -12.20 -14.10 -2.88
CA ASP A 9 -10.77 -14.31 -2.66
C ASP A 9 -10.02 -13.25 -3.43
N ASN A 10 -10.78 -12.32 -3.96
CA ASN A 10 -10.33 -11.21 -4.82
C ASN A 10 -9.62 -10.13 -4.03
N ALA A 11 -8.99 -10.52 -2.96
CA ALA A 11 -8.40 -9.59 -2.03
C ALA A 11 -6.89 -9.53 -2.17
N TYR A 12 -6.37 -10.09 -3.24
CA TYR A 12 -4.93 -10.17 -3.41
C TYR A 12 -4.45 -8.99 -4.25
N ILE A 13 -3.26 -8.49 -3.95
CA ILE A 13 -2.65 -7.43 -4.74
C ILE A 13 -1.17 -7.65 -4.88
N TYR A 14 -0.61 -6.97 -5.83
CA TYR A 14 0.78 -7.00 -6.14
C TYR A 14 1.38 -5.67 -5.76
N ILE A 15 2.33 -5.68 -4.90
CA ILE A 15 3.04 -4.47 -4.56
C ILE A 15 4.43 -4.60 -5.17
N GLY A 16 4.84 -3.62 -5.90
CA GLY A 16 6.12 -3.63 -6.56
C GLY A 16 6.87 -2.36 -6.31
N ASN A 17 8.17 -2.37 -6.66
CA ASN A 17 9.10 -1.25 -6.43
C ASN A 17 9.37 -1.07 -4.96
N LEU A 18 9.38 -2.18 -4.24
CA LEU A 18 9.66 -2.18 -2.81
C LEU A 18 11.07 -1.77 -2.53
N ASN A 19 11.26 -1.19 -1.37
CA ASN A 19 12.57 -0.80 -0.91
C ASN A 19 13.12 -1.96 -0.14
N ARG A 20 14.42 -2.10 -0.17
CA ARG A 20 15.13 -3.17 0.49
C ARG A 20 15.01 -3.12 2.01
N GLU A 21 14.61 -1.98 2.52
CA GLU A 21 14.45 -1.81 3.96
C GLU A 21 13.02 -2.11 4.40
N LEU A 22 12.11 -2.17 3.43
CA LEU A 22 10.72 -2.37 3.73
C LEU A 22 10.41 -3.81 4.04
N THR A 23 9.86 -4.02 5.19
CA THR A 23 9.50 -5.31 5.66
C THR A 23 7.98 -5.39 5.78
N GLU A 24 7.47 -6.58 6.10
CA GLU A 24 6.05 -6.87 6.18
C GLU A 24 5.37 -5.91 7.14
N GLY A 25 5.99 -5.70 8.30
CA GLY A 25 5.44 -4.84 9.32
C GLY A 25 5.23 -3.41 8.86
N ASP A 26 6.17 -2.89 8.06
CA ASP A 26 6.05 -1.51 7.57
C ASP A 26 4.87 -1.43 6.62
N ILE A 27 4.84 -2.40 5.67
CA ILE A 27 3.77 -2.51 4.69
C ILE A 27 2.42 -2.66 5.38
N LEU A 28 2.36 -3.54 6.37
CA LEU A 28 1.14 -3.81 7.11
C LEU A 28 0.60 -2.59 7.75
N THR A 29 1.47 -1.77 8.29
CA THR A 29 1.06 -0.58 8.97
C THR A 29 0.41 0.41 7.98
N VAL A 30 1.05 0.60 6.84
CA VAL A 30 0.58 1.52 5.82
C VAL A 30 -0.73 1.01 5.21
N PHE A 31 -0.72 -0.26 4.84
CA PHE A 31 -1.82 -0.94 4.23
C PHE A 31 -3.01 -1.05 5.16
N SER A 32 -2.78 -0.93 6.44
CA SER A 32 -3.85 -0.95 7.41
C SER A 32 -4.69 0.32 7.39
N GLU A 33 -4.18 1.43 6.85
CA GLU A 33 -5.05 2.60 6.74
C GLU A 33 -6.05 2.38 5.59
N TYR A 34 -5.68 1.53 4.65
CA TYR A 34 -6.50 1.32 3.47
C TYR A 34 -7.50 0.19 3.69
N GLY A 35 -7.36 -0.49 4.79
CA GLY A 35 -8.26 -1.54 5.14
C GLY A 35 -7.65 -2.47 6.11
N VAL A 36 -8.22 -3.63 6.25
CA VAL A 36 -7.73 -4.61 7.18
C VAL A 36 -6.93 -5.66 6.43
N PRO A 37 -5.59 -5.68 6.60
CA PRO A 37 -4.75 -6.69 6.00
C PRO A 37 -4.85 -7.98 6.78
N VAL A 38 -4.95 -9.08 6.10
CA VAL A 38 -5.07 -10.34 6.79
C VAL A 38 -3.84 -11.20 6.63
N ASP A 39 -3.11 -11.01 5.55
CA ASP A 39 -1.91 -11.80 5.29
C ASP A 39 -0.99 -11.00 4.38
N VAL A 40 0.31 -11.11 4.58
CA VAL A 40 1.29 -10.37 3.81
C VAL A 40 2.56 -11.21 3.62
N ILE A 41 3.11 -11.18 2.43
CA ILE A 41 4.37 -11.82 2.14
C ILE A 41 5.35 -10.80 1.63
N LEU A 42 6.51 -10.73 2.24
CA LEU A 42 7.55 -9.92 1.72
C LEU A 42 8.45 -10.85 0.95
N SER A 43 8.54 -10.66 -0.33
CA SER A 43 9.39 -11.46 -1.13
C SER A 43 10.80 -10.99 -0.89
N ARG A 44 11.62 -11.86 -0.38
CA ARG A 44 12.97 -11.52 -0.03
C ARG A 44 13.94 -12.52 -0.56
N ASP A 45 15.05 -12.02 -0.99
CA ASP A 45 16.12 -12.81 -1.54
C ASP A 45 16.88 -13.50 -0.45
N GLU A 46 17.09 -14.77 -0.63
CA GLU A 46 17.83 -15.60 0.32
C GLU A 46 19.28 -15.15 0.49
N ASN A 47 19.85 -14.55 -0.54
CA ASN A 47 21.27 -14.20 -0.53
C ASN A 47 21.52 -12.91 0.20
N THR A 48 20.78 -11.91 -0.16
CA THR A 48 20.96 -10.60 0.41
C THR A 48 20.17 -10.44 1.69
N GLY A 49 19.12 -11.22 1.82
CA GLY A 49 18.24 -11.11 2.95
C GLY A 49 17.32 -9.90 2.81
N GLU A 50 17.39 -9.26 1.66
CA GLU A 50 16.63 -8.05 1.43
C GLU A 50 15.45 -8.33 0.54
N SER A 51 14.56 -7.37 0.50
CA SER A 51 13.37 -7.41 -0.29
C SER A 51 13.70 -7.52 -1.78
N GLN A 52 12.92 -8.30 -2.49
CA GLN A 52 13.13 -8.53 -3.92
C GLN A 52 12.46 -7.45 -4.75
N GLY A 53 12.05 -6.39 -4.11
CA GLY A 53 11.45 -5.27 -4.79
C GLY A 53 9.97 -5.47 -5.04
N PHE A 54 9.39 -6.46 -4.42
CA PHE A 54 7.97 -6.68 -4.55
C PHE A 54 7.48 -7.41 -3.33
N ALA A 55 6.20 -7.32 -3.08
CA ALA A 55 5.59 -7.99 -1.98
C ALA A 55 4.11 -8.25 -2.29
N TYR A 56 3.47 -9.00 -1.43
CA TYR A 56 2.09 -9.37 -1.58
C TYR A 56 1.35 -9.11 -0.28
N LEU A 57 0.14 -8.64 -0.38
CA LEU A 57 -0.69 -8.42 0.78
C LEU A 57 -2.14 -8.64 0.38
N LYS A 58 -2.90 -9.24 1.25
CA LYS A 58 -4.28 -9.46 1.00
C LYS A 58 -5.12 -8.85 2.11
N TYR A 59 -6.24 -8.34 1.74
CA TYR A 59 -7.14 -7.69 2.67
C TYR A 59 -8.30 -8.55 3.01
N GLU A 60 -8.99 -8.17 4.03
CA GLU A 60 -10.20 -8.81 4.44
C GLU A 60 -11.32 -8.39 3.46
N ASP A 61 -11.32 -7.13 3.06
CA ASP A 61 -12.33 -6.65 2.13
C ASP A 61 -11.70 -6.18 0.82
N GLN A 62 -12.41 -6.42 -0.25
CA GLN A 62 -11.98 -6.10 -1.59
C GLN A 62 -11.94 -4.60 -1.88
N ARG A 63 -12.78 -3.82 -1.21
CA ARG A 63 -12.77 -2.37 -1.37
C ARG A 63 -11.45 -1.79 -0.87
N SER A 64 -10.93 -2.41 0.13
CA SER A 64 -9.65 -2.06 0.68
C SER A 64 -8.51 -2.20 -0.36
N THR A 65 -8.57 -3.23 -1.22
CA THR A 65 -7.51 -3.46 -2.20
C THR A 65 -7.40 -2.30 -3.18
N ILE A 66 -8.55 -1.86 -3.67
CA ILE A 66 -8.63 -0.75 -4.60
C ILE A 66 -8.20 0.53 -3.93
N LEU A 67 -8.57 0.70 -2.66
CA LEU A 67 -8.14 1.85 -1.86
C LEU A 67 -6.63 1.91 -1.75
N ALA A 68 -6.03 0.78 -1.49
CA ALA A 68 -4.59 0.74 -1.34
C ALA A 68 -3.90 0.97 -2.67
N VAL A 69 -4.40 0.33 -3.72
CA VAL A 69 -3.82 0.50 -5.05
C VAL A 69 -3.93 1.98 -5.50
N ASP A 70 -5.06 2.54 -5.31
CA ASP A 70 -5.38 3.90 -5.73
C ASP A 70 -4.55 4.94 -4.99
N ASN A 71 -4.31 4.69 -3.73
CA ASN A 71 -3.59 5.64 -2.89
C ASN A 71 -2.08 5.41 -2.87
N LEU A 72 -1.67 4.18 -3.06
CA LEU A 72 -0.25 3.83 -2.92
C LEU A 72 0.47 3.82 -4.22
N ASN A 73 -0.24 3.53 -5.28
CA ASN A 73 0.39 3.47 -6.58
C ASN A 73 0.89 4.87 -6.96
N GLY A 74 2.16 4.95 -7.28
CA GLY A 74 2.77 6.20 -7.63
C GLY A 74 3.30 6.97 -6.42
N PHE A 75 2.99 6.47 -5.22
CA PHE A 75 3.41 7.11 -3.98
C PHE A 75 4.85 6.73 -3.68
N LYS A 76 5.63 7.68 -3.26
CA LYS A 76 7.03 7.45 -3.03
C LYS A 76 7.30 7.13 -1.59
N ILE A 77 7.89 6.00 -1.37
CA ILE A 77 8.37 5.61 -0.07
C ILE A 77 9.83 5.24 -0.25
N GLY A 78 10.67 5.59 0.70
CA GLY A 78 12.09 5.29 0.62
C GLY A 78 12.75 5.85 -0.64
N GLY A 79 12.19 6.93 -1.17
CA GLY A 79 12.74 7.54 -2.36
C GLY A 79 12.36 6.83 -3.66
N ARG A 80 11.47 5.86 -3.59
CA ARG A 80 11.04 5.12 -4.77
C ARG A 80 9.52 5.04 -4.83
N ALA A 81 8.98 5.15 -6.02
CA ALA A 81 7.54 5.16 -6.21
C ALA A 81 6.97 3.75 -6.24
N LEU A 82 6.08 3.47 -5.31
CA LEU A 82 5.43 2.19 -5.21
C LEU A 82 4.54 1.88 -6.38
N LYS A 83 4.53 0.65 -6.76
CA LYS A 83 3.69 0.17 -7.78
C LYS A 83 2.73 -0.82 -7.20
N ILE A 84 1.48 -0.54 -7.27
CA ILE A 84 0.51 -1.47 -6.75
C ILE A 84 -0.33 -1.89 -7.92
N ASP A 85 -0.59 -3.15 -8.01
CA ASP A 85 -1.35 -3.67 -9.11
C ASP A 85 -2.24 -4.78 -8.62
N HIS A 86 -3.35 -5.00 -9.27
CA HIS A 86 -4.25 -6.06 -8.90
C HIS A 86 -3.80 -7.37 -9.52
N THR A 87 -3.75 -8.41 -8.73
CA THR A 87 -3.28 -9.68 -9.20
C THR A 87 -3.88 -10.74 -8.30
N PHE A 88 -3.91 -11.97 -8.72
CA PHE A 88 -4.26 -12.99 -7.80
C PHE A 88 -3.03 -13.80 -7.53
N TYR A 89 -2.54 -13.63 -6.35
CA TYR A 89 -1.36 -14.30 -5.90
C TYR A 89 -1.78 -15.36 -4.93
N ARG A 90 -1.25 -16.53 -5.04
CA ARG A 90 -1.57 -17.53 -4.08
C ARG A 90 -0.35 -17.84 -3.22
N PRO A 91 -0.41 -17.51 -1.93
CA PRO A 91 0.69 -17.73 -0.98
C PRO A 91 0.92 -19.20 -0.65
N LYS A 92 2.17 -19.50 -0.37
CA LYS A 92 2.57 -20.78 0.11
C LYS A 92 3.24 -20.60 1.45
N ARG A 93 2.67 -21.18 2.45
CA ARG A 93 3.22 -21.14 3.76
C ARG A 93 3.66 -22.55 4.13
N ASN B 5 -9.93 5.92 -3.28
CA ASN B 5 -10.63 7.17 -3.57
C ASN B 5 -12.08 7.13 -3.03
N ARG B 6 -12.30 7.86 -1.92
CA ARG B 6 -13.63 8.11 -1.26
C ARG B 6 -14.44 6.88 -0.80
N PHE B 7 -13.80 6.03 -0.10
CA PHE B 7 -14.41 4.84 0.51
C PHE B 7 -14.50 5.02 2.01
N ALA B 8 -15.24 4.16 2.66
CA ALA B 8 -15.34 4.23 4.09
C ALA B 8 -15.08 2.87 4.70
N ILE B 9 -13.83 2.48 4.73
CA ILE B 9 -13.45 1.23 5.37
C ILE B 9 -12.59 1.55 6.58
N MET B 10 -12.92 0.96 7.71
CA MET B 10 -12.17 1.17 8.94
C MET B 10 -10.79 0.51 8.84
N PRO B 11 -9.80 1.06 9.55
CA PRO B 11 -8.41 0.61 9.46
C PRO B 11 -8.16 -0.76 10.12
N GLY B 12 -7.05 -1.35 9.74
CA GLY B 12 -6.62 -2.61 10.26
C GLY B 12 -5.87 -2.46 11.58
N SER B 13 -5.57 -3.57 12.18
CA SER B 13 -4.97 -3.62 13.50
C SER B 13 -3.48 -3.24 13.48
N ARG B 14 -2.88 -3.21 12.31
CA ARG B 14 -1.45 -2.92 12.22
C ARG B 14 -1.19 -1.43 12.05
N TRP B 15 -2.24 -0.66 11.87
CA TRP B 15 -2.09 0.76 11.66
C TRP B 15 -1.79 1.49 12.94
N ASP B 16 -0.69 2.13 12.90
CA ASP B 16 -0.24 3.03 13.88
C ASP B 16 -0.15 4.30 13.12
N GLY B 17 -0.37 5.41 13.79
CA GLY B 17 -0.40 6.81 13.27
C GLY B 17 0.73 7.21 12.34
N VAL B 18 0.81 6.52 11.30
CA VAL B 18 1.68 6.69 10.21
C VAL B 18 0.89 7.31 9.10
N HIS B 19 1.36 8.43 8.62
CA HIS B 19 0.65 9.11 7.60
C HIS B 19 1.31 8.84 6.25
N ARG B 20 0.66 8.05 5.46
CA ARG B 20 1.05 7.79 4.09
C ARG B 20 -0.19 8.04 3.28
N SER B 21 -0.20 9.04 2.50
CA SER B 21 -1.39 9.34 1.78
C SER B 21 -1.07 9.90 0.40
N ASN B 22 -1.98 9.68 -0.52
CA ASN B 22 -1.81 10.11 -1.89
C ASN B 22 -2.26 11.55 -2.03
N GLY B 23 -1.88 12.16 -3.10
CA GLY B 23 -2.27 13.50 -3.33
C GLY B 23 -1.10 14.39 -3.53
N PHE B 24 -0.55 14.37 -4.71
CA PHE B 24 0.53 15.28 -5.05
C PHE B 24 -0.01 16.68 -5.32
N GLU B 25 -1.21 16.73 -5.87
CA GLU B 25 -1.86 17.98 -6.25
C GLU B 25 -2.21 18.83 -5.02
N GLU B 26 -2.67 18.18 -3.96
CA GLU B 26 -3.00 18.87 -2.72
C GLU B 26 -1.78 19.58 -2.15
N LYS B 27 -0.61 18.99 -2.34
CA LYS B 27 0.64 19.53 -1.85
C LYS B 27 0.90 20.89 -2.48
N TRP B 28 0.55 20.99 -3.76
CA TRP B 28 0.72 22.21 -4.52
C TRP B 28 -0.27 23.26 -4.01
N PHE B 29 -1.46 22.80 -3.72
CA PHE B 29 -2.52 23.62 -3.18
C PHE B 29 -2.22 24.03 -1.74
N ALA B 30 -1.56 23.20 -1.03
CA ALA B 30 -1.23 23.50 0.34
C ALA B 30 -0.12 24.54 0.39
N LYS B 31 0.76 24.54 -0.60
CA LYS B 31 1.88 25.47 -0.59
C LYS B 31 1.52 26.81 -1.22
N GLN B 32 0.37 26.85 -1.87
CA GLN B 32 -0.12 28.05 -2.54
C GLN B 32 -0.74 29.02 -1.54
N ASN B 33 -0.68 28.65 -0.27
CA ASN B 33 -1.16 29.49 0.83
C ASN B 33 -0.44 30.84 0.79
N GLU B 34 0.82 30.76 0.43
CA GLU B 34 1.70 31.85 0.22
C GLU B 34 2.08 31.81 -1.24
N ILE B 35 2.41 32.93 -1.82
CA ILE B 35 2.65 32.97 -3.26
C ILE B 35 3.97 33.63 -3.62
N ASN B 36 4.44 34.52 -2.79
CA ASN B 36 5.66 35.29 -3.12
C ASN B 36 6.74 34.98 -2.10
N GLU B 37 6.28 34.56 -0.92
CA GLU B 37 7.06 34.35 0.25
C GLU B 37 8.30 33.46 0.05
N LYS B 38 9.30 33.77 0.83
CA LYS B 38 10.58 33.10 0.83
C LYS B 38 10.48 31.61 1.17
N LYS B 39 10.96 30.78 0.28
CA LYS B 39 11.01 29.36 0.50
C LYS B 39 12.45 28.90 0.43
N ASN A 5 -14.69 -8.86 1.49
CA ASN A 5 -15.37 -10.12 1.29
C ASN A 5 -14.33 -11.21 1.32
N GLU A 6 -14.42 -12.08 2.32
CA GLU A 6 -13.37 -13.07 2.55
C GLU A 6 -13.52 -14.29 1.66
N TYR A 7 -14.70 -14.44 1.08
CA TYR A 7 -14.99 -15.55 0.18
C TYR A 7 -14.73 -15.13 -1.25
N LYS A 8 -14.16 -13.97 -1.40
CA LYS A 8 -13.82 -13.46 -2.69
C LYS A 8 -12.34 -13.51 -2.86
N ASP A 9 -11.96 -13.95 -3.98
CA ASP A 9 -10.56 -14.25 -4.27
C ASP A 9 -9.83 -13.05 -4.86
N ASN A 10 -10.56 -11.99 -5.09
CA ASN A 10 -10.00 -10.74 -5.63
C ASN A 10 -9.40 -9.87 -4.52
N ALA A 11 -8.88 -10.51 -3.49
CA ALA A 11 -8.34 -9.79 -2.32
C ALA A 11 -6.84 -9.62 -2.38
N TYR A 12 -6.25 -9.94 -3.51
CA TYR A 12 -4.79 -9.96 -3.61
C TYR A 12 -4.28 -8.80 -4.43
N ILE A 13 -3.15 -8.29 -4.06
CA ILE A 13 -2.49 -7.25 -4.80
C ILE A 13 -1.01 -7.52 -4.88
N TYR A 14 -0.42 -6.97 -5.89
CA TYR A 14 0.98 -7.02 -6.11
C TYR A 14 1.58 -5.68 -5.82
N ILE A 15 2.51 -5.65 -4.91
CA ILE A 15 3.22 -4.45 -4.58
C ILE A 15 4.60 -4.61 -5.15
N GLY A 16 5.03 -3.67 -5.91
CA GLY A 16 6.33 -3.69 -6.50
C GLY A 16 7.04 -2.39 -6.22
N ASN A 17 8.34 -2.37 -6.49
CA ASN A 17 9.21 -1.21 -6.29
C ASN A 17 9.55 -1.03 -4.81
N LEU A 18 9.57 -2.14 -4.10
CA LEU A 18 9.90 -2.14 -2.67
C LEU A 18 11.34 -1.74 -2.42
N ASN A 19 11.56 -1.23 -1.24
CA ASN A 19 12.88 -0.89 -0.78
C ASN A 19 13.37 -2.07 0.02
N ARG A 20 14.64 -2.35 -0.03
CA ARG A 20 15.24 -3.44 0.71
C ARG A 20 15.06 -3.29 2.22
N GLU A 21 14.85 -2.06 2.68
CA GLU A 21 14.69 -1.80 4.10
C GLU A 21 13.23 -1.92 4.55
N LEU A 22 12.33 -2.05 3.60
CA LEU A 22 10.93 -2.13 3.92
C LEU A 22 10.56 -3.52 4.35
N THR A 23 9.96 -3.59 5.49
CA THR A 23 9.57 -4.84 6.06
C THR A 23 8.07 -4.99 5.99
N GLU A 24 7.61 -6.17 6.36
CA GLU A 24 6.21 -6.50 6.42
C GLU A 24 5.51 -5.53 7.34
N GLY A 25 6.16 -5.21 8.45
CA GLY A 25 5.62 -4.27 9.41
C GLY A 25 5.37 -2.90 8.82
N ASP A 26 6.26 -2.45 7.94
CA ASP A 26 6.10 -1.14 7.29
C ASP A 26 4.91 -1.20 6.39
N ILE A 27 4.87 -2.23 5.57
CA ILE A 27 3.79 -2.44 4.63
C ILE A 27 2.46 -2.58 5.35
N LEU A 28 2.44 -3.39 6.40
CA LEU A 28 1.24 -3.66 7.15
C LEU A 28 0.66 -2.42 7.74
N THR A 29 1.51 -1.58 8.31
CA THR A 29 1.05 -0.38 8.94
C THR A 29 0.37 0.56 7.92
N VAL A 30 1.00 0.73 6.78
CA VAL A 30 0.50 1.61 5.75
C VAL A 30 -0.78 1.05 5.15
N PHE A 31 -0.75 -0.23 4.82
CA PHE A 31 -1.86 -0.91 4.24
C PHE A 31 -3.05 -1.00 5.20
N SER A 32 -2.75 -0.92 6.48
CA SER A 32 -3.79 -0.91 7.49
C SER A 32 -4.59 0.38 7.49
N GLU A 33 -4.07 1.45 6.89
CA GLU A 33 -4.84 2.67 6.82
C GLU A 33 -5.91 2.48 5.73
N TYR A 34 -5.58 1.65 4.75
CA TYR A 34 -6.43 1.43 3.61
C TYR A 34 -7.45 0.33 3.90
N GLY A 35 -7.14 -0.53 4.84
CA GLY A 35 -8.05 -1.56 5.21
C GLY A 35 -7.50 -2.47 6.25
N VAL A 36 -8.01 -3.67 6.31
CA VAL A 36 -7.57 -4.64 7.27
C VAL A 36 -6.76 -5.71 6.57
N PRO A 37 -5.45 -5.73 6.79
CA PRO A 37 -4.58 -6.73 6.22
C PRO A 37 -4.73 -8.03 6.98
N VAL A 38 -4.79 -9.12 6.27
CA VAL A 38 -4.94 -10.39 6.92
C VAL A 38 -3.70 -11.25 6.73
N ASP A 39 -2.95 -10.97 5.67
CA ASP A 39 -1.73 -11.70 5.39
C ASP A 39 -0.84 -10.86 4.51
N VAL A 40 0.45 -10.93 4.74
CA VAL A 40 1.40 -10.21 3.94
C VAL A 40 2.62 -11.11 3.71
N ILE A 41 3.11 -11.13 2.50
CA ILE A 41 4.31 -11.87 2.16
C ILE A 41 5.32 -10.92 1.60
N LEU A 42 6.50 -10.95 2.13
CA LEU A 42 7.56 -10.16 1.61
C LEU A 42 8.41 -11.12 0.80
N SER A 43 8.58 -10.85 -0.46
CA SER A 43 9.36 -11.68 -1.29
C SER A 43 10.80 -11.33 -1.09
N ARG A 44 11.57 -12.26 -0.61
CA ARG A 44 12.96 -12.04 -0.33
C ARG A 44 13.82 -13.02 -1.05
N ASP A 45 14.97 -12.57 -1.44
CA ASP A 45 15.92 -13.42 -2.10
C ASP A 45 16.60 -14.22 -1.06
N GLU A 46 16.54 -15.53 -1.19
CA GLU A 46 17.08 -16.44 -0.17
C GLU A 46 18.58 -16.26 0.05
N ASN A 47 19.25 -15.68 -0.91
CA ASN A 47 20.69 -15.54 -0.83
C ASN A 47 21.06 -14.33 -0.01
N THR A 48 20.41 -13.21 -0.26
CA THR A 48 20.76 -11.97 0.42
C THR A 48 19.90 -11.75 1.65
N GLY A 49 18.74 -12.35 1.67
CA GLY A 49 17.80 -12.15 2.74
C GLY A 49 17.06 -10.82 2.58
N GLU A 50 17.35 -10.13 1.49
CA GLU A 50 16.78 -8.83 1.23
C GLU A 50 15.54 -8.99 0.42
N SER A 51 14.75 -7.96 0.38
CA SER A 51 13.53 -7.98 -0.35
C SER A 51 13.83 -7.98 -1.85
N GLN A 52 13.01 -8.65 -2.60
CA GLN A 52 13.20 -8.76 -4.03
C GLN A 52 12.67 -7.55 -4.75
N GLY A 53 12.22 -6.57 -4.00
CA GLY A 53 11.70 -5.37 -4.58
C GLY A 53 10.23 -5.46 -4.84
N PHE A 54 9.59 -6.46 -4.30
CA PHE A 54 8.18 -6.61 -4.43
C PHE A 54 7.64 -7.39 -3.24
N ALA A 55 6.37 -7.27 -2.99
CA ALA A 55 5.72 -7.95 -1.90
C ALA A 55 4.25 -8.19 -2.22
N TYR A 56 3.56 -8.86 -1.34
CA TYR A 56 2.16 -9.17 -1.49
C TYR A 56 1.43 -8.94 -0.18
N LEU A 57 0.20 -8.49 -0.26
CA LEU A 57 -0.63 -8.30 0.91
C LEU A 57 -2.08 -8.53 0.51
N LYS A 58 -2.82 -9.16 1.35
CA LYS A 58 -4.21 -9.43 1.10
C LYS A 58 -5.06 -8.84 2.21
N TYR A 59 -6.20 -8.36 1.83
CA TYR A 59 -7.10 -7.72 2.76
C TYR A 59 -8.29 -8.57 3.02
N GLU A 60 -9.01 -8.22 4.06
CA GLU A 60 -10.25 -8.83 4.41
C GLU A 60 -11.30 -8.47 3.34
N ASP A 61 -11.25 -7.23 2.87
CA ASP A 61 -12.20 -6.78 1.88
C ASP A 61 -11.51 -6.20 0.65
N GLN A 62 -12.14 -6.40 -0.49
CA GLN A 62 -11.66 -5.98 -1.79
C GLN A 62 -11.64 -4.45 -1.93
N ARG A 63 -12.53 -3.79 -1.25
CA ARG A 63 -12.59 -2.32 -1.26
C ARG A 63 -11.30 -1.70 -0.73
N SER A 64 -10.72 -2.36 0.21
CA SER A 64 -9.44 -1.97 0.74
C SER A 64 -8.33 -2.07 -0.32
N THR A 65 -8.39 -3.09 -1.20
CA THR A 65 -7.35 -3.28 -2.21
C THR A 65 -7.32 -2.08 -3.17
N ILE A 66 -8.50 -1.64 -3.61
CA ILE A 66 -8.62 -0.50 -4.52
C ILE A 66 -8.18 0.79 -3.85
N LEU A 67 -8.53 0.95 -2.56
CA LEU A 67 -8.08 2.10 -1.77
C LEU A 67 -6.57 2.15 -1.68
N ALA A 68 -5.98 1.00 -1.45
CA ALA A 68 -4.55 0.91 -1.33
C ALA A 68 -3.85 1.10 -2.66
N VAL A 69 -4.34 0.43 -3.70
CA VAL A 69 -3.74 0.52 -5.03
C VAL A 69 -3.70 1.97 -5.53
N ASP A 70 -4.81 2.66 -5.43
CA ASP A 70 -4.95 4.02 -5.96
C ASP A 70 -4.02 4.99 -5.27
N ASN A 71 -3.84 4.79 -3.99
CA ASN A 71 -3.05 5.71 -3.18
C ASN A 71 -1.60 5.34 -3.07
N LEU A 72 -1.30 4.10 -3.28
CA LEU A 72 0.06 3.63 -3.10
C LEU A 72 0.78 3.54 -4.41
N ASN A 73 0.05 3.32 -5.47
CA ASN A 73 0.66 3.27 -6.77
C ASN A 73 1.16 4.68 -7.08
N GLY A 74 2.43 4.80 -7.39
CA GLY A 74 3.00 6.09 -7.69
C GLY A 74 3.40 6.86 -6.43
N PHE A 75 3.16 6.27 -5.27
CA PHE A 75 3.45 6.91 -4.00
C PHE A 75 4.89 6.67 -3.63
N LYS A 76 5.58 7.71 -3.26
CA LYS A 76 6.99 7.60 -2.94
C LYS A 76 7.23 7.30 -1.47
N ILE A 77 7.85 6.17 -1.23
CA ILE A 77 8.30 5.79 0.09
C ILE A 77 9.77 5.43 -0.07
N GLY A 78 10.59 5.79 0.90
CA GLY A 78 12.02 5.46 0.85
C GLY A 78 12.75 6.05 -0.35
N GLY A 79 12.15 7.05 -0.97
CA GLY A 79 12.76 7.66 -2.14
C GLY A 79 12.42 6.93 -3.42
N ARG A 80 11.48 6.01 -3.35
CA ARG A 80 11.08 5.27 -4.52
C ARG A 80 9.55 5.17 -4.61
N ALA A 81 9.05 5.20 -5.81
CA ALA A 81 7.62 5.18 -6.04
C ALA A 81 7.10 3.75 -6.11
N LEU A 82 6.19 3.44 -5.22
CA LEU A 82 5.56 2.13 -5.14
C LEU A 82 4.68 1.85 -6.32
N LYS A 83 4.59 0.59 -6.66
CA LYS A 83 3.74 0.17 -7.71
C LYS A 83 2.80 -0.89 -7.18
N ILE A 84 1.52 -0.63 -7.22
CA ILE A 84 0.57 -1.61 -6.75
C ILE A 84 -0.34 -1.95 -7.91
N ASP A 85 -0.61 -3.21 -8.09
CA ASP A 85 -1.46 -3.67 -9.16
C ASP A 85 -2.32 -4.81 -8.65
N HIS A 86 -3.52 -4.91 -9.15
CA HIS A 86 -4.44 -5.96 -8.75
C HIS A 86 -4.07 -7.23 -9.50
N THR A 87 -3.99 -8.32 -8.80
CA THR A 87 -3.54 -9.54 -9.41
C THR A 87 -3.97 -10.69 -8.51
N PHE A 88 -3.96 -11.91 -9.00
CA PHE A 88 -4.25 -13.04 -8.16
C PHE A 88 -2.94 -13.68 -7.74
N TYR A 89 -2.63 -13.60 -6.49
CA TYR A 89 -1.42 -14.17 -5.97
C TYR A 89 -1.75 -15.41 -5.19
N ARG A 90 -0.99 -16.45 -5.42
CA ARG A 90 -1.14 -17.69 -4.68
C ARG A 90 0.15 -17.92 -3.89
N PRO A 91 0.05 -17.98 -2.55
CA PRO A 91 1.21 -18.17 -1.67
C PRO A 91 1.93 -19.50 -1.85
N LYS A 92 3.24 -19.45 -1.71
CA LYS A 92 4.09 -20.60 -1.77
C LYS A 92 4.07 -21.29 -0.44
N ARG A 93 3.74 -22.53 -0.45
CA ARG A 93 3.76 -23.31 0.74
C ARG A 93 5.14 -23.91 0.84
N ASN B 5 -10.33 7.70 -0.15
CA ASN B 5 -11.06 7.78 -1.43
C ASN B 5 -12.55 7.60 -1.25
N ARG B 6 -13.05 7.84 -0.04
CA ARG B 6 -14.47 7.81 0.27
C ARG B 6 -15.06 6.45 0.33
N PHE B 7 -14.43 5.65 1.08
CA PHE B 7 -14.85 4.31 1.32
C PHE B 7 -15.18 4.14 2.78
N ALA B 8 -15.85 3.07 3.12
CA ALA B 8 -16.35 2.86 4.46
C ALA B 8 -15.56 1.78 5.16
N ILE B 9 -14.28 1.77 4.95
CA ILE B 9 -13.45 0.79 5.58
C ILE B 9 -12.70 1.41 6.73
N MET B 10 -12.76 0.78 7.88
CA MET B 10 -12.03 1.26 9.03
C MET B 10 -10.64 0.63 9.01
N PRO B 11 -9.65 1.34 9.53
CA PRO B 11 -8.25 0.89 9.55
C PRO B 11 -8.03 -0.38 10.37
N GLY B 12 -7.03 -1.16 9.97
CA GLY B 12 -6.68 -2.38 10.65
C GLY B 12 -5.90 -2.14 11.94
N SER B 13 -5.65 -3.20 12.66
CA SER B 13 -4.98 -3.13 13.94
C SER B 13 -3.47 -2.89 13.80
N ARG B 14 -2.91 -3.13 12.61
CA ARG B 14 -1.48 -2.92 12.39
C ARG B 14 -1.16 -1.45 12.17
N TRP B 15 -2.19 -0.65 12.03
CA TRP B 15 -2.04 0.76 11.82
C TRP B 15 -1.57 1.45 13.08
N ASP B 16 -0.56 2.19 12.89
CA ASP B 16 0.00 3.04 13.85
C ASP B 16 -0.05 4.35 13.15
N GLY B 17 -0.37 5.41 13.87
CA GLY B 17 -0.51 6.84 13.42
C GLY B 17 0.48 7.32 12.38
N VAL B 18 0.40 6.69 11.30
CA VAL B 18 1.10 6.92 10.10
C VAL B 18 0.09 7.38 9.06
N HIS B 19 0.35 8.49 8.47
CA HIS B 19 -0.51 9.02 7.44
C HIS B 19 0.15 8.81 6.11
N ARG B 20 -0.45 8.02 5.27
CA ARG B 20 0.10 7.82 3.94
C ARG B 20 -0.93 8.14 2.90
N SER B 21 -0.72 9.20 2.20
CA SER B 21 -1.62 9.60 1.16
C SER B 21 -0.87 9.88 -0.10
N ASN B 22 -1.47 9.54 -1.22
CA ASN B 22 -0.94 9.80 -2.54
C ASN B 22 -1.09 11.28 -2.83
N GLY B 23 -1.96 11.90 -2.06
CA GLY B 23 -2.26 13.27 -2.24
C GLY B 23 -3.62 13.44 -2.85
N PHE B 24 -4.55 12.59 -2.48
CA PHE B 24 -5.89 12.66 -3.06
C PHE B 24 -6.72 13.81 -2.48
N GLU B 25 -6.53 14.10 -1.21
CA GLU B 25 -7.33 15.11 -0.53
C GLU B 25 -7.04 16.48 -1.08
N GLU B 26 -5.76 16.73 -1.37
CA GLU B 26 -5.34 18.02 -1.92
C GLU B 26 -6.04 18.29 -3.24
N LYS B 27 -6.26 17.25 -4.01
CA LYS B 27 -6.87 17.36 -5.32
C LYS B 27 -8.31 17.79 -5.16
N TRP B 28 -8.95 17.20 -4.18
CA TRP B 28 -10.32 17.50 -3.86
C TRP B 28 -10.42 18.91 -3.30
N PHE B 29 -9.46 19.23 -2.46
CA PHE B 29 -9.37 20.53 -1.83
C PHE B 29 -9.09 21.61 -2.87
N ALA B 30 -8.28 21.29 -3.84
CA ALA B 30 -7.92 22.21 -4.88
C ALA B 30 -9.11 22.53 -5.78
N LYS B 31 -9.99 21.56 -5.98
CA LYS B 31 -11.12 21.77 -6.86
C LYS B 31 -12.34 22.30 -6.13
N GLN B 32 -12.37 22.09 -4.82
CA GLN B 32 -13.49 22.51 -3.98
C GLN B 32 -13.48 24.02 -3.76
N ASN B 33 -12.52 24.68 -4.36
CA ASN B 33 -12.38 26.14 -4.28
C ASN B 33 -13.67 26.83 -4.78
N GLU B 34 -14.26 26.26 -5.82
CA GLU B 34 -15.51 26.70 -6.38
C GLU B 34 -16.27 25.45 -6.72
N ILE B 35 -17.36 25.23 -6.04
CA ILE B 35 -18.08 23.98 -6.16
C ILE B 35 -19.33 24.12 -7.01
N ASN B 36 -20.01 25.23 -6.90
CA ASN B 36 -21.29 25.41 -7.62
C ASN B 36 -21.10 26.41 -8.74
N GLU B 37 -20.06 27.14 -8.62
CA GLU B 37 -19.73 28.21 -9.52
C GLU B 37 -18.98 27.71 -10.74
N LYS B 38 -18.55 28.64 -11.55
CA LYS B 38 -17.79 28.36 -12.74
C LYS B 38 -16.53 27.58 -12.43
N LYS B 39 -16.32 26.52 -13.16
CA LYS B 39 -15.21 25.63 -12.92
C LYS B 39 -14.57 25.21 -14.23
N ASN A 5 -13.12 -11.85 2.90
CA ASN A 5 -13.95 -12.77 2.13
C ASN A 5 -13.09 -13.51 1.12
N GLU A 6 -12.92 -14.79 1.38
CA GLU A 6 -12.02 -15.64 0.62
C GLU A 6 -12.61 -16.03 -0.73
N TYR A 7 -13.91 -15.99 -0.83
CA TYR A 7 -14.59 -16.47 -2.03
C TYR A 7 -14.74 -15.40 -3.09
N LYS A 8 -14.14 -14.30 -2.83
CA LYS A 8 -14.09 -13.24 -3.80
C LYS A 8 -12.78 -13.34 -4.56
N ASP A 9 -11.75 -13.66 -3.81
CA ASP A 9 -10.36 -13.84 -4.29
C ASP A 9 -9.68 -12.59 -4.83
N ASN A 10 -10.45 -11.56 -5.05
CA ASN A 10 -9.95 -10.25 -5.54
C ASN A 10 -9.35 -9.45 -4.39
N ALA A 11 -8.82 -10.14 -3.42
CA ALA A 11 -8.28 -9.54 -2.23
C ALA A 11 -6.78 -9.45 -2.34
N TYR A 12 -6.26 -9.88 -3.47
CA TYR A 12 -4.85 -9.96 -3.66
C TYR A 12 -4.38 -8.82 -4.51
N ILE A 13 -3.22 -8.33 -4.21
CA ILE A 13 -2.61 -7.26 -4.93
C ILE A 13 -1.13 -7.51 -5.05
N TYR A 14 -0.56 -6.91 -6.03
CA TYR A 14 0.83 -6.97 -6.28
C TYR A 14 1.41 -5.63 -5.95
N ILE A 15 2.36 -5.63 -5.06
CA ILE A 15 3.05 -4.43 -4.71
C ILE A 15 4.43 -4.57 -5.32
N GLY A 16 4.82 -3.60 -6.06
CA GLY A 16 6.08 -3.64 -6.72
C GLY A 16 6.88 -2.40 -6.47
N ASN A 17 8.15 -2.48 -6.79
CA ASN A 17 9.13 -1.43 -6.60
C ASN A 17 9.30 -1.12 -5.11
N LEU A 18 9.54 -2.19 -4.38
CA LEU A 18 9.75 -2.13 -2.94
C LEU A 18 11.15 -1.67 -2.61
N ASN A 19 11.30 -1.23 -1.40
CA ASN A 19 12.58 -0.85 -0.87
C ASN A 19 13.08 -2.02 -0.06
N ARG A 20 14.38 -2.22 -0.07
CA ARG A 20 15.02 -3.30 0.66
C ARG A 20 14.74 -3.23 2.16
N GLU A 21 14.48 -2.01 2.65
CA GLU A 21 14.28 -1.78 4.07
C GLU A 21 12.83 -2.01 4.47
N LEU A 22 11.96 -2.15 3.49
CA LEU A 22 10.56 -2.31 3.77
C LEU A 22 10.22 -3.73 4.04
N THR A 23 9.75 -3.94 5.22
CA THR A 23 9.40 -5.23 5.70
C THR A 23 7.88 -5.36 5.76
N GLU A 24 7.41 -6.55 6.06
CA GLU A 24 5.99 -6.84 6.20
C GLU A 24 5.37 -5.91 7.20
N GLY A 25 6.09 -5.66 8.29
CA GLY A 25 5.61 -4.80 9.33
C GLY A 25 5.34 -3.39 8.86
N ASP A 26 6.23 -2.83 8.04
CA ASP A 26 6.06 -1.47 7.55
C ASP A 26 4.88 -1.44 6.60
N ILE A 27 4.83 -2.43 5.70
CA ILE A 27 3.76 -2.58 4.72
C ILE A 27 2.41 -2.71 5.44
N LEU A 28 2.36 -3.52 6.48
CA LEU A 28 1.15 -3.74 7.23
C LEU A 28 0.61 -2.45 7.82
N THR A 29 1.47 -1.64 8.39
CA THR A 29 1.05 -0.38 8.96
C THR A 29 0.45 0.54 7.88
N VAL A 30 1.13 0.64 6.78
CA VAL A 30 0.72 1.46 5.66
C VAL A 30 -0.61 0.97 5.06
N PHE A 31 -0.68 -0.31 4.80
CA PHE A 31 -1.82 -0.94 4.20
C PHE A 31 -3.04 -0.96 5.12
N SER A 32 -2.80 -0.88 6.42
CA SER A 32 -3.89 -0.82 7.38
C SER A 32 -4.66 0.49 7.28
N GLU A 33 -4.05 1.52 6.70
CA GLU A 33 -4.76 2.79 6.43
C GLU A 33 -5.91 2.53 5.42
N TYR A 34 -5.72 1.52 4.61
CA TYR A 34 -6.64 1.23 3.54
C TYR A 34 -7.64 0.16 3.93
N GLY A 35 -7.49 -0.37 5.10
CA GLY A 35 -8.41 -1.35 5.55
C GLY A 35 -7.77 -2.34 6.47
N VAL A 36 -8.30 -3.52 6.50
CA VAL A 36 -7.79 -4.54 7.36
C VAL A 36 -7.04 -5.60 6.58
N PRO A 37 -5.72 -5.67 6.75
CA PRO A 37 -4.90 -6.70 6.15
C PRO A 37 -5.10 -8.02 6.90
N VAL A 38 -5.04 -9.12 6.19
CA VAL A 38 -5.17 -10.42 6.86
C VAL A 38 -3.89 -11.25 6.72
N ASP A 39 -3.11 -10.98 5.66
CA ASP A 39 -1.87 -11.72 5.44
C ASP A 39 -0.98 -10.90 4.54
N VAL A 40 0.32 -10.99 4.73
CA VAL A 40 1.28 -10.24 3.94
C VAL A 40 2.56 -11.06 3.72
N ILE A 41 3.02 -11.10 2.50
CA ILE A 41 4.23 -11.79 2.16
C ILE A 41 5.21 -10.82 1.55
N LEU A 42 6.39 -10.78 2.10
CA LEU A 42 7.43 -9.98 1.55
C LEU A 42 8.30 -10.91 0.76
N SER A 43 8.48 -10.65 -0.50
CA SER A 43 9.31 -11.47 -1.27
C SER A 43 10.73 -11.03 -1.02
N ARG A 44 11.53 -11.89 -0.47
CA ARG A 44 12.87 -11.53 -0.10
C ARG A 44 13.86 -12.51 -0.67
N ASP A 45 15.04 -12.02 -0.88
CA ASP A 45 16.13 -12.84 -1.31
C ASP A 45 16.71 -13.46 -0.09
N GLU A 46 16.73 -14.75 -0.07
CA GLU A 46 17.16 -15.55 1.06
C GLU A 46 18.62 -15.28 1.46
N ASN A 47 19.40 -14.77 0.55
CA ASN A 47 20.81 -14.53 0.80
C ASN A 47 21.01 -13.22 1.51
N THR A 48 20.34 -12.18 1.04
CA THR A 48 20.52 -10.85 1.59
C THR A 48 19.55 -10.60 2.75
N GLY A 49 18.46 -11.34 2.76
CA GLY A 49 17.43 -11.18 3.76
C GLY A 49 16.60 -9.95 3.48
N GLU A 50 16.81 -9.36 2.33
CA GLU A 50 16.15 -8.13 1.96
C GLU A 50 15.12 -8.40 0.89
N SER A 51 14.29 -7.42 0.67
CA SER A 51 13.22 -7.50 -0.30
C SER A 51 13.78 -7.69 -1.71
N GLN A 52 13.01 -8.36 -2.53
CA GLN A 52 13.33 -8.57 -3.91
C GLN A 52 12.81 -7.43 -4.75
N GLY A 53 12.13 -6.51 -4.08
CA GLY A 53 11.61 -5.36 -4.75
C GLY A 53 10.15 -5.48 -5.07
N PHE A 54 9.47 -6.41 -4.41
CA PHE A 54 8.05 -6.60 -4.59
C PHE A 54 7.50 -7.37 -3.39
N ALA A 55 6.22 -7.24 -3.13
CA ALA A 55 5.58 -7.93 -2.04
C ALA A 55 4.10 -8.16 -2.32
N TYR A 56 3.44 -8.86 -1.41
CA TYR A 56 2.04 -9.23 -1.52
C TYR A 56 1.33 -8.97 -0.20
N LEU A 57 0.09 -8.52 -0.28
CA LEU A 57 -0.73 -8.33 0.90
C LEU A 57 -2.19 -8.55 0.51
N LYS A 58 -2.95 -9.19 1.37
CA LYS A 58 -4.34 -9.45 1.10
C LYS A 58 -5.19 -8.85 2.20
N TYR A 59 -6.33 -8.35 1.84
CA TYR A 59 -7.23 -7.72 2.76
C TYR A 59 -8.44 -8.56 3.00
N GLU A 60 -9.15 -8.22 4.05
CA GLU A 60 -10.42 -8.85 4.39
C GLU A 60 -11.52 -8.36 3.44
N ASP A 61 -11.32 -7.16 2.89
CA ASP A 61 -12.32 -6.53 2.06
C ASP A 61 -11.71 -6.11 0.75
N GLN A 62 -12.41 -6.35 -0.33
CA GLN A 62 -11.98 -5.96 -1.67
C GLN A 62 -12.02 -4.44 -1.90
N ARG A 63 -12.77 -3.72 -1.10
CA ARG A 63 -12.77 -2.26 -1.16
C ARG A 63 -11.43 -1.72 -0.70
N SER A 64 -10.88 -2.40 0.24
CA SER A 64 -9.59 -2.09 0.80
C SER A 64 -8.46 -2.25 -0.24
N THR A 65 -8.55 -3.26 -1.10
CA THR A 65 -7.50 -3.49 -2.07
C THR A 65 -7.42 -2.33 -3.07
N ILE A 66 -8.57 -1.89 -3.56
CA ILE A 66 -8.67 -0.77 -4.48
C ILE A 66 -8.23 0.52 -3.80
N LEU A 67 -8.60 0.68 -2.52
CA LEU A 67 -8.18 1.84 -1.72
C LEU A 67 -6.67 1.93 -1.64
N ALA A 68 -6.05 0.79 -1.42
CA ALA A 68 -4.61 0.74 -1.29
C ALA A 68 -3.94 0.99 -2.62
N VAL A 69 -4.41 0.32 -3.67
CA VAL A 69 -3.84 0.50 -5.01
C VAL A 69 -3.89 1.97 -5.44
N ASP A 70 -5.04 2.55 -5.23
CA ASP A 70 -5.36 3.92 -5.61
C ASP A 70 -4.44 4.95 -4.97
N ASN A 71 -4.10 4.72 -3.74
CA ASN A 71 -3.29 5.69 -3.00
C ASN A 71 -1.84 5.36 -2.96
N LEU A 72 -1.52 4.11 -3.15
CA LEU A 72 -0.16 3.67 -3.01
C LEU A 72 0.55 3.66 -4.31
N ASN A 73 -0.19 3.42 -5.37
CA ASN A 73 0.41 3.48 -6.67
C ASN A 73 0.82 4.92 -6.90
N GLY A 74 2.08 5.12 -7.19
CA GLY A 74 2.56 6.46 -7.41
C GLY A 74 2.92 7.19 -6.12
N PHE A 75 2.76 6.52 -4.99
CA PHE A 75 3.09 7.12 -3.72
C PHE A 75 4.51 6.77 -3.36
N LYS A 76 5.24 7.72 -2.87
CA LYS A 76 6.63 7.52 -2.58
C LYS A 76 6.87 7.16 -1.12
N ILE A 77 7.44 6.00 -0.92
CA ILE A 77 7.84 5.56 0.40
C ILE A 77 9.30 5.16 0.30
N GLY A 78 10.07 5.46 1.32
CA GLY A 78 11.49 5.14 1.33
C GLY A 78 12.27 5.80 0.20
N GLY A 79 11.71 6.84 -0.37
CA GLY A 79 12.35 7.54 -1.45
C GLY A 79 12.06 6.93 -2.81
N ARG A 80 11.11 6.02 -2.89
CA ARG A 80 10.76 5.40 -4.16
C ARG A 80 9.25 5.29 -4.31
N ALA A 81 8.77 5.35 -5.52
CA ALA A 81 7.35 5.29 -5.79
C ALA A 81 6.86 3.86 -5.82
N LEU A 82 5.87 3.57 -5.05
CA LEU A 82 5.29 2.26 -5.01
C LEU A 82 4.40 1.99 -6.19
N LYS A 83 4.44 0.77 -6.64
CA LYS A 83 3.61 0.34 -7.70
C LYS A 83 2.66 -0.71 -7.19
N ILE A 84 1.38 -0.47 -7.27
CA ILE A 84 0.43 -1.45 -6.82
C ILE A 84 -0.47 -1.81 -7.97
N ASP A 85 -0.73 -3.07 -8.15
CA ASP A 85 -1.60 -3.52 -9.21
C ASP A 85 -2.39 -4.71 -8.70
N HIS A 86 -3.58 -4.91 -9.20
CA HIS A 86 -4.38 -6.07 -8.81
C HIS A 86 -3.85 -7.30 -9.49
N THR A 87 -3.90 -8.40 -8.81
CA THR A 87 -3.41 -9.64 -9.33
C THR A 87 -3.99 -10.75 -8.47
N PHE A 88 -3.92 -11.97 -8.91
CA PHE A 88 -4.29 -13.04 -8.04
C PHE A 88 -3.03 -13.77 -7.69
N TYR A 89 -2.64 -13.66 -6.46
CA TYR A 89 -1.44 -14.27 -5.97
C TYR A 89 -1.84 -15.45 -5.11
N ARG A 90 -1.18 -16.56 -5.28
CA ARG A 90 -1.46 -17.68 -4.44
C ARG A 90 -0.24 -18.03 -3.62
N PRO A 91 -0.36 -17.89 -2.31
CA PRO A 91 0.72 -18.24 -1.39
C PRO A 91 0.89 -19.76 -1.29
N LYS A 92 2.06 -20.19 -0.97
CA LYS A 92 2.31 -21.57 -0.79
C LYS A 92 2.49 -21.81 0.68
N ARG A 93 1.69 -22.66 1.23
CA ARG A 93 1.78 -23.00 2.62
C ARG A 93 2.22 -24.45 2.69
N ASN B 5 -9.99 5.94 -3.11
CA ASN B 5 -10.50 7.31 -3.01
C ASN B 5 -11.75 7.36 -2.10
N ARG B 6 -11.53 7.63 -0.81
CA ARG B 6 -12.59 7.90 0.17
C ARG B 6 -13.66 6.83 0.44
N PHE B 7 -13.22 5.66 0.76
CA PHE B 7 -14.13 4.58 1.11
C PHE B 7 -14.27 4.52 2.62
N ALA B 8 -15.25 3.81 3.13
CA ALA B 8 -15.51 3.82 4.55
C ALA B 8 -15.17 2.49 5.17
N ILE B 9 -13.91 2.18 5.22
CA ILE B 9 -13.44 0.95 5.81
C ILE B 9 -12.53 1.29 6.97
N MET B 10 -12.77 0.64 8.10
CA MET B 10 -11.98 0.85 9.30
C MET B 10 -10.56 0.31 9.08
N PRO B 11 -9.59 0.94 9.71
CA PRO B 11 -8.19 0.55 9.59
C PRO B 11 -7.84 -0.67 10.45
N GLY B 12 -6.87 -1.44 10.00
CA GLY B 12 -6.43 -2.60 10.74
C GLY B 12 -5.62 -2.23 11.98
N SER B 13 -5.40 -3.20 12.85
CA SER B 13 -4.69 -3.00 14.10
C SER B 13 -3.20 -2.73 13.88
N ARG B 14 -2.72 -3.00 12.67
CA ARG B 14 -1.31 -2.78 12.33
C ARG B 14 -1.05 -1.32 12.05
N TRP B 15 -2.10 -0.54 11.97
CA TRP B 15 -1.99 0.85 11.70
C TRP B 15 -1.55 1.61 12.93
N ASP B 16 -0.57 2.38 12.70
CA ASP B 16 0.02 3.29 13.60
C ASP B 16 -0.10 4.55 12.83
N GLY B 17 -0.49 5.63 13.49
CA GLY B 17 -0.76 7.01 12.96
C GLY B 17 0.21 7.52 11.91
N VAL B 18 0.22 6.84 10.86
CA VAL B 18 0.95 7.08 9.66
C VAL B 18 -0.04 7.47 8.58
N HIS B 19 0.08 8.66 8.06
CA HIS B 19 -0.88 9.16 7.07
C HIS B 19 -0.46 8.72 5.67
N ARG B 20 -1.28 7.89 5.04
CA ARG B 20 -0.93 7.41 3.72
C ARG B 20 -2.05 7.65 2.71
N SER B 21 -1.82 8.59 1.83
CA SER B 21 -2.72 8.91 0.76
C SER B 21 -1.88 9.35 -0.42
N ASN B 22 -2.37 9.18 -1.64
CA ASN B 22 -1.58 9.62 -2.80
C ASN B 22 -1.52 11.13 -2.80
N GLY B 23 -0.37 11.67 -3.03
CA GLY B 23 -0.25 13.09 -2.98
C GLY B 23 0.81 13.60 -3.90
N PHE B 24 0.86 13.10 -5.09
CA PHE B 24 1.82 13.58 -6.06
C PHE B 24 1.40 14.93 -6.64
N GLU B 25 0.11 15.12 -6.77
CA GLU B 25 -0.45 16.33 -7.35
C GLU B 25 -0.21 17.54 -6.45
N GLU B 26 -0.31 17.35 -5.15
CA GLU B 26 -0.10 18.41 -4.18
C GLU B 26 1.32 18.95 -4.26
N LYS B 27 2.27 18.06 -4.54
CA LYS B 27 3.67 18.40 -4.59
C LYS B 27 3.89 19.35 -5.73
N TRP B 28 3.29 19.03 -6.86
CA TRP B 28 3.36 19.84 -8.06
C TRP B 28 2.76 21.20 -7.78
N PHE B 29 1.64 21.19 -7.10
CA PHE B 29 0.93 22.39 -6.72
C PHE B 29 1.73 23.23 -5.70
N ALA B 30 2.48 22.56 -4.88
CA ALA B 30 3.28 23.22 -3.88
C ALA B 30 4.54 23.82 -4.49
N LYS B 31 5.16 23.12 -5.40
CA LYS B 31 6.42 23.56 -5.97
C LYS B 31 6.24 24.43 -7.19
N GLN B 32 5.03 24.44 -7.73
CA GLN B 32 4.72 25.21 -8.94
C GLN B 32 4.82 26.71 -8.67
N ASN B 33 4.99 27.05 -7.40
CA ASN B 33 5.17 28.44 -6.99
C ASN B 33 6.52 28.92 -7.52
N GLU B 34 7.42 27.97 -7.65
CA GLU B 34 8.73 28.17 -8.17
C GLU B 34 8.64 28.04 -9.68
N ILE B 35 8.88 29.13 -10.35
CA ILE B 35 8.72 29.18 -11.81
C ILE B 35 10.03 29.48 -12.54
N ASN B 36 10.93 30.14 -11.86
CA ASN B 36 12.21 30.53 -12.48
C ASN B 36 13.31 29.63 -11.92
N GLU B 37 12.96 28.97 -10.85
CA GLU B 37 13.83 28.10 -10.09
C GLU B 37 14.39 26.90 -10.86
N LYS B 38 15.28 26.20 -10.21
CA LYS B 38 16.03 25.12 -10.81
C LYS B 38 15.27 23.81 -10.70
N LYS B 39 14.65 23.60 -9.59
CA LYS B 39 13.94 22.37 -9.33
C LYS B 39 12.46 22.63 -9.39
N ASN A 5 -14.84 -12.85 2.91
CA ASN A 5 -15.40 -13.88 2.05
C ASN A 5 -14.28 -14.58 1.31
N GLU A 6 -13.89 -15.73 1.80
CA GLU A 6 -12.80 -16.49 1.26
C GLU A 6 -13.20 -17.36 0.10
N TYR A 7 -14.47 -17.32 -0.23
CA TYR A 7 -15.01 -18.04 -1.38
C TYR A 7 -14.91 -17.19 -2.63
N LYS A 8 -14.34 -16.04 -2.44
CA LYS A 8 -13.95 -15.14 -3.50
C LYS A 8 -12.47 -14.95 -3.30
N ASP A 9 -12.17 -14.35 -2.14
CA ASP A 9 -10.82 -14.06 -1.67
C ASP A 9 -10.00 -13.33 -2.72
N ASN A 10 -10.71 -12.46 -3.44
CA ASN A 10 -10.16 -11.64 -4.53
C ASN A 10 -9.46 -10.41 -3.96
N ALA A 11 -8.89 -10.59 -2.79
CA ALA A 11 -8.27 -9.52 -2.03
C ALA A 11 -6.78 -9.48 -2.25
N TYR A 12 -6.32 -10.00 -3.35
CA TYR A 12 -4.90 -10.07 -3.59
C TYR A 12 -4.45 -8.86 -4.39
N ILE A 13 -3.27 -8.39 -4.10
CA ILE A 13 -2.65 -7.30 -4.83
C ILE A 13 -1.18 -7.55 -4.98
N TYR A 14 -0.61 -6.87 -5.90
CA TYR A 14 0.78 -6.91 -6.19
C TYR A 14 1.38 -5.58 -5.81
N ILE A 15 2.35 -5.61 -4.96
CA ILE A 15 3.05 -4.41 -4.63
C ILE A 15 4.41 -4.52 -5.27
N GLY A 16 4.79 -3.53 -6.00
CA GLY A 16 6.01 -3.55 -6.71
C GLY A 16 6.86 -2.37 -6.38
N ASN A 17 8.15 -2.53 -6.59
CA ASN A 17 9.19 -1.54 -6.30
C ASN A 17 9.31 -1.33 -4.80
N LEU A 18 9.57 -2.40 -4.11
CA LEU A 18 9.79 -2.37 -2.69
C LEU A 18 11.20 -2.00 -2.40
N ASN A 19 11.38 -1.25 -1.36
CA ASN A 19 12.68 -0.88 -0.92
C ASN A 19 13.25 -2.07 -0.18
N ARG A 20 14.53 -2.28 -0.31
CA ARG A 20 15.24 -3.36 0.34
C ARG A 20 15.11 -3.30 1.87
N GLU A 21 14.87 -2.10 2.39
CA GLU A 21 14.79 -1.88 3.83
C GLU A 21 13.36 -2.08 4.34
N LEU A 22 12.40 -2.12 3.43
CA LEU A 22 11.01 -2.24 3.82
C LEU A 22 10.66 -3.62 4.26
N THR A 23 10.00 -3.69 5.37
CA THR A 23 9.64 -4.92 5.96
C THR A 23 8.12 -5.10 5.98
N GLU A 24 7.69 -6.30 6.38
CA GLU A 24 6.28 -6.65 6.47
C GLU A 24 5.54 -5.68 7.38
N GLY A 25 6.17 -5.33 8.49
CA GLY A 25 5.60 -4.43 9.47
C GLY A 25 5.31 -3.06 8.88
N ASP A 26 6.20 -2.59 8.01
CA ASP A 26 6.02 -1.28 7.38
C ASP A 26 4.84 -1.33 6.47
N ILE A 27 4.82 -2.36 5.63
CA ILE A 27 3.75 -2.56 4.68
C ILE A 27 2.41 -2.70 5.40
N LEU A 28 2.39 -3.49 6.44
CA LEU A 28 1.17 -3.74 7.19
C LEU A 28 0.61 -2.47 7.77
N THR A 29 1.46 -1.65 8.32
CA THR A 29 1.03 -0.42 8.94
C THR A 29 0.40 0.52 7.90
N VAL A 30 1.08 0.66 6.79
CA VAL A 30 0.64 1.54 5.72
C VAL A 30 -0.67 1.03 5.12
N PHE A 31 -0.66 -0.25 4.78
CA PHE A 31 -1.77 -0.90 4.16
C PHE A 31 -3.00 -0.97 5.06
N SER A 32 -2.79 -0.81 6.35
CA SER A 32 -3.86 -0.78 7.31
C SER A 32 -4.66 0.51 7.24
N GLU A 33 -4.08 1.60 6.74
CA GLU A 33 -4.83 2.86 6.60
C GLU A 33 -5.95 2.71 5.52
N TYR A 34 -5.77 1.72 4.65
CA TYR A 34 -6.71 1.46 3.56
C TYR A 34 -7.70 0.37 3.92
N GLY A 35 -7.47 -0.31 5.02
CA GLY A 35 -8.35 -1.36 5.42
C GLY A 35 -7.69 -2.35 6.32
N VAL A 36 -8.24 -3.53 6.39
CA VAL A 36 -7.74 -4.56 7.28
C VAL A 36 -6.94 -5.62 6.52
N PRO A 37 -5.61 -5.67 6.72
CA PRO A 37 -4.75 -6.68 6.13
C PRO A 37 -4.82 -7.99 6.93
N VAL A 38 -4.90 -9.11 6.25
CA VAL A 38 -4.99 -10.38 6.94
C VAL A 38 -3.76 -11.26 6.75
N ASP A 39 -2.99 -10.99 5.71
CA ASP A 39 -1.79 -11.76 5.41
C ASP A 39 -0.91 -10.93 4.52
N VAL A 40 0.38 -11.04 4.70
CA VAL A 40 1.31 -10.32 3.90
C VAL A 40 2.53 -11.19 3.67
N ILE A 41 3.00 -11.23 2.46
CA ILE A 41 4.19 -11.94 2.12
C ILE A 41 5.18 -10.99 1.55
N LEU A 42 6.27 -10.86 2.20
CA LEU A 42 7.32 -10.05 1.70
C LEU A 42 8.18 -10.99 0.91
N SER A 43 8.29 -10.78 -0.36
CA SER A 43 9.10 -11.63 -1.13
C SER A 43 10.53 -11.19 -0.94
N ARG A 44 11.32 -12.07 -0.37
CA ARG A 44 12.68 -11.77 -0.06
C ARG A 44 13.55 -12.81 -0.68
N ASP A 45 14.69 -12.42 -1.10
CA ASP A 45 15.62 -13.34 -1.68
C ASP A 45 16.46 -13.83 -0.54
N GLU A 46 16.31 -15.09 -0.21
CA GLU A 46 16.99 -15.70 0.94
C GLU A 46 18.52 -15.67 0.85
N ASN A 47 19.05 -15.42 -0.33
CA ASN A 47 20.47 -15.39 -0.52
C ASN A 47 21.00 -14.06 -0.08
N THR A 48 20.32 -13.00 -0.46
CA THR A 48 20.74 -11.67 -0.11
C THR A 48 20.20 -11.30 1.26
N GLY A 49 19.11 -11.95 1.63
CA GLY A 49 18.45 -11.69 2.89
C GLY A 49 17.61 -10.43 2.81
N GLU A 50 17.45 -9.91 1.62
CA GLU A 50 16.77 -8.67 1.41
C GLU A 50 15.51 -8.89 0.59
N SER A 51 14.68 -7.88 0.55
CA SER A 51 13.48 -7.89 -0.25
C SER A 51 13.84 -8.04 -1.73
N GLN A 52 13.02 -8.76 -2.46
CA GLN A 52 13.18 -8.91 -3.88
C GLN A 52 12.79 -7.66 -4.60
N GLY A 53 12.04 -6.82 -3.92
CA GLY A 53 11.59 -5.60 -4.52
C GLY A 53 10.12 -5.63 -4.85
N PHE A 54 9.42 -6.57 -4.27
CA PHE A 54 8.00 -6.66 -4.45
C PHE A 54 7.43 -7.44 -3.29
N ALA A 55 6.16 -7.28 -3.03
CA ALA A 55 5.53 -7.97 -1.95
C ALA A 55 4.05 -8.21 -2.26
N TYR A 56 3.42 -8.96 -1.41
CA TYR A 56 2.02 -9.31 -1.54
C TYR A 56 1.32 -9.05 -0.23
N LEU A 57 0.09 -8.58 -0.29
CA LEU A 57 -0.71 -8.38 0.88
C LEU A 57 -2.15 -8.60 0.51
N LYS A 58 -2.89 -9.22 1.39
CA LYS A 58 -4.29 -9.48 1.15
C LYS A 58 -5.10 -8.89 2.28
N TYR A 59 -6.24 -8.40 1.93
CA TYR A 59 -7.13 -7.78 2.87
C TYR A 59 -8.28 -8.69 3.18
N GLU A 60 -8.99 -8.35 4.22
CA GLU A 60 -10.18 -9.06 4.56
C GLU A 60 -11.31 -8.62 3.63
N ASP A 61 -11.25 -7.35 3.18
CA ASP A 61 -12.29 -6.77 2.36
C ASP A 61 -11.68 -6.33 1.01
N GLN A 62 -12.38 -6.59 -0.08
CA GLN A 62 -11.88 -6.27 -1.44
C GLN A 62 -11.82 -4.77 -1.71
N ARG A 63 -12.64 -4.01 -1.03
CA ARG A 63 -12.69 -2.55 -1.21
C ARG A 63 -11.41 -1.91 -0.73
N SER A 64 -10.85 -2.49 0.27
CA SER A 64 -9.59 -2.08 0.79
C SER A 64 -8.47 -2.16 -0.27
N THR A 65 -8.51 -3.20 -1.15
CA THR A 65 -7.47 -3.36 -2.17
C THR A 65 -7.44 -2.17 -3.13
N ILE A 66 -8.62 -1.77 -3.59
CA ILE A 66 -8.76 -0.64 -4.49
C ILE A 66 -8.35 0.65 -3.79
N LEU A 67 -8.71 0.76 -2.51
CA LEU A 67 -8.31 1.92 -1.72
C LEU A 67 -6.79 2.02 -1.64
N ALA A 68 -6.16 0.89 -1.41
CA ALA A 68 -4.73 0.87 -1.30
C ALA A 68 -4.05 1.07 -2.65
N VAL A 69 -4.50 0.36 -3.67
CA VAL A 69 -3.89 0.43 -4.99
C VAL A 69 -3.88 1.86 -5.54
N ASP A 70 -5.01 2.49 -5.49
CA ASP A 70 -5.21 3.80 -6.10
C ASP A 70 -4.40 4.87 -5.41
N ASN A 71 -4.34 4.79 -4.11
CA ASN A 71 -3.74 5.83 -3.31
C ASN A 71 -2.24 5.58 -3.03
N LEU A 72 -1.81 4.35 -3.16
CA LEU A 72 -0.40 3.99 -2.94
C LEU A 72 0.37 4.02 -4.23
N ASN A 73 -0.30 3.73 -5.34
CA ASN A 73 0.36 3.75 -6.65
C ASN A 73 0.92 5.14 -6.90
N GLY A 74 2.21 5.21 -7.18
CA GLY A 74 2.83 6.48 -7.49
C GLY A 74 3.34 7.22 -6.26
N PHE A 75 3.14 6.67 -5.08
CA PHE A 75 3.58 7.32 -3.87
C PHE A 75 5.04 6.96 -3.59
N LYS A 76 5.80 7.93 -3.11
CA LYS A 76 7.21 7.71 -2.86
C LYS A 76 7.49 7.41 -1.39
N ILE A 77 7.98 6.21 -1.15
CA ILE A 77 8.41 5.77 0.16
C ILE A 77 9.86 5.34 0.00
N GLY A 78 10.70 5.62 0.98
CA GLY A 78 12.10 5.24 0.93
C GLY A 78 12.86 5.83 -0.24
N GLY A 79 12.31 6.87 -0.84
CA GLY A 79 12.95 7.48 -1.97
C GLY A 79 12.61 6.79 -3.28
N ARG A 80 11.60 5.93 -3.29
CA ARG A 80 11.19 5.26 -4.50
C ARG A 80 9.66 5.25 -4.61
N ALA A 81 9.15 5.26 -5.81
CA ALA A 81 7.72 5.29 -6.04
C ALA A 81 7.14 3.88 -6.06
N LEU A 82 6.20 3.63 -5.19
CA LEU A 82 5.53 2.35 -5.10
C LEU A 82 4.57 2.12 -6.23
N LYS A 83 4.48 0.88 -6.63
CA LYS A 83 3.55 0.49 -7.60
C LYS A 83 2.66 -0.57 -7.01
N ILE A 84 1.39 -0.33 -7.01
CA ILE A 84 0.48 -1.32 -6.54
C ILE A 84 -0.36 -1.68 -7.72
N ASP A 85 -0.58 -2.93 -7.92
CA ASP A 85 -1.31 -3.38 -9.08
C ASP A 85 -2.18 -4.54 -8.64
N HIS A 86 -3.29 -4.76 -9.29
CA HIS A 86 -4.17 -5.85 -8.93
C HIS A 86 -3.69 -7.13 -9.58
N THR A 87 -3.71 -8.22 -8.85
CA THR A 87 -3.26 -9.49 -9.38
C THR A 87 -3.91 -10.59 -8.55
N PHE A 88 -3.80 -11.81 -9.01
CA PHE A 88 -4.19 -12.94 -8.21
C PHE A 88 -2.91 -13.65 -7.86
N TYR A 89 -2.58 -13.64 -6.60
CA TYR A 89 -1.34 -14.20 -6.16
C TYR A 89 -1.57 -15.53 -5.46
N ARG A 90 -0.73 -16.49 -5.76
CA ARG A 90 -0.79 -17.76 -5.08
C ARG A 90 0.42 -17.88 -4.17
N PRO A 91 0.20 -17.90 -2.86
CA PRO A 91 1.26 -18.02 -1.86
C PRO A 91 1.91 -19.40 -1.76
N LYS A 92 3.16 -19.37 -1.44
CA LYS A 92 3.93 -20.50 -1.06
C LYS A 92 4.45 -20.15 0.31
N ARG A 93 4.27 -21.01 1.25
CA ARG A 93 4.72 -20.73 2.58
C ARG A 93 5.96 -21.55 2.82
N ASN B 5 -10.95 6.76 -1.28
CA ASN B 5 -11.64 8.03 -1.33
C ASN B 5 -13.13 7.78 -1.23
N ARG B 6 -13.75 8.35 -0.18
CA ARG B 6 -15.22 8.25 0.14
C ARG B 6 -15.72 6.82 0.52
N PHE B 7 -14.82 5.95 0.89
CA PHE B 7 -15.18 4.59 1.35
C PHE B 7 -15.23 4.62 2.88
N ALA B 8 -15.79 3.59 3.48
CA ALA B 8 -15.94 3.58 4.92
C ALA B 8 -15.37 2.31 5.54
N ILE B 9 -14.33 1.77 4.95
CA ILE B 9 -13.67 0.61 5.54
C ILE B 9 -12.75 1.08 6.63
N MET B 10 -12.91 0.52 7.81
CA MET B 10 -12.10 0.90 8.94
C MET B 10 -10.68 0.40 8.77
N PRO B 11 -9.72 1.16 9.24
CA PRO B 11 -8.32 0.82 9.17
C PRO B 11 -7.97 -0.36 10.08
N GLY B 12 -7.01 -1.15 9.67
CA GLY B 12 -6.56 -2.30 10.40
C GLY B 12 -5.85 -1.94 11.70
N SER B 13 -5.66 -2.93 12.53
CA SER B 13 -5.06 -2.75 13.83
C SER B 13 -3.54 -2.53 13.76
N ARG B 14 -2.96 -2.78 12.60
CA ARG B 14 -1.52 -2.57 12.40
C ARG B 14 -1.24 -1.10 12.16
N TRP B 15 -2.29 -0.33 11.94
CA TRP B 15 -2.17 1.07 11.65
C TRP B 15 -1.75 1.86 12.86
N ASP B 16 -0.67 2.51 12.68
CA ASP B 16 -0.12 3.46 13.57
C ASP B 16 -0.21 4.70 12.78
N GLY B 17 -0.48 5.82 13.42
CA GLY B 17 -0.69 7.19 12.86
C GLY B 17 0.27 7.65 11.76
N VAL B 18 0.32 6.89 10.78
CA VAL B 18 1.09 7.02 9.59
C VAL B 18 0.13 7.28 8.46
N HIS B 19 0.34 8.33 7.75
CA HIS B 19 -0.53 8.70 6.66
C HIS B 19 0.21 8.55 5.35
N ARG B 20 -0.29 7.71 4.49
CA ARG B 20 0.34 7.50 3.21
C ARG B 20 -0.65 7.72 2.11
N SER B 21 -0.49 8.77 1.39
CA SER B 21 -1.39 9.08 0.30
C SER B 21 -0.69 9.76 -0.85
N ASN B 22 -0.90 9.25 -2.03
CA ASN B 22 -0.40 9.87 -3.20
C ASN B 22 -1.34 11.02 -3.53
N GLY B 23 -0.84 12.01 -4.21
CA GLY B 23 -1.63 13.15 -4.48
C GLY B 23 -1.10 14.34 -3.75
N PHE B 24 0.20 14.41 -3.62
CA PHE B 24 0.83 15.55 -2.99
C PHE B 24 0.89 16.77 -3.93
N GLU B 25 1.05 16.49 -5.21
CA GLU B 25 1.16 17.50 -6.27
C GLU B 25 -0.10 18.35 -6.31
N GLU B 26 -1.24 17.70 -6.20
CA GLU B 26 -2.52 18.35 -6.24
C GLU B 26 -2.72 19.30 -5.06
N LYS B 27 -2.18 18.96 -3.92
CA LYS B 27 -2.37 19.73 -2.69
C LYS B 27 -1.79 21.12 -2.82
N TRP B 28 -0.62 21.21 -3.41
CA TRP B 28 0.05 22.48 -3.62
C TRP B 28 -0.70 23.27 -4.68
N PHE B 29 -1.19 22.55 -5.66
CA PHE B 29 -1.98 23.09 -6.73
C PHE B 29 -3.32 23.63 -6.19
N ALA B 30 -3.91 22.90 -5.27
CA ALA B 30 -5.17 23.25 -4.66
C ALA B 30 -5.07 24.51 -3.81
N LYS B 31 -3.88 24.85 -3.36
CA LYS B 31 -3.72 26.06 -2.56
C LYS B 31 -3.17 27.22 -3.37
N GLN B 32 -2.44 26.91 -4.45
CA GLN B 32 -1.80 27.94 -5.29
C GLN B 32 -2.84 28.73 -6.07
N ASN B 33 -4.07 28.19 -6.04
CA ASN B 33 -5.25 28.79 -6.71
C ASN B 33 -5.53 30.20 -6.21
N GLU B 34 -5.06 30.47 -5.03
CA GLU B 34 -5.17 31.73 -4.37
C GLU B 34 -3.78 32.22 -4.08
N ILE B 35 -3.50 33.44 -4.43
CA ILE B 35 -2.17 33.99 -4.27
C ILE B 35 -1.97 34.71 -2.94
N ASN B 36 -3.00 35.39 -2.49
CA ASN B 36 -2.91 36.21 -1.28
C ASN B 36 -3.44 35.45 -0.08
N GLU B 37 -4.32 34.54 -0.36
CA GLU B 37 -5.01 33.85 0.66
C GLU B 37 -4.41 32.49 0.86
N LYS B 38 -4.51 32.05 2.06
CA LYS B 38 -3.97 30.78 2.48
C LYS B 38 -5.07 29.92 3.05
N LYS B 39 -6.17 30.58 3.45
CA LYS B 39 -7.28 29.98 4.17
C LYS B 39 -6.85 29.78 5.62
N ASN A 5 -12.34 -14.81 -0.48
CA ASN A 5 -13.63 -14.27 -0.89
C ASN A 5 -13.94 -14.96 -2.19
N GLU A 6 -14.63 -16.04 -2.08
CA GLU A 6 -14.61 -17.08 -3.11
C GLU A 6 -15.33 -16.73 -4.39
N TYR A 7 -16.16 -15.76 -4.32
CA TYR A 7 -16.98 -15.40 -5.44
C TYR A 7 -16.37 -14.26 -6.24
N LYS A 8 -15.25 -13.76 -5.76
CA LYS A 8 -14.56 -12.66 -6.40
C LYS A 8 -13.05 -12.87 -6.37
N ASP A 9 -12.51 -13.02 -5.18
CA ASP A 9 -11.07 -13.10 -4.90
C ASP A 9 -10.26 -12.01 -5.55
N ASN A 10 -10.64 -10.79 -5.26
CA ASN A 10 -9.92 -9.58 -5.68
C ASN A 10 -9.23 -9.04 -4.46
N ALA A 11 -8.90 -9.95 -3.56
CA ALA A 11 -8.34 -9.61 -2.27
C ALA A 11 -6.83 -9.53 -2.30
N TYR A 12 -6.24 -9.87 -3.43
CA TYR A 12 -4.79 -9.94 -3.53
C TYR A 12 -4.27 -8.78 -4.35
N ILE A 13 -3.13 -8.27 -3.99
CA ILE A 13 -2.48 -7.21 -4.73
C ILE A 13 -1.00 -7.44 -4.83
N TYR A 14 -0.42 -6.85 -5.82
CA TYR A 14 0.97 -6.91 -6.07
C TYR A 14 1.58 -5.56 -5.74
N ILE A 15 2.52 -5.57 -4.86
CA ILE A 15 3.21 -4.38 -4.50
C ILE A 15 4.60 -4.49 -5.09
N GLY A 16 5.02 -3.50 -5.81
CA GLY A 16 6.30 -3.53 -6.42
C GLY A 16 7.11 -2.30 -6.15
N ASN A 17 8.37 -2.35 -6.62
CA ASN A 17 9.36 -1.27 -6.47
C ASN A 17 9.74 -1.04 -5.03
N LEU A 18 9.57 -2.06 -4.19
CA LEU A 18 9.86 -1.99 -2.75
C LEU A 18 11.27 -1.61 -2.45
N ASN A 19 11.40 -0.80 -1.43
CA ASN A 19 12.68 -0.45 -0.89
C ASN A 19 13.20 -1.68 -0.17
N ARG A 20 14.48 -1.92 -0.25
CA ARG A 20 15.15 -3.05 0.38
C ARG A 20 14.96 -3.06 1.91
N GLU A 21 14.68 -1.89 2.49
CA GLU A 21 14.56 -1.75 3.94
C GLU A 21 13.14 -2.06 4.42
N LEU A 22 12.20 -2.10 3.50
CA LEU A 22 10.82 -2.27 3.85
C LEU A 22 10.48 -3.70 4.23
N THR A 23 9.91 -3.82 5.39
CA THR A 23 9.54 -5.07 5.97
C THR A 23 8.03 -5.22 5.95
N GLU A 24 7.56 -6.38 6.35
CA GLU A 24 6.15 -6.70 6.42
C GLU A 24 5.46 -5.71 7.34
N GLY A 25 6.11 -5.41 8.46
CA GLY A 25 5.55 -4.50 9.44
C GLY A 25 5.33 -3.11 8.87
N ASP A 26 6.24 -2.66 8.01
CA ASP A 26 6.12 -1.34 7.39
C ASP A 26 4.93 -1.34 6.47
N ILE A 27 4.89 -2.35 5.63
CA ILE A 27 3.83 -2.53 4.67
C ILE A 27 2.48 -2.67 5.37
N LEU A 28 2.45 -3.48 6.40
CA LEU A 28 1.23 -3.74 7.14
C LEU A 28 0.67 -2.49 7.74
N THR A 29 1.53 -1.69 8.33
CA THR A 29 1.11 -0.47 8.98
C THR A 29 0.49 0.50 7.97
N VAL A 30 1.15 0.65 6.85
CA VAL A 30 0.69 1.54 5.80
C VAL A 30 -0.62 1.03 5.21
N PHE A 31 -0.62 -0.23 4.84
CA PHE A 31 -1.74 -0.89 4.22
C PHE A 31 -2.96 -0.92 5.15
N SER A 32 -2.71 -0.88 6.44
CA SER A 32 -3.77 -0.83 7.43
C SER A 32 -4.55 0.49 7.37
N GLU A 33 -3.98 1.54 6.78
CA GLU A 33 -4.71 2.81 6.64
C GLU A 33 -5.86 2.63 5.59
N TYR A 34 -5.73 1.62 4.75
CA TYR A 34 -6.69 1.41 3.65
C TYR A 34 -7.72 0.37 4.02
N GLY A 35 -7.41 -0.43 5.00
CA GLY A 35 -8.31 -1.44 5.42
C GLY A 35 -7.64 -2.39 6.34
N VAL A 36 -8.19 -3.56 6.47
CA VAL A 36 -7.64 -4.55 7.36
C VAL A 36 -6.88 -5.62 6.58
N PRO A 37 -5.55 -5.65 6.74
CA PRO A 37 -4.71 -6.68 6.13
C PRO A 37 -4.81 -7.98 6.94
N VAL A 38 -4.84 -9.10 6.26
CA VAL A 38 -4.92 -10.38 6.97
C VAL A 38 -3.69 -11.24 6.74
N ASP A 39 -2.93 -10.94 5.69
CA ASP A 39 -1.73 -11.71 5.37
C ASP A 39 -0.86 -10.89 4.46
N VAL A 40 0.43 -10.97 4.67
CA VAL A 40 1.40 -10.27 3.85
C VAL A 40 2.64 -11.16 3.65
N ILE A 41 3.10 -11.24 2.44
CA ILE A 41 4.28 -11.99 2.10
C ILE A 41 5.30 -11.06 1.50
N LEU A 42 6.47 -11.05 2.05
CA LEU A 42 7.53 -10.24 1.54
C LEU A 42 8.43 -11.18 0.73
N SER A 43 8.81 -10.79 -0.43
CA SER A 43 9.72 -11.59 -1.18
C SER A 43 11.13 -11.12 -0.86
N ARG A 44 12.01 -12.04 -0.55
CA ARG A 44 13.37 -11.72 -0.18
C ARG A 44 14.35 -12.61 -0.88
N ASP A 45 15.46 -12.03 -1.27
CA ASP A 45 16.55 -12.75 -1.90
C ASP A 45 17.26 -13.54 -0.84
N GLU A 46 17.41 -14.83 -1.08
CA GLU A 46 18.02 -15.74 -0.09
C GLU A 46 19.47 -15.36 0.24
N ASN A 47 20.13 -14.67 -0.66
CA ASN A 47 21.53 -14.32 -0.48
C ASN A 47 21.68 -13.09 0.37
N THR A 48 20.94 -12.06 0.02
CA THR A 48 21.10 -10.79 0.71
C THR A 48 20.25 -10.74 1.96
N GLY A 49 19.20 -11.54 1.97
CA GLY A 49 18.27 -11.55 3.07
C GLY A 49 17.35 -10.34 3.02
N GLU A 50 17.48 -9.54 1.98
CA GLU A 50 16.73 -8.34 1.86
C GLU A 50 15.61 -8.51 0.86
N SER A 51 14.68 -7.59 0.92
CA SER A 51 13.52 -7.60 0.10
C SER A 51 13.87 -7.57 -1.39
N GLN A 52 13.24 -8.46 -2.15
CA GLN A 52 13.40 -8.59 -3.62
C GLN A 52 12.95 -7.35 -4.35
N GLY A 53 12.11 -6.59 -3.69
CA GLY A 53 11.62 -5.40 -4.31
C GLY A 53 10.16 -5.50 -4.66
N PHE A 54 9.53 -6.57 -4.22
CA PHE A 54 8.13 -6.75 -4.45
C PHE A 54 7.55 -7.54 -3.29
N ALA A 55 6.28 -7.35 -3.03
CA ALA A 55 5.62 -8.05 -1.96
C ALA A 55 4.16 -8.28 -2.28
N TYR A 56 3.50 -9.02 -1.43
CA TYR A 56 2.11 -9.38 -1.56
C TYR A 56 1.39 -9.10 -0.26
N LEU A 57 0.20 -8.57 -0.32
CA LEU A 57 -0.62 -8.36 0.84
C LEU A 57 -2.06 -8.56 0.46
N LYS A 58 -2.82 -9.17 1.32
CA LYS A 58 -4.20 -9.41 1.08
C LYS A 58 -5.04 -8.82 2.20
N TYR A 59 -6.16 -8.32 1.84
CA TYR A 59 -7.07 -7.73 2.79
C TYR A 59 -8.26 -8.62 2.96
N GLU A 60 -9.00 -8.38 4.02
CA GLU A 60 -10.22 -9.09 4.24
C GLU A 60 -11.32 -8.49 3.35
N ASP A 61 -11.23 -7.19 3.12
CA ASP A 61 -12.24 -6.50 2.35
C ASP A 61 -11.67 -6.08 1.01
N GLN A 62 -12.39 -6.39 -0.04
CA GLN A 62 -11.98 -6.10 -1.40
C GLN A 62 -12.01 -4.62 -1.75
N ARG A 63 -12.77 -3.86 -1.01
CA ARG A 63 -12.80 -2.42 -1.19
C ARG A 63 -11.46 -1.84 -0.78
N SER A 64 -10.87 -2.46 0.21
CA SER A 64 -9.58 -2.08 0.72
C SER A 64 -8.47 -2.25 -0.33
N THR A 65 -8.54 -3.31 -1.15
CA THR A 65 -7.48 -3.55 -2.12
C THR A 65 -7.43 -2.42 -3.16
N ILE A 66 -8.59 -2.04 -3.67
CA ILE A 66 -8.71 -0.93 -4.62
C ILE A 66 -8.31 0.38 -3.97
N LEU A 67 -8.71 0.55 -2.70
CA LEU A 67 -8.33 1.74 -1.93
C LEU A 67 -6.83 1.87 -1.80
N ALA A 68 -6.18 0.77 -1.52
CA ALA A 68 -4.76 0.77 -1.30
C ALA A 68 -4.03 0.98 -2.61
N VAL A 69 -4.44 0.26 -3.64
CA VAL A 69 -3.81 0.40 -4.96
C VAL A 69 -3.87 1.85 -5.45
N ASP A 70 -5.04 2.42 -5.37
CA ASP A 70 -5.32 3.77 -5.88
C ASP A 70 -4.51 4.83 -5.16
N ASN A 71 -4.37 4.66 -3.88
CA ASN A 71 -3.78 5.69 -3.04
C ASN A 71 -2.27 5.46 -2.80
N LEU A 72 -1.82 4.23 -2.99
CA LEU A 72 -0.41 3.88 -2.75
C LEU A 72 0.39 3.92 -4.01
N ASN A 73 -0.25 3.61 -5.11
CA ASN A 73 0.44 3.56 -6.37
C ASN A 73 0.92 4.95 -6.75
N GLY A 74 2.20 5.08 -7.03
CA GLY A 74 2.77 6.36 -7.41
C GLY A 74 3.22 7.17 -6.21
N PHE A 75 3.03 6.65 -5.01
CA PHE A 75 3.39 7.37 -3.81
C PHE A 75 4.83 7.03 -3.41
N LYS A 76 5.58 8.04 -3.02
CA LYS A 76 6.97 7.88 -2.67
C LYS A 76 7.17 7.60 -1.20
N ILE A 77 7.69 6.44 -0.91
CA ILE A 77 8.03 6.05 0.43
C ILE A 77 9.48 5.59 0.39
N GLY A 78 10.24 5.93 1.40
CA GLY A 78 11.65 5.55 1.44
C GLY A 78 12.46 6.16 0.31
N GLY A 79 11.93 7.21 -0.29
CA GLY A 79 12.60 7.86 -1.39
C GLY A 79 12.17 7.31 -2.74
N ARG A 80 11.44 6.23 -2.73
CA ARG A 80 11.07 5.57 -3.93
C ARG A 80 9.57 5.38 -4.08
N ALA A 81 9.11 5.44 -5.30
CA ALA A 81 7.70 5.35 -5.59
C ALA A 81 7.22 3.91 -5.57
N LEU A 82 6.07 3.71 -4.97
CA LEU A 82 5.43 2.43 -4.94
C LEU A 82 4.65 2.13 -6.18
N LYS A 83 4.58 0.89 -6.52
CA LYS A 83 3.78 0.45 -7.61
C LYS A 83 2.86 -0.61 -7.07
N ILE A 84 1.58 -0.38 -7.18
CA ILE A 84 0.63 -1.36 -6.69
C ILE A 84 -0.25 -1.73 -7.84
N ASP A 85 -0.49 -2.99 -8.01
CA ASP A 85 -1.35 -3.46 -9.08
C ASP A 85 -2.14 -4.64 -8.55
N HIS A 86 -3.24 -4.93 -9.17
CA HIS A 86 -4.05 -6.07 -8.79
C HIS A 86 -3.50 -7.30 -9.43
N THR A 87 -3.51 -8.37 -8.72
CA THR A 87 -3.01 -9.60 -9.20
C THR A 87 -3.72 -10.69 -8.40
N PHE A 88 -3.72 -11.90 -8.87
CA PHE A 88 -4.24 -12.95 -8.05
C PHE A 88 -3.09 -13.83 -7.59
N TYR A 89 -2.80 -13.76 -6.34
CA TYR A 89 -1.72 -14.52 -5.78
C TYR A 89 -2.25 -15.64 -4.91
N ARG A 90 -1.64 -16.78 -4.99
CA ARG A 90 -1.94 -17.88 -4.10
C ARG A 90 -0.67 -18.27 -3.35
N PRO A 91 -0.67 -18.10 -2.02
CA PRO A 91 0.48 -18.40 -1.16
C PRO A 91 0.89 -19.88 -1.19
N LYS A 92 2.17 -20.12 -1.23
CA LYS A 92 2.69 -21.45 -1.21
C LYS A 92 2.72 -21.90 0.22
N ARG A 93 2.08 -23.00 0.51
CA ARG A 93 2.06 -23.53 1.84
C ARG A 93 3.27 -24.42 2.00
N ASN B 5 -9.93 7.13 -2.01
CA ASN B 5 -10.86 6.95 -3.14
C ASN B 5 -12.32 7.03 -2.63
N ARG B 6 -12.48 7.37 -1.35
CA ARG B 6 -13.78 7.55 -0.73
C ARG B 6 -14.60 6.34 -0.40
N PHE B 7 -13.99 5.45 0.29
CA PHE B 7 -14.65 4.28 0.81
C PHE B 7 -14.60 4.37 2.33
N ALA B 8 -15.38 3.58 3.02
CA ALA B 8 -15.39 3.63 4.46
C ALA B 8 -15.15 2.26 5.04
N ILE B 9 -13.90 1.91 5.13
CA ILE B 9 -13.48 0.65 5.67
C ILE B 9 -12.58 0.91 6.86
N MET B 10 -12.84 0.22 7.96
CA MET B 10 -12.07 0.35 9.18
C MET B 10 -10.60 -0.01 8.94
N PRO B 11 -9.70 0.75 9.56
CA PRO B 11 -8.27 0.51 9.44
C PRO B 11 -7.85 -0.75 10.19
N GLY B 12 -6.74 -1.32 9.77
CA GLY B 12 -6.24 -2.53 10.39
C GLY B 12 -5.61 -2.26 11.74
N SER B 13 -5.33 -3.32 12.48
CA SER B 13 -4.76 -3.22 13.79
C SER B 13 -3.26 -2.90 13.70
N ARG B 14 -2.67 -3.09 12.52
CA ARG B 14 -1.26 -2.81 12.35
C ARG B 14 -1.00 -1.33 12.14
N TRP B 15 -2.06 -0.57 12.05
CA TRP B 15 -1.98 0.84 11.82
C TRP B 15 -1.45 1.57 13.02
N ASP B 16 -0.46 2.32 12.74
CA ASP B 16 0.16 3.25 13.63
C ASP B 16 -0.07 4.52 12.91
N GLY B 17 -0.28 5.60 13.63
CA GLY B 17 -0.59 6.98 13.13
C GLY B 17 0.34 7.51 12.04
N VAL B 18 0.40 6.79 11.02
CA VAL B 18 1.09 7.03 9.81
C VAL B 18 0.06 7.48 8.80
N HIS B 19 0.37 8.52 8.08
CA HIS B 19 -0.52 9.03 7.05
C HIS B 19 0.12 8.79 5.70
N ARG B 20 -0.47 7.95 4.90
CA ARG B 20 0.04 7.73 3.57
C ARG B 20 -1.08 7.93 2.58
N SER B 21 -1.02 9.02 1.87
CA SER B 21 -2.02 9.35 0.88
C SER B 21 -1.39 10.11 -0.27
N ASN B 22 -1.64 9.66 -1.47
CA ASN B 22 -1.13 10.27 -2.65
C ASN B 22 -2.26 11.03 -3.33
N GLY B 23 -1.93 11.87 -4.27
CA GLY B 23 -2.93 12.62 -4.97
C GLY B 23 -3.17 13.96 -4.33
N PHE B 24 -2.35 14.30 -3.39
CA PHE B 24 -2.46 15.56 -2.67
C PHE B 24 -1.96 16.72 -3.54
N GLU B 25 -0.96 16.44 -4.37
CA GLU B 25 -0.35 17.45 -5.23
C GLU B 25 -1.37 18.01 -6.20
N GLU B 26 -2.17 17.14 -6.79
CA GLU B 26 -3.20 17.55 -7.73
C GLU B 26 -4.22 18.46 -7.06
N LYS B 27 -4.51 18.19 -5.79
CA LYS B 27 -5.48 18.96 -5.03
C LYS B 27 -4.99 20.38 -4.87
N TRP B 28 -3.73 20.51 -4.52
CA TRP B 28 -3.12 21.81 -4.37
C TRP B 28 -3.06 22.50 -5.70
N PHE B 29 -2.70 21.75 -6.73
CA PHE B 29 -2.60 22.24 -8.07
C PHE B 29 -3.96 22.70 -8.60
N ALA B 30 -4.98 21.99 -8.24
CA ALA B 30 -6.31 22.29 -8.67
C ALA B 30 -6.84 23.57 -8.02
N LYS B 31 -6.42 23.86 -6.80
CA LYS B 31 -6.92 25.04 -6.11
C LYS B 31 -6.03 26.25 -6.29
N GLN B 32 -4.78 26.00 -6.67
CA GLN B 32 -3.77 27.06 -6.86
C GLN B 32 -4.04 27.83 -8.13
N ASN B 33 -5.14 27.47 -8.80
CA ASN B 33 -5.56 28.13 -10.02
C ASN B 33 -5.78 29.62 -9.78
N GLU B 34 -6.17 29.95 -8.57
CA GLU B 34 -6.40 31.31 -8.19
C GLU B 34 -5.09 31.97 -7.77
N ILE B 35 -4.74 33.05 -8.46
CA ILE B 35 -3.48 33.73 -8.24
C ILE B 35 -3.66 35.00 -7.43
N ASN B 36 -4.82 35.59 -7.52
CA ASN B 36 -5.08 36.83 -6.79
C ASN B 36 -6.03 36.56 -5.64
N GLU B 37 -6.82 35.55 -5.80
CA GLU B 37 -7.77 35.18 -4.80
C GLU B 37 -7.12 34.16 -3.86
N LYS B 38 -7.81 33.81 -2.82
CA LYS B 38 -7.35 32.82 -1.85
C LYS B 38 -7.37 31.43 -2.47
N LYS B 39 -6.57 30.53 -1.94
CA LYS B 39 -6.51 29.20 -2.47
C LYS B 39 -6.35 28.17 -1.34
N ASN A 5 -15.68 -10.43 -0.94
CA ASN A 5 -16.41 -11.47 -1.67
C ASN A 5 -15.43 -12.55 -2.06
N GLU A 6 -15.57 -13.73 -1.48
CA GLU A 6 -14.57 -14.79 -1.62
C GLU A 6 -14.49 -15.31 -3.04
N TYR A 7 -15.59 -15.20 -3.74
CA TYR A 7 -15.71 -15.76 -5.05
C TYR A 7 -15.27 -14.82 -6.15
N LYS A 8 -14.59 -13.76 -5.77
CA LYS A 8 -14.00 -12.86 -6.72
C LYS A 8 -12.54 -13.14 -6.84
N ASP A 9 -11.92 -13.36 -5.68
CA ASP A 9 -10.49 -13.73 -5.55
C ASP A 9 -9.60 -12.50 -5.82
N ASN A 10 -10.23 -11.35 -5.85
CA ASN A 10 -9.57 -10.05 -6.11
C ASN A 10 -9.09 -9.44 -4.80
N ALA A 11 -8.86 -10.29 -3.82
CA ALA A 11 -8.42 -9.85 -2.51
C ALA A 11 -6.91 -9.75 -2.47
N TYR A 12 -6.28 -10.06 -3.60
CA TYR A 12 -4.84 -10.08 -3.67
C TYR A 12 -4.36 -8.91 -4.51
N ILE A 13 -3.24 -8.38 -4.14
CA ILE A 13 -2.61 -7.30 -4.87
C ILE A 13 -1.15 -7.56 -4.99
N TYR A 14 -0.55 -6.90 -5.93
CA TYR A 14 0.84 -6.98 -6.17
C TYR A 14 1.46 -5.65 -5.85
N ILE A 15 2.41 -5.67 -4.98
CA ILE A 15 3.15 -4.49 -4.64
C ILE A 15 4.53 -4.65 -5.25
N GLY A 16 4.95 -3.68 -5.98
CA GLY A 16 6.23 -3.72 -6.62
C GLY A 16 7.03 -2.47 -6.37
N ASN A 17 8.33 -2.58 -6.57
CA ASN A 17 9.34 -1.53 -6.39
C ASN A 17 9.52 -1.21 -4.90
N LEU A 18 9.54 -2.26 -4.10
CA LEU A 18 9.81 -2.13 -2.68
C LEU A 18 11.23 -1.73 -2.43
N ASN A 19 11.43 -1.06 -1.35
CA ASN A 19 12.74 -0.66 -0.92
C ASN A 19 13.30 -1.84 -0.14
N ARG A 20 14.59 -2.01 -0.17
CA ARG A 20 15.29 -3.07 0.55
C ARG A 20 15.00 -2.99 2.05
N GLU A 21 14.67 -1.79 2.52
CA GLU A 21 14.47 -1.53 3.93
C GLU A 21 13.00 -1.64 4.33
N LEU A 22 12.13 -1.93 3.38
CA LEU A 22 10.73 -2.05 3.68
C LEU A 22 10.40 -3.46 4.04
N THR A 23 9.86 -3.60 5.22
CA THR A 23 9.54 -4.87 5.77
C THR A 23 8.03 -5.06 5.80
N GLU A 24 7.61 -6.26 6.19
CA GLU A 24 6.19 -6.58 6.34
C GLU A 24 5.53 -5.60 7.29
N GLY A 25 6.25 -5.25 8.36
CA GLY A 25 5.75 -4.31 9.34
C GLY A 25 5.44 -2.95 8.75
N ASP A 26 6.31 -2.50 7.84
CA ASP A 26 6.11 -1.20 7.20
C ASP A 26 4.88 -1.26 6.33
N ILE A 27 4.83 -2.30 5.51
CA ILE A 27 3.74 -2.52 4.60
C ILE A 27 2.43 -2.66 5.35
N LEU A 28 2.43 -3.46 6.39
CA LEU A 28 1.24 -3.72 7.18
C LEU A 28 0.68 -2.46 7.77
N THR A 29 1.54 -1.61 8.29
CA THR A 29 1.10 -0.38 8.91
C THR A 29 0.44 0.54 7.88
N VAL A 30 1.08 0.68 6.74
CA VAL A 30 0.59 1.54 5.68
C VAL A 30 -0.71 0.99 5.10
N PHE A 31 -0.69 -0.28 4.79
CA PHE A 31 -1.79 -0.97 4.21
C PHE A 31 -3.00 -1.03 5.13
N SER A 32 -2.75 -0.91 6.42
CA SER A 32 -3.81 -0.88 7.40
C SER A 32 -4.61 0.44 7.37
N GLU A 33 -4.03 1.50 6.81
CA GLU A 33 -4.78 2.75 6.70
C GLU A 33 -5.89 2.61 5.63
N TYR A 34 -5.69 1.65 4.73
CA TYR A 34 -6.62 1.42 3.64
C TYR A 34 -7.67 0.38 4.01
N GLY A 35 -7.35 -0.45 4.97
CA GLY A 35 -8.25 -1.47 5.38
C GLY A 35 -7.58 -2.43 6.30
N VAL A 36 -8.19 -3.56 6.51
CA VAL A 36 -7.67 -4.55 7.43
C VAL A 36 -6.90 -5.65 6.69
N PRO A 37 -5.57 -5.70 6.86
CA PRO A 37 -4.74 -6.75 6.28
C PRO A 37 -4.85 -8.04 7.10
N VAL A 38 -4.86 -9.16 6.44
CA VAL A 38 -4.95 -10.43 7.13
C VAL A 38 -3.75 -11.33 6.85
N ASP A 39 -3.00 -11.01 5.81
CA ASP A 39 -1.86 -11.82 5.39
C ASP A 39 -0.99 -11.01 4.47
N VAL A 40 0.30 -11.09 4.68
CA VAL A 40 1.26 -10.36 3.89
C VAL A 40 2.50 -11.23 3.70
N ILE A 41 3.01 -11.25 2.52
CA ILE A 41 4.22 -11.97 2.22
C ILE A 41 5.24 -11.03 1.69
N LEU A 42 6.37 -10.96 2.35
CA LEU A 42 7.44 -10.17 1.86
C LEU A 42 8.39 -11.11 1.20
N SER A 43 8.51 -10.98 -0.06
CA SER A 43 9.39 -11.79 -0.81
C SER A 43 10.80 -11.24 -0.62
N ARG A 44 11.68 -12.01 -0.06
CA ARG A 44 13.04 -11.59 0.15
C ARG A 44 13.97 -12.41 -0.68
N ASP A 45 15.04 -11.80 -1.08
CA ASP A 45 16.07 -12.44 -1.85
C ASP A 45 16.98 -13.20 -0.94
N GLU A 46 17.02 -14.50 -1.11
CA GLU A 46 17.83 -15.39 -0.30
C GLU A 46 19.33 -15.10 -0.39
N ASN A 47 19.75 -14.47 -1.46
CA ASN A 47 21.15 -14.22 -1.69
C ASN A 47 21.61 -13.03 -0.87
N THR A 48 20.89 -11.94 -0.97
CA THR A 48 21.22 -10.67 -0.33
C THR A 48 20.69 -10.58 1.11
N GLY A 49 19.64 -11.35 1.38
CA GLY A 49 19.01 -11.31 2.68
C GLY A 49 18.15 -10.07 2.85
N GLU A 50 17.78 -9.46 1.73
CA GLU A 50 16.98 -8.25 1.72
C GLU A 50 15.73 -8.49 0.92
N SER A 51 14.82 -7.55 0.93
CA SER A 51 13.57 -7.65 0.19
C SER A 51 13.83 -7.79 -1.34
N GLN A 52 12.96 -8.51 -2.02
CA GLN A 52 13.04 -8.73 -3.47
C GLN A 52 12.53 -7.56 -4.26
N GLY A 53 11.92 -6.64 -3.59
CA GLY A 53 11.39 -5.50 -4.25
C GLY A 53 9.93 -5.65 -4.58
N PHE A 54 9.34 -6.74 -4.16
CA PHE A 54 7.93 -6.94 -4.41
C PHE A 54 7.35 -7.70 -3.24
N ALA A 55 6.09 -7.49 -2.98
CA ALA A 55 5.43 -8.14 -1.88
C ALA A 55 3.96 -8.36 -2.20
N TYR A 56 3.30 -9.11 -1.37
CA TYR A 56 1.91 -9.47 -1.52
C TYR A 56 1.18 -9.22 -0.21
N LEU A 57 -0.01 -8.71 -0.29
CA LEU A 57 -0.83 -8.49 0.89
C LEU A 57 -2.28 -8.68 0.52
N LYS A 58 -3.04 -9.30 1.39
CA LYS A 58 -4.46 -9.50 1.17
C LYS A 58 -5.24 -8.91 2.32
N TYR A 59 -6.38 -8.38 2.01
CA TYR A 59 -7.22 -7.75 3.00
C TYR A 59 -8.41 -8.60 3.31
N GLU A 60 -9.06 -8.26 4.40
CA GLU A 60 -10.28 -8.92 4.81
C GLU A 60 -11.46 -8.39 3.97
N ASP A 61 -11.31 -7.17 3.47
CA ASP A 61 -12.35 -6.54 2.67
C ASP A 61 -11.72 -6.15 1.33
N GLN A 62 -12.37 -6.51 0.24
CA GLN A 62 -11.83 -6.23 -1.10
C GLN A 62 -11.85 -4.74 -1.45
N ARG A 63 -12.67 -3.97 -0.78
CA ARG A 63 -12.74 -2.54 -0.99
C ARG A 63 -11.41 -1.89 -0.60
N SER A 64 -10.80 -2.46 0.36
CA SER A 64 -9.54 -2.02 0.85
C SER A 64 -8.43 -2.15 -0.21
N THR A 65 -8.46 -3.20 -1.03
CA THR A 65 -7.40 -3.40 -2.01
C THR A 65 -7.39 -2.26 -3.04
N ILE A 66 -8.57 -1.91 -3.53
CA ILE A 66 -8.72 -0.80 -4.48
C ILE A 66 -8.32 0.52 -3.84
N LEU A 67 -8.69 0.70 -2.57
CA LEU A 67 -8.27 1.90 -1.82
C LEU A 67 -6.75 1.98 -1.72
N ALA A 68 -6.13 0.85 -1.44
CA ALA A 68 -4.70 0.80 -1.30
C ALA A 68 -3.99 0.96 -2.62
N VAL A 69 -4.44 0.23 -3.64
CA VAL A 69 -3.83 0.31 -4.96
C VAL A 69 -3.85 1.73 -5.50
N ASP A 70 -4.98 2.34 -5.41
CA ASP A 70 -5.21 3.65 -6.00
C ASP A 70 -4.44 4.74 -5.30
N ASN A 71 -4.22 4.58 -4.01
CA ASN A 71 -3.55 5.64 -3.23
C ASN A 71 -2.08 5.37 -3.02
N LEU A 72 -1.68 4.14 -3.17
CA LEU A 72 -0.28 3.77 -2.97
C LEU A 72 0.46 3.79 -4.28
N ASN A 73 -0.25 3.54 -5.36
CA ASN A 73 0.35 3.58 -6.68
C ASN A 73 0.91 4.98 -6.92
N GLY A 74 2.18 5.06 -7.23
CA GLY A 74 2.78 6.33 -7.53
C GLY A 74 3.22 7.10 -6.28
N PHE A 75 2.99 6.52 -5.10
CA PHE A 75 3.41 7.18 -3.89
C PHE A 75 4.86 6.81 -3.61
N LYS A 76 5.63 7.81 -3.27
CA LYS A 76 7.04 7.59 -3.04
C LYS A 76 7.33 7.31 -1.58
N ILE A 77 7.87 6.15 -1.33
CA ILE A 77 8.35 5.78 -0.01
C ILE A 77 9.81 5.46 -0.20
N GLY A 78 10.65 5.84 0.74
CA GLY A 78 12.09 5.59 0.64
C GLY A 78 12.70 6.21 -0.61
N GLY A 79 12.05 7.23 -1.14
CA GLY A 79 12.53 7.91 -2.33
C GLY A 79 12.15 7.20 -3.63
N ARG A 80 11.33 6.17 -3.55
CA ARG A 80 10.91 5.43 -4.73
C ARG A 80 9.39 5.28 -4.78
N ALA A 81 8.82 5.39 -5.96
CA ALA A 81 7.39 5.29 -6.12
C ALA A 81 6.94 3.84 -6.12
N LEU A 82 6.07 3.53 -5.21
CA LEU A 82 5.49 2.22 -5.11
C LEU A 82 4.58 1.93 -6.27
N LYS A 83 4.63 0.72 -6.71
CA LYS A 83 3.77 0.30 -7.75
C LYS A 83 2.85 -0.74 -7.20
N ILE A 84 1.59 -0.44 -7.18
CA ILE A 84 0.62 -1.40 -6.71
C ILE A 84 -0.27 -1.71 -7.87
N ASP A 85 -0.56 -2.97 -8.05
CA ASP A 85 -1.41 -3.39 -9.12
C ASP A 85 -2.25 -4.56 -8.65
N HIS A 86 -3.42 -4.72 -9.21
CA HIS A 86 -4.28 -5.83 -8.85
C HIS A 86 -3.85 -7.08 -9.58
N THR A 87 -3.79 -8.17 -8.88
CA THR A 87 -3.33 -9.39 -9.46
C THR A 87 -3.97 -10.52 -8.70
N PHE A 88 -3.87 -11.72 -9.20
CA PHE A 88 -4.25 -12.84 -8.40
C PHE A 88 -2.96 -13.53 -8.05
N TYR A 89 -2.58 -13.47 -6.82
CA TYR A 89 -1.37 -14.13 -6.39
C TYR A 89 -1.72 -15.35 -5.60
N ARG A 90 -1.10 -16.44 -5.89
CA ARG A 90 -1.33 -17.62 -5.11
C ARG A 90 -0.04 -17.89 -4.35
N PRO A 91 -0.07 -17.74 -3.02
CA PRO A 91 1.11 -17.95 -2.19
C PRO A 91 1.55 -19.39 -2.03
N LYS A 92 2.84 -19.49 -1.86
CA LYS A 92 3.53 -20.70 -1.54
C LYS A 92 4.24 -20.45 -0.23
N ARG A 93 3.90 -21.20 0.75
CA ARG A 93 4.53 -21.04 2.04
C ARG A 93 5.78 -21.89 2.02
N ASN B 5 -10.48 7.90 -0.96
CA ASN B 5 -11.39 7.70 -2.12
C ASN B 5 -12.84 7.66 -1.72
N ARG B 6 -13.12 7.99 -0.47
CA ARG B 6 -14.48 8.08 0.03
C ARG B 6 -15.22 6.76 0.08
N PHE B 7 -14.55 5.87 0.68
CA PHE B 7 -15.02 4.53 0.96
C PHE B 7 -15.23 4.45 2.45
N ALA B 8 -15.89 3.44 2.93
CA ALA B 8 -16.13 3.32 4.34
C ALA B 8 -15.67 1.97 4.85
N ILE B 9 -14.39 1.87 5.11
CA ILE B 9 -13.79 0.67 5.66
C ILE B 9 -13.02 1.03 6.91
N MET B 10 -13.21 0.27 7.97
CA MET B 10 -12.49 0.45 9.19
C MET B 10 -11.03 0.02 8.99
N PRO B 11 -10.08 0.84 9.44
CA PRO B 11 -8.64 0.58 9.28
C PRO B 11 -8.15 -0.68 10.02
N GLY B 12 -7.02 -1.17 9.60
CA GLY B 12 -6.43 -2.36 10.16
C GLY B 12 -5.76 -2.14 11.48
N SER B 13 -5.44 -3.22 12.14
CA SER B 13 -4.89 -3.20 13.46
C SER B 13 -3.41 -2.83 13.46
N ARG B 14 -2.78 -2.94 12.30
CA ARG B 14 -1.34 -2.69 12.21
C ARG B 14 -1.06 -1.21 11.97
N TRP B 15 -2.11 -0.44 11.89
CA TRP B 15 -2.02 0.96 11.62
C TRP B 15 -1.60 1.74 12.85
N ASP B 16 -0.61 2.50 12.61
CA ASP B 16 -0.07 3.48 13.48
C ASP B 16 -0.18 4.73 12.68
N GLY B 17 -0.41 5.86 13.34
CA GLY B 17 -0.65 7.23 12.79
C GLY B 17 0.29 7.72 11.69
N VAL B 18 0.32 6.95 10.71
CA VAL B 18 1.04 7.11 9.50
C VAL B 18 0.03 7.35 8.42
N HIS B 19 0.21 8.41 7.67
CA HIS B 19 -0.71 8.72 6.62
C HIS B 19 -0.02 8.54 5.29
N ARG B 20 -0.55 7.70 4.46
CA ARG B 20 0.00 7.47 3.15
C ARG B 20 -1.04 7.65 2.08
N SER B 21 -0.90 8.67 1.31
CA SER B 21 -1.78 8.89 0.19
C SER B 21 -1.00 9.58 -0.93
N ASN B 22 -1.25 9.21 -2.18
CA ASN B 22 -0.58 9.82 -3.34
C ASN B 22 -1.12 11.21 -3.66
N GLY B 23 -1.78 11.80 -2.71
CA GLY B 23 -2.24 13.13 -2.82
C GLY B 23 -1.37 14.00 -1.96
N PHE B 24 -0.09 13.84 -2.11
CA PHE B 24 0.88 14.61 -1.35
C PHE B 24 1.05 16.03 -1.89
N GLU B 25 0.91 16.18 -3.20
CA GLU B 25 1.11 17.48 -3.87
C GLU B 25 0.13 18.53 -3.39
N GLU B 26 -1.12 18.13 -3.29
CA GLU B 26 -2.20 18.98 -2.87
C GLU B 26 -1.98 19.49 -1.46
N LYS B 27 -1.38 18.68 -0.63
CA LYS B 27 -1.11 19.03 0.75
C LYS B 27 -0.15 20.20 0.80
N TRP B 28 0.86 20.15 -0.05
CA TRP B 28 1.85 21.22 -0.14
C TRP B 28 1.18 22.49 -0.66
N PHE B 29 0.29 22.30 -1.60
CA PHE B 29 -0.48 23.39 -2.16
C PHE B 29 -1.46 23.94 -1.11
N ALA B 30 -1.94 23.10 -0.26
CA ALA B 30 -2.85 23.52 0.77
C ALA B 30 -2.11 24.28 1.87
N LYS B 31 -0.92 23.82 2.21
CA LYS B 31 -0.17 24.40 3.32
C LYS B 31 0.57 25.64 2.91
N GLN B 32 0.68 25.83 1.61
CA GLN B 32 1.39 26.98 1.08
C GLN B 32 0.54 28.26 1.23
N ASN B 33 -0.61 28.09 1.85
CA ASN B 33 -1.50 29.21 2.16
C ASN B 33 -0.84 30.10 3.19
N GLU B 34 0.04 29.50 3.97
CA GLU B 34 0.78 30.19 4.98
C GLU B 34 1.68 31.22 4.36
N ILE B 35 1.40 32.42 4.69
CA ILE B 35 2.06 33.56 4.13
C ILE B 35 3.11 34.09 5.06
N ASN B 36 2.91 33.87 6.33
CA ASN B 36 3.87 34.33 7.32
C ASN B 36 4.39 33.18 8.13
N GLU B 37 3.61 32.13 8.22
CA GLU B 37 3.98 31.00 9.00
C GLU B 37 4.88 30.01 8.27
N LYS B 38 5.35 29.04 9.02
CA LYS B 38 6.33 28.10 8.58
C LYS B 38 5.75 26.70 8.35
N LYS B 39 5.58 26.34 7.11
CA LYS B 39 5.16 25.01 6.72
C LYS B 39 5.89 24.66 5.46
N ASN A 5 -16.20 -8.21 -1.92
CA ASN A 5 -17.14 -9.34 -1.95
C ASN A 5 -16.50 -10.57 -1.35
N GLU A 6 -17.16 -11.15 -0.36
CA GLU A 6 -16.60 -12.26 0.43
C GLU A 6 -16.60 -13.58 -0.31
N TYR A 7 -17.26 -13.61 -1.42
CA TYR A 7 -17.39 -14.80 -2.22
C TYR A 7 -16.34 -14.83 -3.31
N LYS A 8 -15.40 -13.91 -3.23
CA LYS A 8 -14.33 -13.81 -4.17
C LYS A 8 -13.00 -13.84 -3.45
N ASP A 9 -11.95 -14.15 -4.16
CA ASP A 9 -10.59 -14.18 -3.62
C ASP A 9 -9.75 -13.11 -4.29
N ASN A 10 -10.47 -12.13 -4.81
CA ASN A 10 -9.91 -10.95 -5.53
C ASN A 10 -9.31 -9.95 -4.53
N ALA A 11 -8.81 -10.45 -3.43
CA ALA A 11 -8.30 -9.63 -2.36
C ALA A 11 -6.78 -9.58 -2.42
N TYR A 12 -6.23 -9.97 -3.55
CA TYR A 12 -4.79 -10.06 -3.71
C TYR A 12 -4.28 -8.90 -4.53
N ILE A 13 -3.11 -8.43 -4.21
CA ILE A 13 -2.49 -7.34 -4.93
C ILE A 13 -1.02 -7.57 -5.08
N TYR A 14 -0.47 -6.91 -6.05
CA TYR A 14 0.91 -6.95 -6.35
C TYR A 14 1.51 -5.65 -5.90
N ILE A 15 2.42 -5.73 -4.99
CA ILE A 15 3.15 -4.57 -4.60
C ILE A 15 4.53 -4.75 -5.17
N GLY A 16 5.00 -3.80 -5.87
CA GLY A 16 6.29 -3.86 -6.45
C GLY A 16 7.01 -2.59 -6.18
N ASN A 17 8.29 -2.55 -6.51
CA ASN A 17 9.16 -1.39 -6.27
C ASN A 17 9.44 -1.24 -4.79
N LEU A 18 9.50 -2.37 -4.11
CA LEU A 18 9.81 -2.40 -2.69
C LEU A 18 11.21 -1.94 -2.43
N ASN A 19 11.36 -1.24 -1.34
CA ASN A 19 12.64 -0.73 -0.94
C ASN A 19 13.39 -1.79 -0.21
N ARG A 20 14.68 -1.66 -0.20
CA ARG A 20 15.58 -2.62 0.40
C ARG A 20 15.29 -2.84 1.89
N GLU A 21 14.79 -1.82 2.51
CA GLU A 21 14.59 -1.82 3.94
C GLU A 21 13.13 -1.95 4.36
N LEU A 22 12.25 -2.14 3.42
CA LEU A 22 10.85 -2.30 3.75
C LEU A 22 10.55 -3.73 4.12
N THR A 23 10.05 -3.90 5.30
CA THR A 23 9.72 -5.18 5.82
C THR A 23 8.20 -5.35 5.85
N GLU A 24 7.76 -6.55 6.19
CA GLU A 24 6.33 -6.88 6.29
C GLU A 24 5.60 -5.95 7.24
N GLY A 25 6.26 -5.60 8.34
CA GLY A 25 5.66 -4.74 9.34
C GLY A 25 5.41 -3.34 8.83
N ASP A 26 6.33 -2.82 8.02
CA ASP A 26 6.21 -1.47 7.47
C ASP A 26 5.03 -1.42 6.53
N ILE A 27 4.94 -2.46 5.70
CA ILE A 27 3.86 -2.61 4.74
C ILE A 27 2.52 -2.69 5.46
N LEU A 28 2.47 -3.49 6.52
CA LEU A 28 1.23 -3.72 7.25
C LEU A 28 0.68 -2.44 7.82
N THR A 29 1.52 -1.64 8.40
CA THR A 29 1.10 -0.38 8.98
C THR A 29 0.48 0.56 7.93
N VAL A 30 1.14 0.68 6.80
CA VAL A 30 0.67 1.51 5.72
C VAL A 30 -0.64 0.97 5.14
N PHE A 31 -0.63 -0.32 4.86
CA PHE A 31 -1.75 -1.00 4.28
C PHE A 31 -2.96 -1.03 5.22
N SER A 32 -2.70 -0.93 6.50
CA SER A 32 -3.75 -0.88 7.49
C SER A 32 -4.55 0.42 7.41
N GLU A 33 -3.99 1.47 6.80
CA GLU A 33 -4.75 2.70 6.63
C GLU A 33 -5.87 2.46 5.59
N TYR A 34 -5.63 1.49 4.71
CA TYR A 34 -6.54 1.21 3.61
C TYR A 34 -7.55 0.14 3.97
N GLY A 35 -7.36 -0.47 5.11
CA GLY A 35 -8.26 -1.47 5.54
C GLY A 35 -7.59 -2.45 6.44
N VAL A 36 -8.17 -3.60 6.57
CA VAL A 36 -7.64 -4.62 7.44
C VAL A 36 -6.86 -5.66 6.65
N PRO A 37 -5.53 -5.70 6.82
CA PRO A 37 -4.68 -6.69 6.19
C PRO A 37 -4.76 -8.02 6.98
N VAL A 38 -4.84 -9.13 6.28
CA VAL A 38 -4.94 -10.41 6.98
C VAL A 38 -3.72 -11.28 6.74
N ASP A 39 -3.00 -11.00 5.67
CA ASP A 39 -1.80 -11.76 5.35
C ASP A 39 -0.91 -10.92 4.48
N VAL A 40 0.37 -10.98 4.76
CA VAL A 40 1.34 -10.24 3.98
C VAL A 40 2.58 -11.11 3.78
N ILE A 41 3.07 -11.13 2.58
CA ILE A 41 4.26 -11.85 2.24
C ILE A 41 5.29 -10.92 1.65
N LEU A 42 6.47 -10.91 2.21
CA LEU A 42 7.55 -10.18 1.65
C LEU A 42 8.46 -11.18 1.00
N SER A 43 8.53 -11.13 -0.28
CA SER A 43 9.40 -11.98 -1.01
C SER A 43 10.80 -11.39 -0.93
N ARG A 44 11.73 -12.13 -0.39
CA ARG A 44 13.06 -11.61 -0.19
C ARG A 44 14.07 -12.28 -1.12
N ASP A 45 14.81 -11.46 -1.82
CA ASP A 45 15.84 -11.92 -2.74
C ASP A 45 17.00 -12.52 -2.00
N GLU A 46 17.29 -13.75 -2.35
CA GLU A 46 18.38 -14.53 -1.76
C GLU A 46 19.76 -13.90 -2.00
N ASN A 47 19.90 -13.12 -3.07
CA ASN A 47 21.20 -12.56 -3.44
C ASN A 47 21.53 -11.36 -2.57
N THR A 48 20.59 -10.46 -2.47
CA THR A 48 20.79 -9.24 -1.72
C THR A 48 20.48 -9.48 -0.24
N GLY A 49 19.65 -10.47 0.02
CA GLY A 49 19.23 -10.78 1.36
C GLY A 49 18.29 -9.73 1.91
N GLU A 50 17.80 -8.88 1.04
CA GLU A 50 16.96 -7.79 1.48
C GLU A 50 15.53 -8.06 1.06
N SER A 51 15.21 -7.71 -0.14
CA SER A 51 13.89 -7.88 -0.64
C SER A 51 13.95 -8.22 -2.12
N GLN A 52 12.94 -8.85 -2.64
CA GLN A 52 12.85 -9.14 -4.07
C GLN A 52 12.43 -7.90 -4.83
N GLY A 53 11.89 -6.96 -4.10
CA GLY A 53 11.40 -5.76 -4.70
C GLY A 53 9.92 -5.82 -4.91
N PHE A 54 9.32 -6.91 -4.52
CA PHE A 54 7.89 -7.07 -4.64
C PHE A 54 7.39 -7.76 -3.40
N ALA A 55 6.17 -7.51 -3.05
CA ALA A 55 5.56 -8.10 -1.92
C ALA A 55 4.08 -8.31 -2.20
N TYR A 56 3.42 -8.98 -1.32
CA TYR A 56 2.03 -9.31 -1.45
C TYR A 56 1.32 -9.06 -0.14
N LEU A 57 0.10 -8.60 -0.22
CA LEU A 57 -0.72 -8.41 0.94
C LEU A 57 -2.17 -8.61 0.54
N LYS A 58 -2.94 -9.24 1.38
CA LYS A 58 -4.34 -9.47 1.13
C LYS A 58 -5.15 -8.88 2.27
N TYR A 59 -6.29 -8.35 1.94
CA TYR A 59 -7.15 -7.72 2.90
C TYR A 59 -8.34 -8.55 3.23
N GLU A 60 -9.00 -8.18 4.31
CA GLU A 60 -10.25 -8.78 4.70
C GLU A 60 -11.36 -8.25 3.78
N ASP A 61 -11.22 -7.01 3.32
CA ASP A 61 -12.23 -6.40 2.47
C ASP A 61 -11.60 -6.03 1.12
N GLN A 62 -12.29 -6.35 0.06
CA GLN A 62 -11.81 -6.08 -1.30
C GLN A 62 -11.82 -4.59 -1.68
N ARG A 63 -12.57 -3.81 -0.98
CA ARG A 63 -12.57 -2.36 -1.18
C ARG A 63 -11.23 -1.79 -0.73
N SER A 64 -10.70 -2.40 0.26
CA SER A 64 -9.41 -2.07 0.80
C SER A 64 -8.28 -2.27 -0.24
N THR A 65 -8.37 -3.31 -1.07
CA THR A 65 -7.31 -3.58 -2.03
C THR A 65 -7.23 -2.44 -3.05
N ILE A 66 -8.39 -2.03 -3.56
CA ILE A 66 -8.47 -0.91 -4.50
C ILE A 66 -8.05 0.39 -3.84
N LEU A 67 -8.41 0.56 -2.58
CA LEU A 67 -7.97 1.73 -1.79
C LEU A 67 -6.47 1.80 -1.72
N ALA A 68 -5.86 0.68 -1.46
CA ALA A 68 -4.44 0.62 -1.32
C ALA A 68 -3.77 0.80 -2.67
N VAL A 69 -4.29 0.19 -3.69
CA VAL A 69 -3.73 0.33 -5.03
C VAL A 69 -3.78 1.79 -5.49
N ASP A 70 -4.94 2.38 -5.36
CA ASP A 70 -5.21 3.74 -5.83
C ASP A 70 -4.42 4.78 -5.05
N ASN A 71 -4.23 4.55 -3.80
CA ASN A 71 -3.54 5.50 -2.94
C ASN A 71 -2.02 5.31 -2.93
N LEU A 72 -1.59 4.09 -3.13
CA LEU A 72 -0.16 3.75 -3.00
C LEU A 72 0.55 3.72 -4.34
N ASN A 73 -0.19 3.46 -5.40
CA ASN A 73 0.41 3.40 -6.74
C ASN A 73 1.03 4.74 -7.08
N GLY A 74 2.30 4.74 -7.42
CA GLY A 74 2.97 5.95 -7.80
C GLY A 74 3.44 6.78 -6.62
N PHE A 75 3.17 6.33 -5.40
CA PHE A 75 3.56 7.08 -4.21
C PHE A 75 5.00 6.73 -3.85
N LYS A 76 5.77 7.72 -3.49
CA LYS A 76 7.17 7.51 -3.19
C LYS A 76 7.41 7.24 -1.71
N ILE A 77 7.91 6.07 -1.42
CA ILE A 77 8.34 5.71 -0.09
C ILE A 77 9.78 5.23 -0.24
N GLY A 78 10.63 5.54 0.71
CA GLY A 78 12.02 5.13 0.65
C GLY A 78 12.77 5.67 -0.56
N GLY A 79 12.25 6.72 -1.16
CA GLY A 79 12.87 7.31 -2.32
C GLY A 79 12.48 6.61 -3.62
N ARG A 80 11.50 5.75 -3.54
CA ARG A 80 11.06 5.02 -4.71
C ARG A 80 9.55 4.99 -4.78
N ALA A 81 9.04 5.01 -5.99
CA ALA A 81 7.62 5.03 -6.22
C ALA A 81 7.07 3.63 -6.19
N LEU A 82 6.20 3.37 -5.25
CA LEU A 82 5.58 2.07 -5.11
C LEU A 82 4.70 1.73 -6.27
N LYS A 83 4.78 0.50 -6.66
CA LYS A 83 3.99 0.02 -7.72
C LYS A 83 2.97 -0.93 -7.15
N ILE A 84 1.73 -0.58 -7.25
CA ILE A 84 0.70 -1.46 -6.75
C ILE A 84 -0.19 -1.78 -7.91
N ASP A 85 -0.48 -3.03 -8.10
CA ASP A 85 -1.32 -3.45 -9.18
C ASP A 85 -2.17 -4.63 -8.70
N HIS A 86 -3.31 -4.85 -9.30
CA HIS A 86 -4.16 -5.97 -8.93
C HIS A 86 -3.70 -7.25 -9.61
N THR A 87 -3.57 -8.31 -8.87
CA THR A 87 -3.07 -9.53 -9.41
C THR A 87 -3.63 -10.69 -8.57
N PHE A 88 -3.65 -11.89 -9.09
CA PHE A 88 -3.94 -13.02 -8.27
C PHE A 88 -2.64 -13.67 -7.92
N TYR A 89 -2.31 -13.61 -6.67
CA TYR A 89 -1.06 -14.12 -6.19
C TYR A 89 -1.30 -15.42 -5.45
N ARG A 90 -0.45 -16.39 -5.67
CA ARG A 90 -0.55 -17.63 -4.96
C ARG A 90 0.71 -17.83 -4.12
N PRO A 91 0.54 -17.83 -2.81
CA PRO A 91 1.63 -17.96 -1.84
C PRO A 91 2.20 -19.37 -1.73
N LYS A 92 3.46 -19.44 -1.42
CA LYS A 92 4.12 -20.68 -1.14
C LYS A 92 4.37 -20.77 0.35
N ARG A 93 3.81 -21.76 0.95
CA ARG A 93 3.95 -21.99 2.36
C ARG A 93 5.01 -23.03 2.56
N ASN B 5 -9.75 5.75 -3.34
CA ASN B 5 -9.83 7.08 -2.74
C ASN B 5 -11.10 7.25 -1.90
N ARG B 6 -10.92 7.61 -0.63
CA ARG B 6 -12.02 8.04 0.28
C ARG B 6 -13.18 7.02 0.45
N PHE B 7 -12.83 5.84 0.76
CA PHE B 7 -13.78 4.75 1.04
C PHE B 7 -13.97 4.64 2.56
N ALA B 8 -14.98 3.92 2.97
CA ALA B 8 -15.30 3.80 4.37
C ALA B 8 -15.10 2.38 4.83
N ILE B 9 -13.87 2.04 5.10
CA ILE B 9 -13.50 0.74 5.61
C ILE B 9 -12.69 0.96 6.86
N MET B 10 -12.93 0.16 7.86
CA MET B 10 -12.21 0.28 9.11
C MET B 10 -10.76 -0.09 8.90
N PRO B 11 -9.86 0.73 9.42
CA PRO B 11 -8.43 0.50 9.30
C PRO B 11 -7.97 -0.71 10.13
N GLY B 12 -6.84 -1.25 9.76
CA GLY B 12 -6.29 -2.39 10.45
C GLY B 12 -5.68 -2.01 11.78
N SER B 13 -5.46 -3.01 12.60
CA SER B 13 -4.91 -2.82 13.93
C SER B 13 -3.39 -2.60 13.87
N ARG B 14 -2.80 -2.90 12.71
CA ARG B 14 -1.33 -2.77 12.52
C ARG B 14 -0.98 -1.31 12.21
N TRP B 15 -1.99 -0.48 12.17
CA TRP B 15 -1.88 0.90 11.86
C TRP B 15 -1.45 1.71 13.05
N ASP B 16 -0.48 2.49 12.81
CA ASP B 16 0.01 3.48 13.69
C ASP B 16 -0.24 4.71 12.91
N GLY B 17 -0.52 5.81 13.57
CA GLY B 17 -0.89 7.16 13.01
C GLY B 17 -0.06 7.74 11.86
N VAL B 18 0.13 6.94 10.91
CA VAL B 18 0.76 7.18 9.66
C VAL B 18 -0.29 7.67 8.72
N HIS B 19 -0.01 8.73 8.05
CA HIS B 19 -0.88 9.25 7.03
C HIS B 19 -0.21 9.00 5.72
N ARG B 20 -0.74 8.09 4.96
CA ARG B 20 -0.12 7.75 3.72
C ARG B 20 -1.17 7.88 2.63
N SER B 21 -1.04 8.90 1.81
CA SER B 21 -2.03 9.17 0.81
C SER B 21 -1.38 9.83 -0.41
N ASN B 22 -2.00 9.66 -1.59
CA ASN B 22 -1.53 10.29 -2.88
C ASN B 22 -1.27 11.78 -2.72
N GLY B 23 -2.02 12.42 -1.85
CA GLY B 23 -1.92 13.85 -1.69
C GLY B 23 -3.22 14.54 -2.05
N PHE B 24 -4.30 13.78 -2.01
CA PHE B 24 -5.63 14.30 -2.34
C PHE B 24 -6.23 15.14 -1.20
N GLU B 25 -5.93 14.76 0.03
CA GLU B 25 -6.54 15.39 1.21
C GLU B 25 -6.14 16.85 1.30
N GLU B 26 -4.86 17.14 1.04
CA GLU B 26 -4.35 18.50 1.06
C GLU B 26 -5.04 19.37 0.03
N LYS B 27 -5.40 18.77 -1.09
CA LYS B 27 -6.05 19.48 -2.16
C LYS B 27 -7.43 19.89 -1.70
N TRP B 28 -8.12 18.95 -1.11
CA TRP B 28 -9.46 19.16 -0.58
C TRP B 28 -9.42 20.14 0.55
N PHE B 29 -8.41 20.01 1.37
CA PHE B 29 -8.18 20.86 2.52
C PHE B 29 -7.85 22.29 2.07
N ALA B 30 -7.25 22.42 0.94
CA ALA B 30 -6.92 23.70 0.40
C ALA B 30 -8.14 24.37 -0.23
N LYS B 31 -8.98 23.60 -0.92
CA LYS B 31 -10.13 24.17 -1.64
C LYS B 31 -11.36 24.26 -0.75
N GLN B 32 -11.29 23.62 0.40
CA GLN B 32 -12.41 23.61 1.35
C GLN B 32 -12.53 24.95 2.06
N ASN B 33 -11.66 25.87 1.66
CA ASN B 33 -11.66 27.24 2.19
C ASN B 33 -13.02 27.90 1.98
N GLU B 34 -13.64 27.58 0.86
CA GLU B 34 -14.94 28.06 0.53
C GLU B 34 -15.99 27.13 1.08
N ILE B 35 -16.63 27.58 2.09
CA ILE B 35 -17.67 26.85 2.78
C ILE B 35 -19.00 27.56 2.67
N ASN B 36 -18.96 28.87 2.66
CA ASN B 36 -20.18 29.65 2.58
C ASN B 36 -20.20 30.43 1.29
N GLU B 37 -19.01 30.70 0.80
CA GLU B 37 -18.80 31.49 -0.38
C GLU B 37 -19.42 30.83 -1.58
N LYS B 38 -19.86 31.62 -2.49
CA LYS B 38 -20.56 31.14 -3.65
C LYS B 38 -19.59 30.93 -4.76
N LYS B 39 -19.80 29.91 -5.52
CA LYS B 39 -18.90 29.56 -6.57
C LYS B 39 -19.59 29.65 -7.92
N ASN A 5 -13.87 -10.96 2.25
CA ASN A 5 -14.64 -11.44 1.13
C ASN A 5 -14.11 -12.80 0.74
N GLU A 6 -14.88 -13.82 1.04
CA GLU A 6 -14.49 -15.19 0.79
C GLU A 6 -15.01 -15.68 -0.56
N TYR A 7 -16.01 -15.01 -1.05
CA TYR A 7 -16.71 -15.48 -2.23
C TYR A 7 -16.19 -14.87 -3.52
N LYS A 8 -15.16 -14.07 -3.40
CA LYS A 8 -14.57 -13.41 -4.55
C LYS A 8 -13.04 -13.58 -4.46
N ASP A 9 -12.31 -13.13 -5.44
CA ASP A 9 -10.84 -13.34 -5.47
C ASP A 9 -10.03 -12.03 -5.60
N ASN A 10 -10.69 -10.91 -5.54
CA ASN A 10 -10.03 -9.57 -5.66
C ASN A 10 -9.37 -9.09 -4.35
N ALA A 11 -8.96 -10.02 -3.49
CA ALA A 11 -8.36 -9.64 -2.22
C ALA A 11 -6.85 -9.58 -2.31
N TYR A 12 -6.32 -9.92 -3.46
CA TYR A 12 -4.89 -10.02 -3.61
C TYR A 12 -4.37 -8.86 -4.44
N ILE A 13 -3.18 -8.40 -4.11
CA ILE A 13 -2.52 -7.33 -4.85
C ILE A 13 -1.04 -7.56 -4.94
N TYR A 14 -0.44 -6.87 -5.85
CA TYR A 14 0.95 -6.91 -6.11
C TYR A 14 1.55 -5.58 -5.72
N ILE A 15 2.50 -5.60 -4.84
CA ILE A 15 3.21 -4.41 -4.47
C ILE A 15 4.60 -4.53 -5.06
N GLY A 16 5.03 -3.53 -5.76
CA GLY A 16 6.33 -3.52 -6.37
C GLY A 16 7.06 -2.24 -6.06
N ASN A 17 8.35 -2.21 -6.38
CA ASN A 17 9.27 -1.08 -6.11
C ASN A 17 9.58 -0.98 -4.63
N LEU A 18 9.53 -2.11 -3.94
CA LEU A 18 9.83 -2.14 -2.51
C LEU A 18 11.24 -1.74 -2.21
N ASN A 19 11.39 -1.05 -1.12
CA ASN A 19 12.68 -0.66 -0.64
C ASN A 19 13.21 -1.82 0.19
N ARG A 20 14.50 -2.01 0.17
CA ARG A 20 15.18 -3.06 0.90
C ARG A 20 15.00 -2.91 2.43
N GLU A 21 14.58 -1.74 2.87
CA GLU A 21 14.39 -1.47 4.30
C GLU A 21 12.91 -1.59 4.68
N LEU A 22 12.08 -1.91 3.72
CA LEU A 22 10.67 -2.07 3.98
C LEU A 22 10.37 -3.51 4.34
N THR A 23 9.85 -3.66 5.51
CA THR A 23 9.52 -4.94 6.07
C THR A 23 8.03 -5.16 5.97
N GLU A 24 7.57 -6.37 6.31
CA GLU A 24 6.14 -6.66 6.35
C GLU A 24 5.46 -5.68 7.27
N GLY A 25 6.12 -5.35 8.38
CA GLY A 25 5.59 -4.45 9.36
C GLY A 25 5.28 -3.08 8.80
N ASP A 26 6.16 -2.59 7.94
CA ASP A 26 5.96 -1.27 7.31
C ASP A 26 4.78 -1.34 6.41
N ILE A 27 4.77 -2.37 5.56
CA ILE A 27 3.69 -2.59 4.62
C ILE A 27 2.37 -2.74 5.35
N LEU A 28 2.36 -3.52 6.40
CA LEU A 28 1.17 -3.79 7.18
C LEU A 28 0.60 -2.51 7.76
N THR A 29 1.44 -1.69 8.34
CA THR A 29 1.00 -0.44 8.91
C THR A 29 0.38 0.49 7.88
N VAL A 30 1.04 0.61 6.75
CA VAL A 30 0.59 1.47 5.68
C VAL A 30 -0.73 0.95 5.10
N PHE A 31 -0.75 -0.33 4.82
CA PHE A 31 -1.87 -0.98 4.23
C PHE A 31 -3.08 -1.01 5.17
N SER A 32 -2.82 -0.93 6.46
CA SER A 32 -3.86 -0.87 7.45
C SER A 32 -4.66 0.43 7.40
N GLU A 33 -4.14 1.46 6.76
CA GLU A 33 -4.90 2.69 6.61
C GLU A 33 -6.07 2.43 5.63
N TYR A 34 -5.87 1.48 4.72
CA TYR A 34 -6.84 1.20 3.68
C TYR A 34 -7.86 0.18 4.10
N GLY A 35 -7.49 -0.60 5.07
CA GLY A 35 -8.37 -1.61 5.56
C GLY A 35 -7.65 -2.52 6.48
N VAL A 36 -8.14 -3.70 6.61
CA VAL A 36 -7.58 -4.66 7.52
C VAL A 36 -6.80 -5.70 6.74
N PRO A 37 -5.46 -5.65 6.79
CA PRO A 37 -4.63 -6.65 6.16
C PRO A 37 -4.66 -7.93 7.00
N VAL A 38 -4.78 -9.06 6.34
CA VAL A 38 -4.85 -10.31 7.06
C VAL A 38 -3.61 -11.16 6.82
N ASP A 39 -2.95 -10.96 5.70
CA ASP A 39 -1.76 -11.72 5.39
C ASP A 39 -0.89 -10.91 4.48
N VAL A 40 0.39 -11.06 4.65
CA VAL A 40 1.35 -10.37 3.85
C VAL A 40 2.57 -11.28 3.67
N ILE A 41 3.06 -11.33 2.46
CA ILE A 41 4.25 -12.07 2.14
C ILE A 41 5.27 -11.12 1.57
N LEU A 42 6.42 -11.07 2.18
CA LEU A 42 7.46 -10.26 1.67
C LEU A 42 8.35 -11.16 0.85
N SER A 43 8.39 -10.92 -0.40
CA SER A 43 9.21 -11.67 -1.28
C SER A 43 10.65 -11.22 -1.07
N ARG A 44 11.50 -12.11 -0.64
CA ARG A 44 12.87 -11.77 -0.34
C ARG A 44 13.82 -12.70 -1.03
N ASP A 45 14.95 -12.16 -1.40
CA ASP A 45 15.99 -12.92 -2.04
C ASP A 45 16.99 -13.39 -1.01
N GLU A 46 17.07 -14.68 -0.81
CA GLU A 46 17.95 -15.29 0.19
C GLU A 46 19.45 -15.03 -0.09
N ASN A 47 19.77 -14.71 -1.32
CA ASN A 47 21.17 -14.51 -1.72
C ASN A 47 21.64 -13.16 -1.27
N THR A 48 20.82 -12.16 -1.46
CA THR A 48 21.16 -10.81 -1.07
C THR A 48 20.72 -10.53 0.36
N GLY A 49 19.72 -11.25 0.81
CA GLY A 49 19.23 -11.09 2.16
C GLY A 49 18.27 -9.92 2.28
N GLU A 50 17.88 -9.35 1.16
CA GLU A 50 16.99 -8.21 1.16
C GLU A 50 15.68 -8.59 0.52
N SER A 51 14.81 -7.62 0.40
CA SER A 51 13.56 -7.79 -0.25
C SER A 51 13.78 -7.91 -1.78
N GLN A 52 12.87 -8.57 -2.46
CA GLN A 52 12.94 -8.74 -3.91
C GLN A 52 12.38 -7.54 -4.64
N GLY A 53 11.98 -6.55 -3.90
CA GLY A 53 11.44 -5.37 -4.48
C GLY A 53 9.96 -5.49 -4.74
N PHE A 54 9.37 -6.57 -4.29
CA PHE A 54 7.97 -6.77 -4.46
C PHE A 54 7.44 -7.55 -3.29
N ALA A 55 6.17 -7.44 -3.03
CA ALA A 55 5.54 -8.15 -1.94
C ALA A 55 4.06 -8.35 -2.24
N TYR A 56 3.42 -9.12 -1.40
CA TYR A 56 2.02 -9.46 -1.52
C TYR A 56 1.30 -9.19 -0.22
N LEU A 57 0.08 -8.68 -0.29
CA LEU A 57 -0.73 -8.46 0.87
C LEU A 57 -2.20 -8.66 0.50
N LYS A 58 -2.95 -9.27 1.39
CA LYS A 58 -4.37 -9.50 1.17
C LYS A 58 -5.16 -8.89 2.30
N TYR A 59 -6.32 -8.39 1.99
CA TYR A 59 -7.17 -7.74 2.96
C TYR A 59 -8.37 -8.59 3.30
N GLU A 60 -8.99 -8.21 4.40
CA GLU A 60 -10.22 -8.80 4.88
C GLU A 60 -11.37 -8.40 3.96
N ASP A 61 -11.30 -7.17 3.45
CA ASP A 61 -12.33 -6.65 2.57
C ASP A 61 -11.70 -6.20 1.27
N GLN A 62 -12.30 -6.55 0.17
CA GLN A 62 -11.79 -6.23 -1.16
C GLN A 62 -11.88 -4.74 -1.53
N ARG A 63 -12.73 -3.99 -0.85
CA ARG A 63 -12.78 -2.54 -1.04
C ARG A 63 -11.44 -1.92 -0.66
N SER A 64 -10.83 -2.52 0.31
CA SER A 64 -9.55 -2.10 0.81
C SER A 64 -8.42 -2.27 -0.23
N THR A 65 -8.46 -3.34 -1.04
CA THR A 65 -7.38 -3.58 -2.01
C THR A 65 -7.32 -2.45 -3.04
N ILE A 66 -8.49 -2.07 -3.56
CA ILE A 66 -8.60 -0.98 -4.51
C ILE A 66 -8.22 0.35 -3.88
N LEU A 67 -8.60 0.53 -2.61
CA LEU A 67 -8.22 1.73 -1.85
C LEU A 67 -6.73 1.85 -1.75
N ALA A 68 -6.09 0.75 -1.48
CA ALA A 68 -4.67 0.72 -1.32
C ALA A 68 -3.98 0.96 -2.66
N VAL A 69 -4.44 0.29 -3.69
CA VAL A 69 -3.88 0.48 -5.02
C VAL A 69 -4.01 1.94 -5.49
N ASP A 70 -5.16 2.50 -5.26
CA ASP A 70 -5.50 3.88 -5.68
C ASP A 70 -4.64 4.92 -5.00
N ASN A 71 -4.36 4.71 -3.76
CA ASN A 71 -3.63 5.71 -2.97
C ASN A 71 -2.11 5.42 -2.99
N LEU A 72 -1.75 4.18 -3.04
CA LEU A 72 -0.36 3.79 -2.88
C LEU A 72 0.39 3.79 -4.18
N ASN A 73 -0.32 3.55 -5.26
CA ASN A 73 0.32 3.53 -6.57
C ASN A 73 0.87 4.93 -6.87
N GLY A 74 2.15 5.01 -7.14
CA GLY A 74 2.77 6.29 -7.44
C GLY A 74 3.12 7.12 -6.20
N PHE A 75 2.82 6.60 -5.01
CA PHE A 75 3.10 7.32 -3.78
C PHE A 75 4.55 7.05 -3.37
N LYS A 76 5.23 8.06 -2.85
CA LYS A 76 6.63 7.90 -2.52
C LYS A 76 6.84 7.54 -1.06
N ILE A 77 7.44 6.42 -0.86
CA ILE A 77 7.88 6.00 0.46
C ILE A 77 9.34 5.63 0.29
N GLY A 78 10.16 5.95 1.26
CA GLY A 78 11.58 5.63 1.18
C GLY A 78 12.29 6.30 0.00
N GLY A 79 11.71 7.36 -0.52
CA GLY A 79 12.28 8.05 -1.65
C GLY A 79 11.95 7.38 -2.98
N ARG A 80 11.04 6.43 -2.97
CA ARG A 80 10.65 5.72 -4.18
C ARG A 80 9.15 5.58 -4.27
N ALA A 81 8.65 5.67 -5.48
CA ALA A 81 7.22 5.56 -5.73
C ALA A 81 6.80 4.10 -5.78
N LEU A 82 5.90 3.74 -4.90
CA LEU A 82 5.39 2.39 -4.82
C LEU A 82 4.52 2.02 -5.98
N LYS A 83 4.70 0.82 -6.45
CA LYS A 83 3.92 0.32 -7.52
C LYS A 83 2.94 -0.67 -6.97
N ILE A 84 1.69 -0.39 -7.07
CA ILE A 84 0.71 -1.32 -6.60
C ILE A 84 -0.12 -1.71 -7.80
N ASP A 85 -0.39 -2.96 -7.93
CA ASP A 85 -1.14 -3.48 -9.06
C ASP A 85 -2.02 -4.61 -8.58
N HIS A 86 -3.09 -4.83 -9.24
CA HIS A 86 -3.97 -5.93 -8.90
C HIS A 86 -3.47 -7.18 -9.56
N THR A 87 -3.43 -8.25 -8.84
CA THR A 87 -2.95 -9.49 -9.35
C THR A 87 -3.63 -10.57 -8.54
N PHE A 88 -3.63 -11.80 -8.99
CA PHE A 88 -4.11 -12.83 -8.14
C PHE A 88 -2.92 -13.67 -7.75
N TYR A 89 -2.57 -13.57 -6.52
CA TYR A 89 -1.46 -14.28 -5.97
C TYR A 89 -2.00 -15.39 -5.12
N ARG A 90 -1.37 -16.53 -5.15
CA ARG A 90 -1.77 -17.60 -4.28
C ARG A 90 -0.60 -17.97 -3.42
N PRO A 91 -0.72 -17.78 -2.11
CA PRO A 91 0.35 -18.10 -1.17
C PRO A 91 0.67 -19.59 -1.12
N LYS A 92 1.93 -19.88 -1.11
CA LYS A 92 2.42 -21.22 -0.97
C LYS A 92 3.13 -21.32 0.34
N ARG A 93 2.70 -22.22 1.14
CA ARG A 93 3.29 -22.46 2.41
C ARG A 93 4.18 -23.66 2.26
N ASN B 5 -10.37 5.95 -3.42
CA ASN B 5 -11.00 7.27 -3.19
C ASN B 5 -12.40 7.13 -2.58
N ARG B 6 -12.63 7.84 -1.47
CA ARG B 6 -13.95 7.99 -0.76
C ARG B 6 -14.67 6.67 -0.36
N PHE B 7 -13.95 5.75 0.14
CA PHE B 7 -14.54 4.51 0.67
C PHE B 7 -14.65 4.63 2.17
N ALA B 8 -15.41 3.77 2.77
CA ALA B 8 -15.58 3.81 4.19
C ALA B 8 -15.30 2.45 4.79
N ILE B 9 -14.04 2.20 5.04
CA ILE B 9 -13.59 0.99 5.67
C ILE B 9 -12.75 1.36 6.88
N MET B 10 -13.04 0.73 8.00
CA MET B 10 -12.30 0.97 9.22
C MET B 10 -10.90 0.36 9.13
N PRO B 11 -9.88 1.09 9.61
CA PRO B 11 -8.47 0.70 9.49
C PRO B 11 -8.09 -0.60 10.21
N GLY B 12 -6.98 -1.18 9.81
CA GLY B 12 -6.49 -2.41 10.36
C GLY B 12 -5.78 -2.24 11.68
N SER B 13 -5.48 -3.35 12.30
CA SER B 13 -4.88 -3.42 13.62
C SER B 13 -3.40 -2.99 13.59
N ARG B 14 -2.82 -2.95 12.41
CA ARG B 14 -1.41 -2.69 12.26
C ARG B 14 -1.16 -1.21 12.03
N TRP B 15 -2.22 -0.43 12.00
CA TRP B 15 -2.13 0.98 11.73
C TRP B 15 -1.60 1.75 12.90
N ASP B 16 -0.62 2.49 12.59
CA ASP B 16 0.03 3.42 13.42
C ASP B 16 -0.07 4.68 12.64
N GLY B 17 -0.25 5.79 13.33
CA GLY B 17 -0.43 7.18 12.80
C GLY B 17 0.48 7.59 11.66
N VAL B 18 0.28 6.92 10.63
CA VAL B 18 0.89 7.08 9.36
C VAL B 18 -0.17 7.60 8.41
N HIS B 19 0.14 8.67 7.74
CA HIS B 19 -0.81 9.30 6.86
C HIS B 19 -0.37 9.10 5.42
N ARG B 20 -1.19 8.42 4.66
CA ARG B 20 -0.90 8.20 3.28
C ARG B 20 -1.92 8.94 2.43
N SER B 21 -1.47 9.94 1.77
CA SER B 21 -2.35 10.73 0.95
C SER B 21 -1.81 10.81 -0.46
N ASN B 22 -2.57 10.26 -1.39
CA ASN B 22 -2.22 10.25 -2.81
C ASN B 22 -2.58 11.56 -3.48
N GLY B 23 -2.81 12.58 -2.69
CA GLY B 23 -3.10 13.87 -3.22
C GLY B 23 -1.82 14.61 -3.51
N PHE B 24 -0.96 13.98 -4.29
CA PHE B 24 0.34 14.52 -4.61
C PHE B 24 0.26 15.65 -5.63
N GLU B 25 -0.70 15.54 -6.54
CA GLU B 25 -0.88 16.51 -7.61
C GLU B 25 -1.19 17.88 -7.06
N GLU B 26 -2.09 17.93 -6.09
CA GLU B 26 -2.49 19.19 -5.50
C GLU B 26 -1.32 19.86 -4.80
N LYS B 27 -0.43 19.06 -4.24
CA LYS B 27 0.73 19.56 -3.52
C LYS B 27 1.64 20.28 -4.49
N TRP B 28 1.89 19.63 -5.61
CA TRP B 28 2.70 20.18 -6.66
C TRP B 28 2.02 21.40 -7.29
N PHE B 29 0.72 21.31 -7.42
CA PHE B 29 -0.09 22.40 -7.92
C PHE B 29 -0.08 23.59 -6.94
N ALA B 30 0.06 23.31 -5.69
CA ALA B 30 0.09 24.33 -4.69
C ALA B 30 1.46 25.02 -4.65
N LYS B 31 2.52 24.24 -4.80
CA LYS B 31 3.88 24.77 -4.70
C LYS B 31 4.32 25.42 -5.99
N GLN B 32 3.63 25.08 -7.08
CA GLN B 32 3.94 25.60 -8.40
C GLN B 32 3.59 27.09 -8.51
N ASN B 33 3.06 27.62 -7.41
CA ASN B 33 2.70 29.03 -7.28
C ASN B 33 3.93 29.90 -7.53
N GLU B 34 5.09 29.38 -7.16
CA GLU B 34 6.33 30.03 -7.39
C GLU B 34 6.85 29.60 -8.73
N ILE B 35 6.77 30.48 -9.67
CA ILE B 35 7.10 30.18 -11.05
C ILE B 35 8.54 30.50 -11.37
N ASN B 36 9.04 31.53 -10.77
CA ASN B 36 10.39 32.02 -11.04
C ASN B 36 11.39 31.35 -10.16
N GLU B 37 10.89 30.66 -9.19
CA GLU B 37 11.70 30.01 -8.22
C GLU B 37 11.83 28.53 -8.52
N LYS B 38 12.91 27.96 -8.05
CA LYS B 38 13.30 26.60 -8.31
C LYS B 38 13.00 25.69 -7.14
N LYS B 39 11.91 25.99 -6.47
CA LYS B 39 11.42 25.25 -5.30
C LYS B 39 11.29 23.75 -5.61
N ASN A 5 -17.33 -9.87 -0.36
CA ASN A 5 -16.72 -10.25 -1.63
C ASN A 5 -16.06 -11.59 -1.47
N GLU A 6 -16.85 -12.62 -1.41
CA GLU A 6 -16.37 -13.93 -1.19
C GLU A 6 -15.91 -14.56 -2.48
N TYR A 7 -16.70 -14.37 -3.49
CA TYR A 7 -16.56 -15.08 -4.75
C TYR A 7 -15.68 -14.34 -5.76
N LYS A 8 -14.77 -13.55 -5.26
CA LYS A 8 -13.81 -12.86 -6.09
C LYS A 8 -12.43 -13.06 -5.51
N ASP A 9 -11.40 -12.72 -6.25
CA ASP A 9 -10.02 -12.89 -5.80
C ASP A 9 -9.28 -11.60 -5.89
N ASN A 10 -10.04 -10.52 -5.89
CA ASN A 10 -9.50 -9.16 -5.96
C ASN A 10 -8.96 -8.72 -4.59
N ALA A 11 -8.78 -9.70 -3.72
CA ALA A 11 -8.29 -9.50 -2.39
C ALA A 11 -6.78 -9.48 -2.37
N TYR A 12 -6.21 -9.96 -3.45
CA TYR A 12 -4.78 -10.05 -3.53
C TYR A 12 -4.26 -8.88 -4.32
N ILE A 13 -3.10 -8.38 -3.96
CA ILE A 13 -2.47 -7.33 -4.71
C ILE A 13 -1.00 -7.55 -4.80
N TYR A 14 -0.43 -6.96 -5.79
CA TYR A 14 0.96 -6.98 -6.04
C TYR A 14 1.51 -5.63 -5.70
N ILE A 15 2.45 -5.60 -4.84
CA ILE A 15 3.12 -4.40 -4.52
C ILE A 15 4.49 -4.50 -5.14
N GLY A 16 4.85 -3.53 -5.89
CA GLY A 16 6.11 -3.52 -6.55
C GLY A 16 6.85 -2.26 -6.24
N ASN A 17 8.14 -2.27 -6.52
CA ASN A 17 9.05 -1.16 -6.24
C ASN A 17 9.29 -1.02 -4.76
N LEU A 18 9.42 -2.15 -4.11
CA LEU A 18 9.74 -2.18 -2.70
C LEU A 18 11.17 -1.82 -2.47
N ASN A 19 11.41 -1.27 -1.33
CA ASN A 19 12.71 -0.89 -0.89
C ASN A 19 13.24 -2.04 -0.05
N ARG A 20 14.52 -2.24 -0.08
CA ARG A 20 15.17 -3.30 0.68
C ARG A 20 15.01 -3.11 2.20
N GLU A 21 14.70 -1.87 2.59
CA GLU A 21 14.54 -1.55 4.01
C GLU A 21 13.08 -1.71 4.45
N LEU A 22 12.22 -2.04 3.51
CA LEU A 22 10.81 -2.21 3.79
C LEU A 22 10.53 -3.65 4.13
N THR A 23 9.96 -3.83 5.27
CA THR A 23 9.62 -5.13 5.79
C THR A 23 8.12 -5.31 5.78
N GLU A 24 7.66 -6.51 6.12
CA GLU A 24 6.23 -6.83 6.19
C GLU A 24 5.52 -5.86 7.13
N GLY A 25 6.19 -5.53 8.23
CA GLY A 25 5.64 -4.62 9.23
C GLY A 25 5.35 -3.24 8.65
N ASP A 26 6.27 -2.71 7.83
CA ASP A 26 6.11 -1.37 7.22
C ASP A 26 4.89 -1.39 6.34
N ILE A 27 4.82 -2.42 5.50
CA ILE A 27 3.72 -2.59 4.57
C ILE A 27 2.41 -2.73 5.33
N LEU A 28 2.40 -3.55 6.35
CA LEU A 28 1.20 -3.84 7.12
C LEU A 28 0.62 -2.61 7.73
N THR A 29 1.45 -1.81 8.33
CA THR A 29 1.03 -0.60 8.96
C THR A 29 0.42 0.38 7.96
N VAL A 30 1.09 0.53 6.84
CA VAL A 30 0.63 1.43 5.80
C VAL A 30 -0.67 0.93 5.17
N PHE A 31 -0.69 -0.35 4.87
CA PHE A 31 -1.82 -0.99 4.26
C PHE A 31 -3.02 -1.03 5.19
N SER A 32 -2.77 -0.93 6.47
CA SER A 32 -3.83 -0.87 7.44
C SER A 32 -4.57 0.45 7.42
N GLU A 33 -3.99 1.48 6.80
CA GLU A 33 -4.70 2.73 6.65
C GLU A 33 -5.80 2.56 5.58
N TYR A 34 -5.64 1.55 4.73
CA TYR A 34 -6.55 1.30 3.63
C TYR A 34 -7.57 0.23 3.96
N GLY A 35 -7.43 -0.36 5.11
CA GLY A 35 -8.35 -1.37 5.53
C GLY A 35 -7.70 -2.35 6.44
N VAL A 36 -8.23 -3.54 6.46
CA VAL A 36 -7.73 -4.57 7.35
C VAL A 36 -6.93 -5.64 6.56
N PRO A 37 -5.59 -5.61 6.67
CA PRO A 37 -4.73 -6.61 6.08
C PRO A 37 -4.75 -7.90 6.90
N VAL A 38 -4.76 -9.04 6.25
CA VAL A 38 -4.80 -10.29 6.99
C VAL A 38 -3.57 -11.13 6.73
N ASP A 39 -2.96 -10.94 5.59
CA ASP A 39 -1.86 -11.79 5.17
C ASP A 39 -0.93 -10.98 4.31
N VAL A 40 0.36 -11.12 4.53
CA VAL A 40 1.37 -10.37 3.80
C VAL A 40 2.63 -11.23 3.61
N ILE A 41 3.14 -11.22 2.42
CA ILE A 41 4.38 -11.90 2.09
C ILE A 41 5.36 -10.89 1.55
N LEU A 42 6.47 -10.75 2.20
CA LEU A 42 7.50 -9.92 1.66
C LEU A 42 8.37 -10.83 0.84
N SER A 43 8.39 -10.59 -0.42
CA SER A 43 9.21 -11.35 -1.28
C SER A 43 10.64 -10.92 -1.04
N ARG A 44 11.44 -11.84 -0.58
CA ARG A 44 12.79 -11.56 -0.20
C ARG A 44 13.66 -12.64 -0.77
N ASP A 45 14.84 -12.26 -1.13
CA ASP A 45 15.79 -13.20 -1.64
C ASP A 45 16.56 -13.81 -0.49
N GLU A 46 16.44 -15.11 -0.36
CA GLU A 46 17.06 -15.85 0.72
C GLU A 46 18.60 -15.72 0.74
N ASN A 47 19.17 -15.42 -0.41
CA ASN A 47 20.62 -15.34 -0.55
C ASN A 47 21.15 -14.03 -0.02
N THR A 48 20.55 -12.96 -0.46
CA THR A 48 21.00 -11.63 -0.09
C THR A 48 20.36 -11.16 1.21
N GLY A 49 19.22 -11.74 1.53
CA GLY A 49 18.50 -11.41 2.72
C GLY A 49 17.69 -10.14 2.58
N GLU A 50 17.74 -9.55 1.41
CA GLU A 50 17.07 -8.29 1.15
C GLU A 50 15.75 -8.56 0.48
N SER A 51 14.97 -7.53 0.38
CA SER A 51 13.68 -7.59 -0.26
C SER A 51 13.89 -7.65 -1.79
N GLN A 52 13.07 -8.45 -2.45
CA GLN A 52 13.14 -8.64 -3.90
C GLN A 52 12.67 -7.41 -4.66
N GLY A 53 11.98 -6.54 -3.97
CA GLY A 53 11.50 -5.35 -4.59
C GLY A 53 10.05 -5.45 -4.92
N PHE A 54 9.41 -6.49 -4.44
CA PHE A 54 8.00 -6.68 -4.62
C PHE A 54 7.49 -7.43 -3.43
N ALA A 55 6.20 -7.35 -3.18
CA ALA A 55 5.59 -8.05 -2.09
C ALA A 55 4.12 -8.28 -2.35
N TYR A 56 3.49 -9.05 -1.50
CA TYR A 56 2.09 -9.39 -1.60
C TYR A 56 1.39 -9.12 -0.27
N LEU A 57 0.18 -8.63 -0.33
CA LEU A 57 -0.63 -8.43 0.85
C LEU A 57 -2.08 -8.60 0.46
N LYS A 58 -2.86 -9.21 1.30
CA LYS A 58 -4.26 -9.36 1.04
C LYS A 58 -5.05 -8.83 2.22
N TYR A 59 -6.15 -8.25 1.91
CA TYR A 59 -7.03 -7.69 2.90
C TYR A 59 -8.18 -8.60 3.10
N GLU A 60 -8.89 -8.39 4.18
CA GLU A 60 -10.10 -9.13 4.39
C GLU A 60 -11.21 -8.60 3.49
N ASP A 61 -11.07 -7.34 3.06
CA ASP A 61 -12.08 -6.75 2.20
C ASP A 61 -11.45 -6.27 0.91
N GLN A 62 -12.07 -6.61 -0.20
CA GLN A 62 -11.59 -6.24 -1.52
C GLN A 62 -11.73 -4.74 -1.84
N ARG A 63 -12.58 -4.06 -1.11
CA ARG A 63 -12.71 -2.61 -1.23
C ARG A 63 -11.42 -1.96 -0.73
N SER A 64 -10.83 -2.58 0.23
CA SER A 64 -9.58 -2.15 0.80
C SER A 64 -8.40 -2.32 -0.20
N THR A 65 -8.41 -3.38 -1.01
CA THR A 65 -7.31 -3.61 -1.93
C THR A 65 -7.24 -2.51 -2.98
N ILE A 66 -8.40 -2.16 -3.55
CA ILE A 66 -8.50 -1.09 -4.52
C ILE A 66 -8.11 0.22 -3.88
N LEU A 67 -8.52 0.42 -2.61
CA LEU A 67 -8.18 1.60 -1.84
C LEU A 67 -6.69 1.76 -1.70
N ALA A 68 -6.03 0.68 -1.43
CA ALA A 68 -4.62 0.70 -1.26
C ALA A 68 -3.92 0.97 -2.57
N VAL A 69 -4.34 0.28 -3.62
CA VAL A 69 -3.78 0.47 -4.96
C VAL A 69 -3.91 1.94 -5.39
N ASP A 70 -5.08 2.44 -5.18
CA ASP A 70 -5.53 3.79 -5.58
C ASP A 70 -4.68 4.88 -4.97
N ASN A 71 -4.31 4.70 -3.74
CA ASN A 71 -3.56 5.74 -3.04
C ASN A 71 -2.08 5.48 -3.01
N LEU A 72 -1.70 4.22 -3.07
CA LEU A 72 -0.30 3.85 -2.88
C LEU A 72 0.44 3.83 -4.14
N ASN A 73 -0.25 3.53 -5.21
CA ASN A 73 0.39 3.49 -6.48
C ASN A 73 0.83 4.90 -6.85
N GLY A 74 2.10 5.05 -7.13
CA GLY A 74 2.64 6.34 -7.46
C GLY A 74 3.12 7.11 -6.24
N PHE A 75 2.87 6.56 -5.06
CA PHE A 75 3.25 7.21 -3.81
C PHE A 75 4.67 6.77 -3.45
N LYS A 76 5.46 7.69 -2.97
CA LYS A 76 6.86 7.40 -2.68
C LYS A 76 7.06 7.05 -1.22
N ILE A 77 7.52 5.84 -0.98
CA ILE A 77 7.89 5.43 0.35
C ILE A 77 9.35 5.04 0.28
N GLY A 78 10.12 5.38 1.31
CA GLY A 78 11.53 5.06 1.33
C GLY A 78 12.28 5.63 0.13
N GLY A 79 11.78 6.71 -0.42
CA GLY A 79 12.43 7.34 -1.55
C GLY A 79 12.00 6.80 -2.91
N ARG A 80 11.19 5.75 -2.94
CA ARG A 80 10.79 5.15 -4.23
C ARG A 80 9.29 5.05 -4.36
N ALA A 81 8.80 5.12 -5.58
CA ALA A 81 7.39 5.13 -5.86
C ALA A 81 6.82 3.74 -5.94
N LEU A 82 5.93 3.43 -5.05
CA LEU A 82 5.28 2.16 -4.99
C LEU A 82 4.40 1.91 -6.17
N LYS A 83 4.42 0.71 -6.62
CA LYS A 83 3.59 0.30 -7.68
C LYS A 83 2.65 -0.76 -7.17
N ILE A 84 1.39 -0.50 -7.17
CA ILE A 84 0.47 -1.49 -6.68
C ILE A 84 -0.39 -1.91 -7.84
N ASP A 85 -0.57 -3.18 -7.99
CA ASP A 85 -1.37 -3.70 -9.08
C ASP A 85 -2.13 -4.91 -8.60
N HIS A 86 -3.28 -5.16 -9.18
CA HIS A 86 -4.06 -6.33 -8.81
C HIS A 86 -3.50 -7.56 -9.50
N THR A 87 -3.32 -8.59 -8.74
CA THR A 87 -2.79 -9.83 -9.23
C THR A 87 -3.52 -10.92 -8.48
N PHE A 88 -3.59 -12.11 -9.01
CA PHE A 88 -4.07 -13.16 -8.19
C PHE A 88 -2.87 -13.94 -7.72
N TYR A 89 -2.58 -13.80 -6.47
CA TYR A 89 -1.47 -14.46 -5.88
C TYR A 89 -1.96 -15.56 -4.98
N ARG A 90 -1.26 -16.64 -4.91
CA ARG A 90 -1.63 -17.66 -3.98
C ARG A 90 -0.45 -17.88 -3.03
N PRO A 91 -0.61 -17.55 -1.76
CA PRO A 91 0.41 -17.68 -0.72
C PRO A 91 0.74 -19.12 -0.34
N LYS A 92 1.98 -19.33 -0.01
CA LYS A 92 2.43 -20.59 0.50
C LYS A 92 3.02 -20.33 1.89
N ARG A 93 2.52 -21.03 2.88
CA ARG A 93 3.03 -20.92 4.22
C ARG A 93 3.72 -22.20 4.64
N ASN B 5 -10.18 6.20 -3.00
CA ASN B 5 -10.56 7.48 -2.43
C ASN B 5 -12.02 7.49 -2.08
N ARG B 6 -12.37 8.21 -1.01
CA ARG B 6 -13.75 8.40 -0.48
C ARG B 6 -14.48 7.08 -0.11
N PHE B 7 -13.75 6.12 0.35
CA PHE B 7 -14.33 4.86 0.83
C PHE B 7 -14.48 4.94 2.34
N ALA B 8 -15.25 4.04 2.93
CA ALA B 8 -15.54 4.14 4.36
C ALA B 8 -15.03 2.95 5.15
N ILE B 9 -14.05 2.24 4.62
CA ILE B 9 -13.52 1.09 5.34
C ILE B 9 -12.63 1.56 6.49
N MET B 10 -12.88 1.01 7.66
CA MET B 10 -12.10 1.32 8.84
C MET B 10 -10.67 0.74 8.74
N PRO B 11 -9.71 1.37 9.39
CA PRO B 11 -8.31 0.92 9.37
C PRO B 11 -8.09 -0.37 10.18
N GLY B 12 -7.01 -1.07 9.85
CA GLY B 12 -6.66 -2.31 10.51
C GLY B 12 -5.88 -2.10 11.79
N SER B 13 -5.65 -3.16 12.51
CA SER B 13 -4.98 -3.12 13.79
C SER B 13 -3.46 -2.96 13.67
N ARG B 14 -2.92 -3.17 12.48
CA ARG B 14 -1.48 -2.99 12.24
C ARG B 14 -1.16 -1.51 12.05
N TRP B 15 -2.20 -0.69 11.98
CA TRP B 15 -2.06 0.72 11.78
C TRP B 15 -1.55 1.42 13.01
N ASP B 16 -0.53 2.14 12.77
CA ASP B 16 0.10 3.01 13.69
C ASP B 16 0.05 4.30 12.98
N GLY B 17 -0.08 5.37 13.72
CA GLY B 17 -0.17 6.78 13.28
C GLY B 17 0.78 7.19 12.18
N VAL B 18 0.54 6.62 11.09
CA VAL B 18 1.14 6.85 9.82
C VAL B 18 0.08 7.48 8.95
N HIS B 19 0.43 8.53 8.29
CA HIS B 19 -0.48 9.22 7.42
C HIS B 19 -0.01 9.05 5.98
N ARG B 20 -0.84 8.48 5.16
CA ARG B 20 -0.57 8.38 3.75
C ARG B 20 -1.59 9.27 3.03
N SER B 21 -1.19 9.90 1.96
CA SER B 21 -2.12 10.67 1.16
C SER B 21 -1.71 10.58 -0.29
N ASN B 22 -2.65 10.27 -1.18
CA ASN B 22 -2.32 10.17 -2.60
C ASN B 22 -2.06 11.53 -3.20
N GLY B 23 -0.80 11.88 -3.19
CA GLY B 23 -0.41 13.17 -3.64
C GLY B 23 -0.70 14.18 -2.57
N PHE B 24 0.18 14.30 -1.62
CA PHE B 24 0.01 15.28 -0.57
C PHE B 24 0.32 16.70 -1.02
N GLU B 25 1.27 16.84 -1.93
CA GLU B 25 1.68 18.15 -2.46
C GLU B 25 0.49 18.84 -3.14
N GLU B 26 -0.27 18.07 -3.91
CA GLU B 26 -1.43 18.60 -4.60
C GLU B 26 -2.51 19.06 -3.64
N LYS B 27 -2.65 18.37 -2.51
CA LYS B 27 -3.67 18.69 -1.50
C LYS B 27 -3.44 20.07 -0.96
N TRP B 28 -2.19 20.34 -0.63
CA TRP B 28 -1.78 21.62 -0.12
C TRP B 28 -1.99 22.69 -1.16
N PHE B 29 -1.68 22.36 -2.39
CA PHE B 29 -1.82 23.25 -3.52
C PHE B 29 -3.31 23.51 -3.85
N ALA B 30 -4.12 22.51 -3.64
CA ALA B 30 -5.53 22.60 -3.91
C ALA B 30 -6.24 23.53 -2.93
N LYS B 31 -5.81 23.55 -1.69
CA LYS B 31 -6.47 24.37 -0.69
C LYS B 31 -5.87 25.76 -0.63
N GLN B 32 -4.64 25.89 -1.09
CA GLN B 32 -3.96 27.18 -1.08
C GLN B 32 -4.45 28.06 -2.22
N ASN B 33 -5.41 27.53 -2.96
CA ASN B 33 -6.04 28.23 -4.10
C ASN B 33 -6.67 29.57 -3.70
N GLU B 34 -7.15 29.64 -2.49
CA GLU B 34 -7.83 30.82 -2.02
C GLU B 34 -6.88 31.95 -1.67
N ILE B 35 -7.32 33.13 -1.97
CA ILE B 35 -6.49 34.32 -1.87
C ILE B 35 -7.17 35.46 -1.12
N ASN B 36 -8.49 35.57 -1.23
CA ASN B 36 -9.20 36.70 -0.62
C ASN B 36 -10.04 36.22 0.54
N GLU B 37 -10.35 34.97 0.48
CA GLU B 37 -11.23 34.31 1.39
C GLU B 37 -10.66 34.11 2.78
N LYS B 38 -11.53 33.78 3.69
CA LYS B 38 -11.20 33.62 5.09
C LYS B 38 -10.60 32.26 5.31
N LYS B 39 -9.41 32.23 5.84
CA LYS B 39 -8.72 31.00 6.06
C LYS B 39 -9.11 30.44 7.41
N ASN A 5 -15.30 -10.70 -0.76
CA ASN A 5 -16.12 -11.72 -1.44
C ASN A 5 -15.26 -12.85 -1.89
N GLU A 6 -15.64 -14.06 -1.55
CA GLU A 6 -14.91 -15.26 -1.91
C GLU A 6 -15.02 -15.53 -3.38
N TYR A 7 -16.10 -15.06 -3.95
CA TYR A 7 -16.41 -15.25 -5.36
C TYR A 7 -15.70 -14.23 -6.25
N LYS A 8 -14.74 -13.57 -5.66
CA LYS A 8 -13.85 -12.67 -6.30
C LYS A 8 -12.49 -12.94 -5.73
N ASP A 9 -11.46 -12.70 -6.45
CA ASP A 9 -10.12 -12.94 -5.94
C ASP A 9 -9.38 -11.62 -5.84
N ASN A 10 -10.17 -10.57 -5.78
CA ASN A 10 -9.72 -9.17 -5.75
C ASN A 10 -9.18 -8.79 -4.38
N ALA A 11 -8.85 -9.78 -3.59
CA ALA A 11 -8.34 -9.56 -2.27
C ALA A 11 -6.83 -9.56 -2.29
N TYR A 12 -6.27 -10.01 -3.40
CA TYR A 12 -4.84 -10.11 -3.53
C TYR A 12 -4.32 -8.91 -4.32
N ILE A 13 -3.15 -8.44 -3.98
CA ILE A 13 -2.52 -7.36 -4.72
C ILE A 13 -1.04 -7.59 -4.83
N TYR A 14 -0.47 -6.94 -5.80
CA TYR A 14 0.93 -6.95 -6.07
C TYR A 14 1.49 -5.61 -5.69
N ILE A 15 2.44 -5.60 -4.82
CA ILE A 15 3.13 -4.40 -4.49
C ILE A 15 4.52 -4.52 -5.09
N GLY A 16 4.93 -3.55 -5.82
CA GLY A 16 6.21 -3.56 -6.44
C GLY A 16 6.94 -2.27 -6.17
N ASN A 17 8.23 -2.28 -6.45
CA ASN A 17 9.16 -1.15 -6.20
C ASN A 17 9.39 -0.96 -4.73
N LEU A 18 9.43 -2.08 -4.02
CA LEU A 18 9.72 -2.07 -2.58
C LEU A 18 11.14 -1.67 -2.32
N ASN A 19 11.35 -1.11 -1.18
CA ASN A 19 12.65 -0.75 -0.73
C ASN A 19 13.19 -1.92 0.05
N ARG A 20 14.49 -2.08 0.07
CA ARG A 20 15.15 -3.16 0.79
C ARG A 20 14.92 -3.07 2.30
N GLU A 21 14.50 -1.90 2.76
CA GLU A 21 14.27 -1.66 4.19
C GLU A 21 12.79 -1.83 4.54
N LEU A 22 11.99 -2.22 3.58
CA LEU A 22 10.59 -2.38 3.81
C LEU A 22 10.24 -3.83 4.06
N THR A 23 9.76 -4.06 5.24
CA THR A 23 9.37 -5.36 5.68
C THR A 23 7.86 -5.45 5.73
N GLU A 24 7.35 -6.64 6.02
CA GLU A 24 5.93 -6.88 6.15
C GLU A 24 5.32 -5.90 7.14
N GLY A 25 6.02 -5.68 8.25
CA GLY A 25 5.54 -4.77 9.28
C GLY A 25 5.34 -3.35 8.77
N ASP A 26 6.26 -2.89 7.92
CA ASP A 26 6.18 -1.54 7.35
C ASP A 26 4.99 -1.45 6.44
N ILE A 27 4.87 -2.44 5.59
CA ILE A 27 3.78 -2.55 4.65
C ILE A 27 2.45 -2.64 5.39
N LEU A 28 2.40 -3.48 6.41
CA LEU A 28 1.19 -3.71 7.18
C LEU A 28 0.70 -2.46 7.82
N THR A 29 1.61 -1.65 8.29
CA THR A 29 1.23 -0.42 8.94
C THR A 29 0.54 0.51 7.95
N VAL A 30 1.14 0.66 6.80
CA VAL A 30 0.60 1.52 5.76
C VAL A 30 -0.72 0.97 5.21
N PHE A 31 -0.70 -0.31 4.91
CA PHE A 31 -1.83 -0.99 4.33
C PHE A 31 -3.03 -1.05 5.27
N SER A 32 -2.77 -0.97 6.57
CA SER A 32 -3.82 -0.94 7.55
C SER A 32 -4.64 0.35 7.48
N GLU A 33 -4.07 1.40 6.92
CA GLU A 33 -4.80 2.65 6.72
C GLU A 33 -5.98 2.44 5.72
N TYR A 34 -5.79 1.48 4.80
CA TYR A 34 -6.75 1.22 3.73
C TYR A 34 -7.77 0.17 4.12
N GLY A 35 -7.46 -0.58 5.14
CA GLY A 35 -8.35 -1.58 5.60
C GLY A 35 -7.66 -2.54 6.49
N VAL A 36 -8.23 -3.68 6.66
CA VAL A 36 -7.67 -4.68 7.54
C VAL A 36 -6.92 -5.74 6.72
N PRO A 37 -5.59 -5.76 6.85
CA PRO A 37 -4.76 -6.78 6.21
C PRO A 37 -4.88 -8.09 6.99
N VAL A 38 -4.91 -9.20 6.28
CA VAL A 38 -5.04 -10.49 6.96
C VAL A 38 -3.86 -11.40 6.66
N ASP A 39 -3.07 -11.06 5.66
CA ASP A 39 -1.91 -11.85 5.30
C ASP A 39 -1.01 -11.03 4.42
N VAL A 40 0.27 -11.10 4.68
CA VAL A 40 1.25 -10.34 3.93
C VAL A 40 2.54 -11.16 3.80
N ILE A 41 3.05 -11.20 2.60
CA ILE A 41 4.30 -11.85 2.31
C ILE A 41 5.25 -10.86 1.71
N LEU A 42 6.42 -10.78 2.24
CA LEU A 42 7.44 -9.98 1.65
C LEU A 42 8.29 -10.92 0.87
N SER A 43 8.34 -10.74 -0.39
CA SER A 43 9.19 -11.54 -1.18
C SER A 43 10.60 -11.00 -1.04
N ARG A 44 11.47 -11.80 -0.52
CA ARG A 44 12.82 -11.38 -0.23
C ARG A 44 13.76 -12.31 -0.92
N ASP A 45 14.73 -11.77 -1.63
CA ASP A 45 15.72 -12.59 -2.28
C ASP A 45 16.61 -13.21 -1.24
N GLU A 46 16.59 -14.52 -1.18
CA GLU A 46 17.33 -15.28 -0.19
C GLU A 46 18.86 -15.10 -0.30
N ASN A 47 19.33 -14.61 -1.43
CA ASN A 47 20.76 -14.46 -1.65
C ASN A 47 21.24 -13.18 -1.02
N THR A 48 20.50 -12.12 -1.24
CA THR A 48 20.86 -10.82 -0.71
C THR A 48 20.32 -10.64 0.71
N GLY A 49 19.27 -11.39 1.02
CA GLY A 49 18.69 -11.38 2.35
C GLY A 49 17.98 -10.08 2.67
N GLU A 50 17.62 -9.32 1.67
CA GLU A 50 16.97 -8.04 1.88
C GLU A 50 15.52 -8.07 1.42
N SER A 51 15.32 -7.95 0.12
CA SER A 51 14.00 -7.92 -0.46
C SER A 51 14.10 -8.34 -1.93
N GLN A 52 12.97 -8.59 -2.55
CA GLN A 52 12.90 -8.83 -3.99
C GLN A 52 12.36 -7.59 -4.67
N GLY A 53 11.94 -6.65 -3.87
CA GLY A 53 11.41 -5.43 -4.41
C GLY A 53 9.92 -5.53 -4.69
N PHE A 54 9.32 -6.64 -4.33
CA PHE A 54 7.90 -6.81 -4.52
C PHE A 54 7.35 -7.58 -3.33
N ALA A 55 6.09 -7.40 -3.05
CA ALA A 55 5.46 -8.07 -1.94
C ALA A 55 3.99 -8.33 -2.23
N TYR A 56 3.38 -9.07 -1.35
CA TYR A 56 1.99 -9.46 -1.46
C TYR A 56 1.27 -9.18 -0.15
N LEU A 57 0.05 -8.71 -0.24
CA LEU A 57 -0.77 -8.49 0.93
C LEU A 57 -2.22 -8.69 0.53
N LYS A 58 -3.00 -9.30 1.38
CA LYS A 58 -4.40 -9.48 1.12
C LYS A 58 -5.22 -8.91 2.25
N TYR A 59 -6.34 -8.36 1.92
CA TYR A 59 -7.20 -7.74 2.88
C TYR A 59 -8.39 -8.59 3.21
N GLU A 60 -9.04 -8.22 4.30
CA GLU A 60 -10.26 -8.83 4.74
C GLU A 60 -11.42 -8.34 3.86
N ASP A 61 -11.33 -7.11 3.37
CA ASP A 61 -12.37 -6.51 2.53
C ASP A 61 -11.74 -6.12 1.20
N GLN A 62 -12.39 -6.46 0.12
CA GLN A 62 -11.90 -6.19 -1.23
C GLN A 62 -11.92 -4.71 -1.63
N ARG A 63 -12.70 -3.91 -0.94
CA ARG A 63 -12.70 -2.46 -1.15
C ARG A 63 -11.35 -1.87 -0.72
N SER A 64 -10.79 -2.48 0.26
CA SER A 64 -9.51 -2.09 0.79
C SER A 64 -8.37 -2.24 -0.23
N THR A 65 -8.42 -3.29 -1.06
CA THR A 65 -7.34 -3.53 -2.01
C THR A 65 -7.25 -2.38 -3.01
N ILE A 66 -8.41 -1.98 -3.55
CA ILE A 66 -8.49 -0.87 -4.50
C ILE A 66 -8.09 0.43 -3.84
N LEU A 67 -8.50 0.60 -2.57
CA LEU A 67 -8.17 1.78 -1.77
C LEU A 67 -6.67 1.93 -1.64
N ALA A 68 -6.02 0.82 -1.39
CA ALA A 68 -4.61 0.81 -1.27
C ALA A 68 -3.94 1.01 -2.60
N VAL A 69 -4.44 0.34 -3.64
CA VAL A 69 -3.88 0.47 -4.97
C VAL A 69 -3.90 1.91 -5.49
N ASP A 70 -5.05 2.56 -5.38
CA ASP A 70 -5.23 3.90 -5.98
C ASP A 70 -4.46 4.98 -5.27
N ASN A 71 -4.24 4.78 -4.01
CA ASN A 71 -3.55 5.76 -3.19
C ASN A 71 -2.05 5.48 -3.05
N LEU A 72 -1.67 4.24 -3.18
CA LEU A 72 -0.27 3.85 -3.02
C LEU A 72 0.44 3.81 -4.34
N ASN A 73 -0.32 3.63 -5.42
CA ASN A 73 0.27 3.63 -6.74
C ASN A 73 0.85 5.01 -7.03
N GLY A 74 2.11 5.06 -7.38
CA GLY A 74 2.75 6.32 -7.72
C GLY A 74 3.18 7.12 -6.50
N PHE A 75 2.92 6.59 -5.31
CA PHE A 75 3.28 7.28 -4.09
C PHE A 75 4.73 6.95 -3.74
N LYS A 76 5.44 7.91 -3.19
CA LYS A 76 6.84 7.71 -2.90
C LYS A 76 7.09 7.37 -1.45
N ILE A 77 7.64 6.21 -1.21
CA ILE A 77 8.08 5.79 0.10
C ILE A 77 9.52 5.36 -0.05
N GLY A 78 10.36 5.67 0.92
CA GLY A 78 11.78 5.34 0.83
C GLY A 78 12.45 6.02 -0.35
N GLY A 79 11.83 7.08 -0.84
CA GLY A 79 12.32 7.80 -1.97
C GLY A 79 12.03 7.11 -3.30
N ARG A 80 11.24 6.06 -3.27
CA ARG A 80 10.91 5.32 -4.47
C ARG A 80 9.40 5.23 -4.65
N ALA A 81 8.95 5.22 -5.87
CA ALA A 81 7.52 5.22 -6.16
C ALA A 81 6.96 3.82 -6.18
N LEU A 82 6.07 3.55 -5.27
CA LEU A 82 5.43 2.26 -5.17
C LEU A 82 4.55 1.95 -6.35
N LYS A 83 4.54 0.71 -6.70
CA LYS A 83 3.69 0.23 -7.74
C LYS A 83 2.76 -0.78 -7.16
N ILE A 84 1.50 -0.49 -7.17
CA ILE A 84 0.55 -1.44 -6.65
C ILE A 84 -0.29 -1.85 -7.82
N ASP A 85 -0.52 -3.10 -7.97
CA ASP A 85 -1.25 -3.62 -9.10
C ASP A 85 -2.11 -4.77 -8.63
N HIS A 86 -3.20 -5.00 -9.30
CA HIS A 86 -4.06 -6.10 -8.94
C HIS A 86 -3.54 -7.38 -9.58
N THR A 87 -3.42 -8.40 -8.80
CA THR A 87 -2.92 -9.63 -9.28
C THR A 87 -3.62 -10.71 -8.48
N PHE A 88 -3.59 -11.93 -8.94
CA PHE A 88 -4.09 -12.98 -8.13
C PHE A 88 -2.90 -13.80 -7.71
N TYR A 89 -2.59 -13.74 -6.45
CA TYR A 89 -1.42 -14.40 -5.93
C TYR A 89 -1.80 -15.62 -5.10
N ARG A 90 -1.05 -16.69 -5.25
CA ARG A 90 -1.16 -17.84 -4.39
C ARG A 90 0.16 -18.02 -3.66
N PRO A 91 0.16 -17.87 -2.35
CA PRO A 91 1.37 -17.97 -1.54
C PRO A 91 1.95 -19.36 -1.45
N LYS A 92 3.25 -19.44 -1.49
CA LYS A 92 3.92 -20.67 -1.22
C LYS A 92 4.56 -20.53 0.14
N ARG A 93 4.08 -21.28 1.06
CA ARG A 93 4.56 -21.24 2.40
C ARG A 93 5.25 -22.54 2.67
N ASN B 5 -9.83 5.82 -3.05
CA ASN B 5 -10.19 7.18 -2.65
C ASN B 5 -11.60 7.22 -2.06
N ARG B 6 -11.72 7.83 -0.87
CA ARG B 6 -12.98 8.08 -0.11
C ARG B 6 -13.91 6.86 0.11
N PHE B 7 -13.34 5.78 0.52
CA PHE B 7 -14.11 4.60 0.93
C PHE B 7 -14.16 4.59 2.43
N ALA B 8 -15.03 3.80 3.01
CA ALA B 8 -15.16 3.77 4.44
C ALA B 8 -15.00 2.35 4.96
N ILE B 9 -13.78 1.97 5.16
CA ILE B 9 -13.43 0.69 5.69
C ILE B 9 -12.58 0.88 6.93
N MET B 10 -12.86 0.10 7.96
CA MET B 10 -12.14 0.17 9.22
C MET B 10 -10.66 -0.13 9.04
N PRO B 11 -9.79 0.69 9.65
CA PRO B 11 -8.34 0.51 9.57
C PRO B 11 -7.84 -0.69 10.41
N GLY B 12 -6.89 -1.40 9.85
CA GLY B 12 -6.31 -2.56 10.50
C GLY B 12 -5.55 -2.24 11.77
N SER B 13 -5.29 -3.25 12.56
CA SER B 13 -4.67 -3.11 13.86
C SER B 13 -3.18 -2.76 13.76
N ARG B 14 -2.59 -2.99 12.60
CA ARG B 14 -1.17 -2.74 12.39
C ARG B 14 -0.90 -1.28 12.09
N TRP B 15 -1.96 -0.52 12.00
CA TRP B 15 -1.88 0.88 11.73
C TRP B 15 -1.35 1.65 12.92
N ASP B 16 -0.31 2.33 12.65
CA ASP B 16 0.30 3.27 13.51
C ASP B 16 0.05 4.53 12.79
N GLY B 17 -0.18 5.59 13.51
CA GLY B 17 -0.50 6.96 13.02
C GLY B 17 0.43 7.51 11.94
N VAL B 18 0.41 6.81 10.90
CA VAL B 18 1.07 7.03 9.67
C VAL B 18 0.02 7.42 8.67
N HIS B 19 0.18 8.56 8.08
CA HIS B 19 -0.75 9.05 7.11
C HIS B 19 -0.12 8.93 5.73
N ARG B 20 -0.74 8.16 4.86
CA ARG B 20 -0.23 8.00 3.52
C ARG B 20 -1.33 8.33 2.53
N SER B 21 -1.19 9.42 1.86
CA SER B 21 -2.22 9.85 0.96
C SER B 21 -1.60 10.49 -0.28
N ASN B 22 -1.99 10.01 -1.45
CA ASN B 22 -1.47 10.58 -2.67
C ASN B 22 -2.31 11.78 -3.12
N GLY B 23 -2.11 12.86 -2.43
CA GLY B 23 -2.77 14.07 -2.74
C GLY B 23 -1.82 15.21 -2.63
N PHE B 24 -0.59 14.94 -2.90
CA PHE B 24 0.48 15.92 -2.85
C PHE B 24 0.47 16.86 -4.07
N GLU B 25 0.15 16.31 -5.23
CA GLU B 25 0.14 17.09 -6.48
C GLU B 25 -0.86 18.24 -6.42
N GLU B 26 -2.03 17.95 -5.87
CA GLU B 26 -3.09 18.94 -5.74
C GLU B 26 -2.66 20.10 -4.84
N LYS B 27 -1.87 19.80 -3.82
CA LYS B 27 -1.42 20.79 -2.84
C LYS B 27 -0.54 21.83 -3.52
N TRP B 28 0.41 21.35 -4.29
CA TRP B 28 1.31 22.22 -5.03
C TRP B 28 0.54 23.00 -6.07
N PHE B 29 -0.40 22.34 -6.70
CA PHE B 29 -1.25 22.95 -7.70
C PHE B 29 -2.13 24.04 -7.07
N ALA B 30 -2.57 23.78 -5.86
CA ALA B 30 -3.41 24.71 -5.16
C ALA B 30 -2.66 25.98 -4.78
N LYS B 31 -1.38 25.86 -4.44
CA LYS B 31 -0.60 27.01 -4.02
C LYS B 31 0.06 27.70 -5.18
N GLN B 32 0.15 27.01 -6.30
CA GLN B 32 0.79 27.57 -7.49
C GLN B 32 -0.18 28.48 -8.24
N ASN B 33 -1.36 28.65 -7.65
CA ASN B 33 -2.42 29.51 -8.21
C ASN B 33 -1.87 30.91 -8.49
N GLU B 34 -1.03 31.39 -7.60
CA GLU B 34 -0.33 32.63 -7.77
C GLU B 34 1.10 32.37 -7.40
N ILE B 35 2.00 32.61 -8.32
CA ILE B 35 3.38 32.30 -8.11
C ILE B 35 4.18 33.50 -7.64
N ASN B 36 3.82 34.66 -8.11
CA ASN B 36 4.55 35.85 -7.76
C ASN B 36 3.79 36.60 -6.68
N GLU B 37 2.55 36.26 -6.57
CA GLU B 37 1.66 36.85 -5.61
C GLU B 37 1.56 35.91 -4.41
N LYS B 38 0.67 36.22 -3.51
CA LYS B 38 0.40 35.45 -2.29
C LYS B 38 0.15 33.97 -2.62
N LYS B 39 0.63 33.10 -1.78
CA LYS B 39 0.48 31.69 -1.98
C LYS B 39 0.16 30.99 -0.65
N ASN A 5 -16.26 -8.24 -3.59
CA ASN A 5 -17.05 -9.47 -3.66
C ASN A 5 -16.14 -10.66 -3.67
N GLU A 6 -16.51 -11.69 -2.92
CA GLU A 6 -15.66 -12.87 -2.69
C GLU A 6 -15.51 -13.72 -3.94
N TYR A 7 -16.32 -13.41 -4.90
CA TYR A 7 -16.35 -14.09 -6.17
C TYR A 7 -15.34 -13.46 -7.14
N LYS A 8 -14.48 -12.60 -6.59
CA LYS A 8 -13.39 -12.01 -7.31
C LYS A 8 -12.12 -12.25 -6.51
N ASP A 9 -10.98 -11.92 -7.09
CA ASP A 9 -9.67 -12.14 -6.44
C ASP A 9 -9.00 -10.82 -6.23
N ASN A 10 -9.81 -9.81 -6.09
CA ASN A 10 -9.36 -8.44 -5.97
C ASN A 10 -8.88 -8.14 -4.56
N ALA A 11 -8.93 -9.15 -3.67
CA ALA A 11 -8.47 -8.98 -2.28
C ALA A 11 -6.98 -9.14 -2.21
N TYR A 12 -6.42 -9.70 -3.26
CA TYR A 12 -5.01 -9.95 -3.33
C TYR A 12 -4.42 -8.88 -4.22
N ILE A 13 -3.22 -8.46 -3.89
CA ILE A 13 -2.55 -7.44 -4.66
C ILE A 13 -1.08 -7.71 -4.73
N TYR A 14 -0.47 -7.06 -5.66
CA TYR A 14 0.92 -7.10 -5.88
C TYR A 14 1.47 -5.72 -5.60
N ILE A 15 2.44 -5.66 -4.75
CA ILE A 15 3.10 -4.44 -4.44
C ILE A 15 4.47 -4.54 -5.05
N GLY A 16 4.82 -3.56 -5.82
CA GLY A 16 6.09 -3.54 -6.46
C GLY A 16 6.82 -2.28 -6.14
N ASN A 17 8.11 -2.30 -6.41
CA ASN A 17 9.06 -1.20 -6.15
C ASN A 17 9.30 -1.07 -4.65
N LEU A 18 9.51 -2.19 -4.02
CA LEU A 18 9.82 -2.20 -2.60
C LEU A 18 11.24 -1.77 -2.35
N ASN A 19 11.43 -1.09 -1.28
CA ASN A 19 12.73 -0.66 -0.84
C ASN A 19 13.35 -1.82 -0.08
N ARG A 20 14.64 -1.96 -0.15
CA ARG A 20 15.38 -3.03 0.52
C ARG A 20 15.19 -3.00 2.04
N GLU A 21 14.81 -1.83 2.55
CA GLU A 21 14.66 -1.62 3.98
C GLU A 21 13.24 -1.89 4.44
N LEU A 22 12.32 -2.03 3.51
CA LEU A 22 10.93 -2.22 3.85
C LEU A 22 10.64 -3.64 4.25
N THR A 23 9.95 -3.78 5.34
CA THR A 23 9.61 -5.06 5.89
C THR A 23 8.09 -5.21 5.96
N GLU A 24 7.64 -6.42 6.34
CA GLU A 24 6.21 -6.72 6.48
C GLU A 24 5.53 -5.75 7.43
N GLY A 25 6.23 -5.40 8.50
CA GLY A 25 5.70 -4.48 9.48
C GLY A 25 5.39 -3.12 8.91
N ASP A 26 6.24 -2.66 8.01
CA ASP A 26 6.04 -1.35 7.38
C ASP A 26 4.83 -1.39 6.52
N ILE A 27 4.78 -2.43 5.69
CA ILE A 27 3.69 -2.62 4.78
C ILE A 27 2.38 -2.77 5.52
N LEU A 28 2.38 -3.60 6.55
CA LEU A 28 1.17 -3.88 7.32
C LEU A 28 0.59 -2.65 7.93
N THR A 29 1.44 -1.82 8.46
CA THR A 29 1.00 -0.61 9.10
C THR A 29 0.36 0.36 8.11
N VAL A 30 1.01 0.55 6.98
CA VAL A 30 0.53 1.48 5.96
C VAL A 30 -0.75 0.96 5.33
N PHE A 31 -0.75 -0.31 5.02
CA PHE A 31 -1.86 -0.98 4.40
C PHE A 31 -3.07 -1.02 5.33
N SER A 32 -2.83 -0.95 6.61
CA SER A 32 -3.88 -0.91 7.59
C SER A 32 -4.66 0.40 7.57
N GLU A 33 -4.09 1.45 7.01
CA GLU A 33 -4.82 2.71 6.90
C GLU A 33 -5.91 2.57 5.82
N TYR A 34 -5.73 1.61 4.93
CA TYR A 34 -6.66 1.39 3.84
C TYR A 34 -7.69 0.33 4.19
N GLY A 35 -7.39 -0.47 5.16
CA GLY A 35 -8.30 -1.49 5.59
C GLY A 35 -7.64 -2.47 6.48
N VAL A 36 -8.14 -3.67 6.49
CA VAL A 36 -7.63 -4.69 7.35
C VAL A 36 -6.82 -5.69 6.54
N PRO A 37 -5.50 -5.72 6.73
CA PRO A 37 -4.65 -6.69 6.10
C PRO A 37 -4.78 -8.02 6.86
N VAL A 38 -4.89 -9.11 6.15
CA VAL A 38 -5.06 -10.38 6.81
C VAL A 38 -3.87 -11.28 6.61
N ASP A 39 -3.09 -10.99 5.58
CA ASP A 39 -1.91 -11.77 5.28
C ASP A 39 -0.98 -10.94 4.44
N VAL A 40 0.30 -11.06 4.69
CA VAL A 40 1.31 -10.32 3.96
C VAL A 40 2.57 -11.20 3.78
N ILE A 41 3.11 -11.16 2.59
CA ILE A 41 4.36 -11.81 2.29
C ILE A 41 5.33 -10.79 1.75
N LEU A 42 6.48 -10.69 2.35
CA LEU A 42 7.51 -9.86 1.81
C LEU A 42 8.41 -10.79 1.06
N SER A 43 8.54 -10.59 -0.20
CA SER A 43 9.38 -11.41 -0.98
C SER A 43 10.79 -10.92 -0.79
N ARG A 44 11.62 -11.75 -0.22
CA ARG A 44 12.97 -11.39 0.05
C ARG A 44 13.88 -12.44 -0.51
N ASP A 45 14.97 -12.01 -1.05
CA ASP A 45 15.96 -12.90 -1.60
C ASP A 45 16.64 -13.64 -0.48
N GLU A 46 16.55 -14.96 -0.50
CA GLU A 46 17.11 -15.81 0.57
C GLU A 46 18.63 -15.68 0.72
N ASN A 47 19.29 -15.16 -0.29
CA ASN A 47 20.73 -15.05 -0.27
C ASN A 47 21.17 -13.82 0.50
N THR A 48 20.54 -12.71 0.19
CA THR A 48 20.88 -11.42 0.78
C THR A 48 20.04 -11.13 2.03
N GLY A 49 18.88 -11.76 2.12
CA GLY A 49 17.97 -11.54 3.23
C GLY A 49 17.23 -10.21 3.08
N GLU A 50 17.30 -9.62 1.89
CA GLU A 50 16.69 -8.32 1.65
C GLU A 50 15.56 -8.46 0.65
N SER A 51 14.65 -7.50 0.67
CA SER A 51 13.49 -7.45 -0.21
C SER A 51 13.87 -7.62 -1.68
N GLN A 52 13.06 -8.35 -2.40
CA GLN A 52 13.25 -8.58 -3.82
C GLN A 52 12.68 -7.43 -4.62
N GLY A 53 12.09 -6.49 -3.91
CA GLY A 53 11.52 -5.35 -4.54
C GLY A 53 10.06 -5.50 -4.82
N PHE A 54 9.45 -6.52 -4.26
CA PHE A 54 8.05 -6.72 -4.42
C PHE A 54 7.53 -7.45 -3.22
N ALA A 55 6.26 -7.33 -2.97
CA ALA A 55 5.63 -7.98 -1.86
C ALA A 55 4.16 -8.24 -2.17
N TYR A 56 3.53 -8.96 -1.30
CA TYR A 56 2.14 -9.33 -1.42
C TYR A 56 1.41 -9.06 -0.12
N LEU A 57 0.16 -8.66 -0.21
CA LEU A 57 -0.67 -8.45 0.93
C LEU A 57 -2.10 -8.63 0.49
N LYS A 58 -2.91 -9.25 1.30
CA LYS A 58 -4.30 -9.42 0.98
C LYS A 58 -5.14 -8.83 2.10
N TYR A 59 -6.23 -8.25 1.73
CA TYR A 59 -7.12 -7.61 2.68
C TYR A 59 -8.31 -8.47 2.97
N GLU A 60 -8.98 -8.11 4.03
CA GLU A 60 -10.21 -8.74 4.42
C GLU A 60 -11.33 -8.29 3.47
N ASP A 61 -11.26 -7.04 3.03
CA ASP A 61 -12.28 -6.48 2.15
C ASP A 61 -11.63 -5.93 0.88
N GLN A 62 -12.25 -6.18 -0.26
CA GLN A 62 -11.74 -5.74 -1.56
C GLN A 62 -11.84 -4.22 -1.76
N ARG A 63 -12.69 -3.57 -0.99
CA ARG A 63 -12.78 -2.11 -1.02
C ARG A 63 -11.47 -1.51 -0.53
N SER A 64 -10.89 -2.19 0.42
CA SER A 64 -9.64 -1.80 0.99
C SER A 64 -8.48 -1.93 0.00
N THR A 65 -8.50 -2.96 -0.86
CA THR A 65 -7.41 -3.15 -1.80
C THR A 65 -7.34 -2.01 -2.81
N ILE A 66 -8.50 -1.63 -3.34
CA ILE A 66 -8.59 -0.51 -4.27
C ILE A 66 -8.18 0.79 -3.61
N LEU A 67 -8.59 0.96 -2.34
CA LEU A 67 -8.16 2.13 -1.55
C LEU A 67 -6.66 2.17 -1.41
N ALA A 68 -6.08 1.03 -1.16
CA ALA A 68 -4.65 0.93 -1.01
C ALA A 68 -3.96 1.16 -2.32
N VAL A 69 -4.43 0.52 -3.36
CA VAL A 69 -3.84 0.67 -4.69
C VAL A 69 -3.86 2.14 -5.14
N ASP A 70 -5.00 2.75 -5.02
CA ASP A 70 -5.22 4.12 -5.50
C ASP A 70 -4.42 5.15 -4.73
N ASN A 71 -4.16 4.89 -3.48
CA ASN A 71 -3.41 5.85 -2.66
C ASN A 71 -1.93 5.52 -2.54
N LEU A 72 -1.56 4.29 -2.79
CA LEU A 72 -0.17 3.86 -2.63
C LEU A 72 0.55 3.84 -3.95
N ASN A 73 -0.17 3.55 -4.99
CA ASN A 73 0.43 3.50 -6.30
C ASN A 73 0.88 4.89 -6.69
N GLY A 74 2.14 5.02 -7.02
CA GLY A 74 2.69 6.30 -7.39
C GLY A 74 3.14 7.12 -6.19
N PHE A 75 2.93 6.59 -4.98
CA PHE A 75 3.34 7.27 -3.77
C PHE A 75 4.76 6.87 -3.43
N LYS A 76 5.57 7.81 -3.03
CA LYS A 76 6.96 7.54 -2.74
C LYS A 76 7.17 7.22 -1.28
N ILE A 77 7.65 6.04 -1.02
CA ILE A 77 8.03 5.65 0.31
C ILE A 77 9.52 5.35 0.24
N GLY A 78 10.23 5.70 1.30
CA GLY A 78 11.67 5.57 1.29
C GLY A 78 12.27 6.61 0.38
N GLY A 79 12.30 6.28 -0.88
CA GLY A 79 12.75 7.17 -1.90
C GLY A 79 12.28 6.69 -3.25
N ARG A 80 11.30 5.80 -3.26
CA ARG A 80 10.83 5.21 -4.49
C ARG A 80 9.32 5.15 -4.51
N ALA A 81 8.75 5.22 -5.68
CA ALA A 81 7.31 5.22 -5.83
C ALA A 81 6.79 3.82 -5.92
N LEU A 82 5.90 3.50 -5.03
CA LEU A 82 5.27 2.20 -4.99
C LEU A 82 4.39 1.93 -6.18
N LYS A 83 4.34 0.69 -6.55
CA LYS A 83 3.48 0.26 -7.59
C LYS A 83 2.55 -0.79 -7.05
N ILE A 84 1.29 -0.52 -7.03
CA ILE A 84 0.36 -1.50 -6.53
C ILE A 84 -0.54 -1.91 -7.65
N ASP A 85 -0.79 -3.19 -7.78
CA ASP A 85 -1.67 -3.70 -8.80
C ASP A 85 -2.43 -4.87 -8.24
N HIS A 86 -3.61 -5.09 -8.73
CA HIS A 86 -4.41 -6.22 -8.28
C HIS A 86 -3.98 -7.45 -9.06
N THR A 87 -3.88 -8.54 -8.39
CA THR A 87 -3.42 -9.75 -9.00
C THR A 87 -3.91 -10.90 -8.12
N PHE A 88 -4.09 -12.09 -8.64
CA PHE A 88 -4.39 -13.18 -7.76
C PHE A 88 -3.10 -13.86 -7.38
N TYR A 89 -2.74 -13.72 -6.14
CA TYR A 89 -1.53 -14.31 -5.64
C TYR A 89 -1.86 -15.49 -4.77
N ARG A 90 -1.15 -16.56 -4.94
CA ARG A 90 -1.23 -17.70 -4.07
C ARG A 90 0.13 -18.00 -3.48
N PRO A 91 0.25 -18.05 -2.17
CA PRO A 91 1.50 -18.28 -1.49
C PRO A 91 1.98 -19.73 -1.55
N LYS A 92 3.27 -19.90 -1.65
CA LYS A 92 3.88 -21.20 -1.60
C LYS A 92 4.36 -21.40 -0.18
N ARG A 93 4.03 -22.53 0.40
CA ARG A 93 4.43 -22.84 1.74
C ARG A 93 5.51 -23.91 1.71
N ASN B 5 -11.16 7.00 -1.73
CA ASN B 5 -12.00 8.21 -1.84
C ASN B 5 -13.45 7.78 -1.76
N ARG B 6 -14.17 8.29 -0.74
CA ARG B 6 -15.61 8.05 -0.42
C ARG B 6 -15.92 6.63 0.04
N PHE B 7 -14.94 5.90 0.46
CA PHE B 7 -15.15 4.55 0.99
C PHE B 7 -15.20 4.65 2.49
N ALA B 8 -15.78 3.68 3.13
CA ALA B 8 -15.89 3.66 4.56
C ALA B 8 -15.45 2.33 5.10
N ILE B 9 -14.18 2.20 5.33
CA ILE B 9 -13.62 0.98 5.89
C ILE B 9 -12.77 1.31 7.11
N MET B 10 -13.04 0.62 8.21
CA MET B 10 -12.27 0.78 9.44
C MET B 10 -10.86 0.28 9.25
N PRO B 11 -9.87 1.01 9.78
CA PRO B 11 -8.46 0.67 9.64
C PRO B 11 -8.09 -0.63 10.36
N GLY B 12 -7.00 -1.23 9.92
CA GLY B 12 -6.52 -2.45 10.51
C GLY B 12 -5.87 -2.22 11.85
N SER B 13 -5.57 -3.29 12.54
CA SER B 13 -4.98 -3.22 13.86
C SER B 13 -3.49 -2.90 13.80
N ARG B 14 -2.91 -3.09 12.63
CA ARG B 14 -1.49 -2.84 12.44
C ARG B 14 -1.23 -1.34 12.24
N TRP B 15 -2.29 -0.58 12.11
CA TRP B 15 -2.18 0.83 11.84
C TRP B 15 -1.72 1.63 13.03
N ASP B 16 -0.66 2.31 12.80
CA ASP B 16 -0.07 3.25 13.67
C ASP B 16 -0.11 4.47 12.82
N GLY B 17 -0.47 5.62 13.41
CA GLY B 17 -0.69 6.98 12.80
C GLY B 17 0.24 7.41 11.65
N VAL B 18 0.27 6.60 10.70
CA VAL B 18 0.98 6.74 9.47
C VAL B 18 -0.04 7.08 8.41
N HIS B 19 0.16 8.20 7.75
CA HIS B 19 -0.76 8.65 6.74
C HIS B 19 -0.10 8.60 5.38
N ARG B 20 -0.63 7.78 4.51
CA ARG B 20 -0.13 7.68 3.16
C ARG B 20 -1.23 8.04 2.18
N SER B 21 -1.08 9.16 1.55
CA SER B 21 -2.04 9.60 0.60
C SER B 21 -1.34 10.24 -0.55
N ASN B 22 -1.70 9.82 -1.72
CA ASN B 22 -1.19 10.41 -2.93
C ASN B 22 -2.12 11.56 -3.32
N GLY B 23 -1.91 12.10 -4.48
CA GLY B 23 -2.72 13.18 -4.94
C GLY B 23 -1.87 14.26 -5.54
N PHE B 24 -0.60 14.15 -5.36
CA PHE B 24 0.35 15.09 -5.92
C PHE B 24 0.57 14.84 -7.42
N GLU B 25 0.53 13.57 -7.81
CA GLU B 25 0.84 13.15 -9.19
C GLU B 25 -0.15 13.76 -10.16
N GLU B 26 -1.42 13.76 -9.75
CA GLU B 26 -2.50 14.27 -10.56
C GLU B 26 -2.32 15.75 -10.82
N LYS B 27 -1.79 16.46 -9.83
CA LYS B 27 -1.61 17.89 -9.92
C LYS B 27 -0.60 18.19 -10.99
N TRP B 28 0.47 17.42 -11.00
CA TRP B 28 1.52 17.57 -11.99
C TRP B 28 0.99 17.23 -13.36
N PHE B 29 0.20 16.18 -13.42
CA PHE B 29 -0.44 15.73 -14.65
C PHE B 29 -1.46 16.75 -15.16
N ALA B 30 -2.05 17.47 -14.25
CA ALA B 30 -3.00 18.47 -14.58
C ALA B 30 -2.32 19.73 -15.09
N LYS B 31 -1.23 20.11 -14.49
CA LYS B 31 -0.56 21.35 -14.82
C LYS B 31 0.42 21.19 -15.98
N GLN B 32 0.75 19.95 -16.30
CA GLN B 32 1.68 19.62 -17.38
C GLN B 32 1.07 19.88 -18.76
N ASN B 33 -0.16 20.37 -18.75
CA ASN B 33 -0.86 20.75 -19.97
C ASN B 33 -0.12 21.93 -20.61
N GLU B 34 0.52 22.72 -19.76
CA GLU B 34 1.31 23.81 -20.20
C GLU B 34 2.65 23.27 -20.68
N ILE B 35 2.86 23.39 -21.96
CA ILE B 35 3.99 22.79 -22.61
C ILE B 35 5.07 23.80 -22.92
N ASN B 36 4.65 25.01 -23.24
CA ASN B 36 5.59 26.06 -23.56
C ASN B 36 5.73 26.95 -22.36
N GLU B 37 4.81 26.79 -21.48
CA GLU B 37 4.79 27.48 -20.24
C GLU B 37 5.35 26.62 -19.14
N LYS B 38 5.17 27.08 -17.94
CA LYS B 38 5.65 26.46 -16.72
C LYS B 38 5.17 25.01 -16.52
N LYS B 39 6.04 24.09 -16.77
CA LYS B 39 5.78 22.72 -16.52
C LYS B 39 6.75 22.27 -15.46
N ASN A 5 -13.67 -11.27 2.27
CA ASN A 5 -13.88 -11.80 0.93
C ASN A 5 -14.92 -12.89 0.97
N GLU A 6 -15.96 -12.74 0.18
CA GLU A 6 -17.06 -13.66 0.18
C GLU A 6 -17.26 -14.29 -1.19
N TYR A 7 -17.17 -13.49 -2.25
CA TYR A 7 -17.56 -13.97 -3.56
C TYR A 7 -16.55 -13.68 -4.66
N LYS A 8 -15.40 -13.19 -4.32
CA LYS A 8 -14.44 -12.80 -5.35
C LYS A 8 -13.05 -13.32 -5.03
N ASP A 9 -12.09 -12.96 -5.86
CA ASP A 9 -10.68 -13.33 -5.63
C ASP A 9 -9.81 -12.08 -5.70
N ASN A 10 -10.47 -10.93 -5.73
CA ASN A 10 -9.81 -9.61 -5.83
C ASN A 10 -9.29 -9.13 -4.48
N ALA A 11 -8.92 -10.06 -3.62
CA ALA A 11 -8.43 -9.73 -2.30
C ALA A 11 -6.92 -9.66 -2.30
N TYR A 12 -6.32 -9.93 -3.44
CA TYR A 12 -4.88 -9.99 -3.53
C TYR A 12 -4.38 -8.84 -4.36
N ILE A 13 -3.23 -8.33 -4.01
CA ILE A 13 -2.60 -7.28 -4.75
C ILE A 13 -1.12 -7.53 -4.86
N TYR A 14 -0.54 -6.95 -5.85
CA TYR A 14 0.85 -7.00 -6.10
C TYR A 14 1.44 -5.67 -5.75
N ILE A 15 2.37 -5.68 -4.86
CA ILE A 15 3.07 -4.48 -4.52
C ILE A 15 4.47 -4.62 -5.09
N GLY A 16 4.89 -3.65 -5.81
CA GLY A 16 6.19 -3.65 -6.41
C GLY A 16 6.87 -2.35 -6.11
N ASN A 17 8.14 -2.24 -6.48
CA ASN A 17 8.95 -1.02 -6.23
C ASN A 17 9.25 -0.86 -4.75
N LEU A 18 9.37 -1.99 -4.07
CA LEU A 18 9.67 -1.99 -2.65
C LEU A 18 11.08 -1.53 -2.37
N ASN A 19 11.26 -1.05 -1.20
CA ASN A 19 12.54 -0.67 -0.71
C ASN A 19 13.06 -1.85 0.07
N ARG A 20 14.34 -2.06 0.04
CA ARG A 20 14.99 -3.13 0.75
C ARG A 20 14.79 -3.00 2.28
N GLU A 21 14.51 -1.79 2.75
CA GLU A 21 14.32 -1.57 4.20
C GLU A 21 12.87 -1.77 4.61
N LEU A 22 12.03 -2.08 3.65
CA LEU A 22 10.64 -2.31 3.92
C LEU A 22 10.39 -3.76 4.20
N THR A 23 9.81 -3.99 5.33
CA THR A 23 9.47 -5.29 5.81
C THR A 23 7.96 -5.40 5.87
N GLU A 24 7.47 -6.59 6.20
CA GLU A 24 6.06 -6.88 6.29
C GLU A 24 5.38 -5.92 7.26
N GLY A 25 6.04 -5.64 8.37
CA GLY A 25 5.50 -4.75 9.39
C GLY A 25 5.26 -3.34 8.89
N ASP A 26 6.18 -2.85 8.05
CA ASP A 26 6.06 -1.49 7.50
C ASP A 26 4.88 -1.46 6.58
N ILE A 27 4.82 -2.45 5.70
CA ILE A 27 3.76 -2.59 4.72
C ILE A 27 2.41 -2.71 5.42
N LEU A 28 2.35 -3.52 6.46
CA LEU A 28 1.13 -3.75 7.19
C LEU A 28 0.57 -2.48 7.76
N THR A 29 1.42 -1.67 8.36
CA THR A 29 0.99 -0.43 8.95
C THR A 29 0.41 0.53 7.90
N VAL A 30 1.11 0.66 6.80
CA VAL A 30 0.69 1.53 5.73
C VAL A 30 -0.63 1.03 5.12
N PHE A 31 -0.65 -0.24 4.80
CA PHE A 31 -1.77 -0.88 4.18
C PHE A 31 -3.00 -0.94 5.08
N SER A 32 -2.78 -0.87 6.37
CA SER A 32 -3.86 -0.85 7.33
C SER A 32 -4.64 0.46 7.31
N GLU A 33 -4.05 1.51 6.72
CA GLU A 33 -4.79 2.77 6.61
C GLU A 33 -5.95 2.59 5.60
N TYR A 34 -5.78 1.63 4.69
CA TYR A 34 -6.73 1.39 3.61
C TYR A 34 -7.75 0.35 3.97
N GLY A 35 -7.49 -0.40 5.01
CA GLY A 35 -8.39 -1.41 5.43
C GLY A 35 -7.70 -2.40 6.31
N VAL A 36 -8.27 -3.56 6.40
CA VAL A 36 -7.76 -4.60 7.28
C VAL A 36 -6.98 -5.66 6.52
N PRO A 37 -5.66 -5.71 6.71
CA PRO A 37 -4.81 -6.73 6.14
C PRO A 37 -4.91 -8.03 6.93
N VAL A 38 -4.93 -9.15 6.25
CA VAL A 38 -5.03 -10.42 6.94
C VAL A 38 -3.77 -11.27 6.75
N ASP A 39 -3.01 -10.99 5.69
CA ASP A 39 -1.80 -11.75 5.41
C ASP A 39 -0.90 -10.93 4.53
N VAL A 40 0.40 -11.04 4.73
CA VAL A 40 1.36 -10.31 3.94
C VAL A 40 2.64 -11.14 3.74
N ILE A 41 3.11 -11.19 2.52
CA ILE A 41 4.32 -11.89 2.18
C ILE A 41 5.30 -10.93 1.56
N LEU A 42 6.48 -10.88 2.10
CA LEU A 42 7.52 -10.08 1.53
C LEU A 42 8.37 -11.03 0.73
N SER A 43 8.53 -10.78 -0.53
CA SER A 43 9.33 -11.64 -1.32
C SER A 43 10.77 -11.19 -1.18
N ARG A 44 11.62 -12.08 -0.75
CA ARG A 44 13.01 -11.78 -0.57
C ARG A 44 13.88 -12.64 -1.44
N ASP A 45 14.90 -12.05 -1.97
CA ASP A 45 15.84 -12.71 -2.84
C ASP A 45 16.75 -13.59 -2.06
N GLU A 46 16.76 -14.83 -2.47
CA GLU A 46 17.55 -15.87 -1.84
C GLU A 46 19.05 -15.59 -1.90
N ASN A 47 19.48 -14.82 -2.88
CA ASN A 47 20.90 -14.54 -3.06
C ASN A 47 21.36 -13.42 -2.16
N THR A 48 20.65 -12.30 -2.19
CA THR A 48 21.05 -11.12 -1.47
C THR A 48 20.54 -11.12 -0.03
N GLY A 49 19.48 -11.85 0.20
CA GLY A 49 18.87 -11.90 1.51
C GLY A 49 17.94 -10.69 1.74
N GLU A 50 17.87 -9.82 0.76
CA GLU A 50 17.06 -8.62 0.85
C GLU A 50 15.77 -8.82 0.10
N SER A 51 14.91 -7.83 0.16
CA SER A 51 13.65 -7.83 -0.54
C SER A 51 13.89 -7.94 -2.06
N GLN A 52 12.96 -8.60 -2.74
CA GLN A 52 12.96 -8.74 -4.19
C GLN A 52 12.43 -7.49 -4.84
N GLY A 53 11.95 -6.59 -4.02
CA GLY A 53 11.40 -5.37 -4.53
C GLY A 53 9.91 -5.48 -4.76
N PHE A 54 9.34 -6.60 -4.37
CA PHE A 54 7.93 -6.78 -4.51
C PHE A 54 7.40 -7.56 -3.32
N ALA A 55 6.16 -7.36 -3.00
CA ALA A 55 5.53 -8.03 -1.91
C ALA A 55 4.06 -8.25 -2.20
N TYR A 56 3.42 -9.00 -1.34
CA TYR A 56 2.03 -9.35 -1.46
C TYR A 56 1.32 -9.07 -0.16
N LEU A 57 0.11 -8.56 -0.24
CA LEU A 57 -0.69 -8.34 0.92
C LEU A 57 -2.14 -8.55 0.52
N LYS A 58 -2.90 -9.15 1.38
CA LYS A 58 -4.29 -9.39 1.11
C LYS A 58 -5.12 -8.80 2.23
N TYR A 59 -6.25 -8.29 1.88
CA TYR A 59 -7.14 -7.70 2.83
C TYR A 59 -8.33 -8.57 3.01
N GLU A 60 -9.07 -8.32 4.05
CA GLU A 60 -10.31 -9.00 4.28
C GLU A 60 -11.38 -8.38 3.39
N ASP A 61 -11.29 -7.07 3.22
CA ASP A 61 -12.27 -6.35 2.45
C ASP A 61 -11.64 -5.96 1.12
N GLN A 62 -12.27 -6.36 0.07
CA GLN A 62 -11.78 -6.11 -1.28
C GLN A 62 -11.86 -4.65 -1.69
N ARG A 63 -12.66 -3.89 -1.00
CA ARG A 63 -12.72 -2.46 -1.21
C ARG A 63 -11.39 -1.84 -0.80
N SER A 64 -10.80 -2.41 0.19
CA SER A 64 -9.54 -1.98 0.71
C SER A 64 -8.39 -2.16 -0.33
N THR A 65 -8.41 -3.24 -1.11
CA THR A 65 -7.34 -3.50 -2.08
C THR A 65 -7.27 -2.37 -3.12
N ILE A 66 -8.44 -2.01 -3.65
CA ILE A 66 -8.57 -0.94 -4.61
C ILE A 66 -8.21 0.41 -3.98
N LEU A 67 -8.60 0.58 -2.73
CA LEU A 67 -8.25 1.79 -1.97
C LEU A 67 -6.75 1.94 -1.85
N ALA A 68 -6.08 0.85 -1.56
CA ALA A 68 -4.66 0.87 -1.40
C ALA A 68 -3.96 1.11 -2.71
N VAL A 69 -4.39 0.41 -3.76
CA VAL A 69 -3.80 0.58 -5.10
C VAL A 69 -3.88 2.06 -5.56
N ASP A 70 -5.05 2.61 -5.41
CA ASP A 70 -5.41 3.97 -5.85
C ASP A 70 -4.58 5.05 -5.15
N ASN A 71 -4.25 4.81 -3.93
CA ASN A 71 -3.55 5.80 -3.14
C ASN A 71 -2.03 5.54 -3.09
N LEU A 72 -1.65 4.27 -3.17
CA LEU A 72 -0.26 3.86 -2.96
C LEU A 72 0.51 3.77 -4.23
N ASN A 73 -0.17 3.47 -5.30
CA ASN A 73 0.51 3.38 -6.55
C ASN A 73 1.00 4.77 -6.93
N GLY A 74 2.28 4.89 -7.19
CA GLY A 74 2.85 6.19 -7.50
C GLY A 74 3.19 7.00 -6.24
N PHE A 75 2.92 6.43 -5.08
CA PHE A 75 3.17 7.09 -3.81
C PHE A 75 4.58 6.77 -3.34
N LYS A 76 5.27 7.77 -2.83
CA LYS A 76 6.65 7.61 -2.43
C LYS A 76 6.80 7.21 -0.97
N ILE A 77 7.37 6.06 -0.75
CA ILE A 77 7.72 5.60 0.57
C ILE A 77 9.19 5.20 0.50
N GLY A 78 9.94 5.48 1.55
CA GLY A 78 11.34 5.14 1.59
C GLY A 78 12.15 5.79 0.47
N GLY A 79 11.63 6.86 -0.09
CA GLY A 79 12.32 7.57 -1.16
C GLY A 79 12.00 7.03 -2.55
N ARG A 80 11.03 6.15 -2.66
CA ARG A 80 10.68 5.58 -3.96
C ARG A 80 9.19 5.44 -4.13
N ALA A 81 8.74 5.58 -5.35
CA ALA A 81 7.34 5.48 -5.68
C ALA A 81 6.92 4.02 -5.83
N LEU A 82 6.01 3.62 -4.98
CA LEU A 82 5.45 2.28 -4.98
C LEU A 82 4.63 1.96 -6.19
N LYS A 83 4.64 0.71 -6.55
CA LYS A 83 3.83 0.21 -7.61
C LYS A 83 2.84 -0.77 -7.05
N ILE A 84 1.58 -0.50 -7.21
CA ILE A 84 0.60 -1.44 -6.72
C ILE A 84 -0.25 -1.87 -7.89
N ASP A 85 -0.51 -3.13 -8.00
CA ASP A 85 -1.29 -3.64 -9.09
C ASP A 85 -2.16 -4.77 -8.60
N HIS A 86 -3.27 -5.01 -9.24
CA HIS A 86 -4.15 -6.10 -8.86
C HIS A 86 -3.66 -7.38 -9.50
N THR A 87 -3.68 -8.44 -8.75
CA THR A 87 -3.19 -9.70 -9.23
C THR A 87 -3.88 -10.81 -8.45
N PHE A 88 -3.96 -11.99 -9.00
CA PHE A 88 -4.36 -13.09 -8.19
C PHE A 88 -3.11 -13.81 -7.74
N TYR A 89 -2.83 -13.69 -6.48
CA TYR A 89 -1.67 -14.28 -5.89
C TYR A 89 -2.05 -15.45 -5.03
N ARG A 90 -1.34 -16.52 -5.15
CA ARG A 90 -1.51 -17.64 -4.27
C ARG A 90 -0.22 -17.89 -3.52
N PRO A 91 -0.26 -17.77 -2.19
CA PRO A 91 0.91 -17.95 -1.34
C PRO A 91 1.51 -19.34 -1.41
N LYS A 92 2.80 -19.38 -1.40
CA LYS A 92 3.56 -20.60 -1.37
C LYS A 92 4.38 -20.51 -0.09
N ARG A 93 4.33 -21.51 0.72
CA ARG A 93 5.00 -21.45 2.00
C ARG A 93 6.23 -22.35 1.99
N ASN B 5 -10.23 5.77 -3.24
CA ASN B 5 -11.16 6.79 -3.78
C ASN B 5 -12.54 6.73 -3.11
N ARG B 6 -12.73 7.53 -2.06
CA ARG B 6 -14.03 7.74 -1.33
C ARG B 6 -14.76 6.47 -0.86
N PHE B 7 -14.05 5.61 -0.22
CA PHE B 7 -14.63 4.43 0.42
C PHE B 7 -14.63 4.63 1.92
N ALA B 8 -15.37 3.82 2.64
CA ALA B 8 -15.44 3.92 4.06
C ALA B 8 -15.26 2.55 4.71
N ILE B 9 -14.02 2.19 4.92
CA ILE B 9 -13.65 0.94 5.54
C ILE B 9 -12.83 1.23 6.80
N MET B 10 -13.06 0.45 7.85
CA MET B 10 -12.33 0.57 9.09
C MET B 10 -10.87 0.14 8.90
N PRO B 11 -9.93 0.87 9.49
CA PRO B 11 -8.51 0.58 9.36
C PRO B 11 -8.08 -0.71 10.07
N GLY B 12 -6.98 -1.25 9.65
CA GLY B 12 -6.45 -2.47 10.22
C GLY B 12 -5.83 -2.26 11.57
N SER B 13 -5.54 -3.36 12.24
CA SER B 13 -4.99 -3.32 13.58
C SER B 13 -3.49 -2.99 13.52
N ARG B 14 -2.90 -3.08 12.35
CA ARG B 14 -1.47 -2.81 12.18
C ARG B 14 -1.22 -1.32 11.94
N TRP B 15 -2.29 -0.55 11.84
CA TRP B 15 -2.20 0.87 11.60
C TRP B 15 -1.76 1.61 12.83
N ASP B 16 -0.78 2.38 12.61
CA ASP B 16 -0.26 3.28 13.54
C ASP B 16 -0.32 4.58 12.81
N GLY B 17 -0.54 5.65 13.53
CA GLY B 17 -0.66 7.08 13.06
C GLY B 17 0.29 7.54 11.97
N VAL B 18 0.17 6.88 10.90
CA VAL B 18 0.85 7.10 9.66
C VAL B 18 -0.18 7.69 8.71
N HIS B 19 0.20 8.72 8.01
CA HIS B 19 -0.68 9.44 7.12
C HIS B 19 -0.23 9.22 5.68
N ARG B 20 -1.03 8.53 4.91
CA ARG B 20 -0.72 8.28 3.52
C ARG B 20 -1.71 8.98 2.60
N SER B 21 -1.27 9.96 1.90
CA SER B 21 -2.11 10.68 0.99
C SER B 21 -1.49 10.75 -0.40
N ASN B 22 -2.25 10.30 -1.38
CA ASN B 22 -1.81 10.21 -2.76
C ASN B 22 -1.42 11.58 -3.31
N GLY B 23 -0.17 11.73 -3.65
CA GLY B 23 0.31 12.98 -4.18
C GLY B 23 0.58 13.96 -3.07
N PHE B 24 1.13 13.49 -1.99
CA PHE B 24 1.43 14.33 -0.82
C PHE B 24 2.33 15.54 -1.18
N GLU B 25 3.22 15.35 -2.14
CA GLU B 25 4.17 16.37 -2.52
C GLU B 25 3.47 17.59 -3.13
N GLU B 26 2.47 17.35 -3.98
CA GLU B 26 1.72 18.45 -4.59
C GLU B 26 0.95 19.21 -3.52
N LYS B 27 0.47 18.49 -2.52
CA LYS B 27 -0.32 19.05 -1.45
C LYS B 27 0.51 20.02 -0.62
N TRP B 28 1.72 19.62 -0.31
CA TRP B 28 2.65 20.43 0.45
C TRP B 28 2.98 21.68 -0.34
N PHE B 29 3.18 21.48 -1.62
CA PHE B 29 3.49 22.51 -2.57
C PHE B 29 2.30 23.45 -2.79
N ALA B 30 1.12 22.96 -2.61
CA ALA B 30 -0.04 23.75 -2.84
C ALA B 30 -0.29 24.73 -1.71
N LYS B 31 -0.07 24.31 -0.47
CA LYS B 31 -0.41 25.15 0.67
C LYS B 31 0.70 26.11 1.01
N GLN B 32 1.87 25.85 0.48
CA GLN B 32 3.07 26.65 0.76
C GLN B 32 2.97 28.06 0.21
N ASN B 33 1.84 28.33 -0.44
CA ASN B 33 1.55 29.64 -1.00
C ASN B 33 1.19 30.62 0.11
N GLU B 34 0.79 30.05 1.23
CA GLU B 34 0.38 30.81 2.40
C GLU B 34 1.52 31.61 3.02
N ILE B 35 1.16 32.75 3.55
CA ILE B 35 2.11 33.61 4.24
C ILE B 35 2.06 33.40 5.74
N ASN B 36 0.92 32.97 6.22
CA ASN B 36 0.74 32.68 7.66
C ASN B 36 1.21 31.27 7.96
N GLU B 37 1.12 30.44 6.96
CA GLU B 37 1.58 29.09 7.06
C GLU B 37 2.93 28.94 6.44
N LYS B 38 3.52 27.82 6.65
CA LYS B 38 4.86 27.53 6.21
C LYS B 38 4.85 26.82 4.87
N LYS B 39 6.03 26.68 4.32
CA LYS B 39 6.24 25.97 3.10
C LYS B 39 6.03 24.49 3.37
N ASN A 5 -14.87 -8.79 1.67
CA ASN A 5 -15.42 -10.12 1.45
C ASN A 5 -14.29 -11.11 1.56
N GLU A 6 -14.32 -11.92 2.61
CA GLU A 6 -13.25 -12.84 2.88
C GLU A 6 -13.34 -14.14 2.10
N TYR A 7 -14.41 -14.30 1.37
CA TYR A 7 -14.62 -15.47 0.55
C TYR A 7 -14.61 -15.12 -0.92
N LYS A 8 -13.96 -14.03 -1.22
CA LYS A 8 -13.75 -13.61 -2.58
C LYS A 8 -12.27 -13.46 -2.78
N ASP A 9 -11.82 -13.72 -3.97
CA ASP A 9 -10.38 -13.75 -4.20
C ASP A 9 -9.83 -12.51 -4.88
N ASN A 10 -10.66 -11.49 -5.01
CA ASN A 10 -10.22 -10.18 -5.56
C ASN A 10 -9.52 -9.37 -4.46
N ALA A 11 -9.00 -10.06 -3.47
CA ALA A 11 -8.44 -9.43 -2.30
C ALA A 11 -6.92 -9.39 -2.38
N TYR A 12 -6.36 -9.89 -3.46
CA TYR A 12 -4.91 -9.96 -3.56
C TYR A 12 -4.39 -8.80 -4.38
N ILE A 13 -3.24 -8.31 -4.01
CA ILE A 13 -2.62 -7.23 -4.73
C ILE A 13 -1.14 -7.47 -4.87
N TYR A 14 -0.58 -6.84 -5.86
CA TYR A 14 0.80 -6.90 -6.16
C TYR A 14 1.42 -5.59 -5.79
N ILE A 15 2.39 -5.64 -4.93
CA ILE A 15 3.12 -4.45 -4.56
C ILE A 15 4.49 -4.60 -5.17
N GLY A 16 4.91 -3.61 -5.88
CA GLY A 16 6.19 -3.64 -6.51
C GLY A 16 6.95 -2.38 -6.24
N ASN A 17 8.25 -2.44 -6.49
CA ASN A 17 9.22 -1.35 -6.27
C ASN A 17 9.50 -1.18 -4.80
N LEU A 18 9.56 -2.30 -4.10
CA LEU A 18 9.85 -2.30 -2.67
C LEU A 18 11.26 -1.87 -2.37
N ASN A 19 11.40 -1.18 -1.28
CA ASN A 19 12.70 -0.73 -0.80
C ASN A 19 13.24 -1.82 0.10
N ARG A 20 14.54 -1.92 0.18
CA ARG A 20 15.21 -2.89 1.02
C ARG A 20 14.84 -2.71 2.50
N GLU A 21 14.47 -1.49 2.86
CA GLU A 21 14.15 -1.17 4.25
C GLU A 21 12.66 -1.40 4.55
N LEU A 22 11.92 -1.84 3.57
CA LEU A 22 10.51 -2.05 3.75
C LEU A 22 10.21 -3.49 4.06
N THR A 23 9.79 -3.70 5.26
CA THR A 23 9.47 -5.01 5.74
C THR A 23 7.97 -5.19 5.78
N GLU A 24 7.54 -6.39 6.12
CA GLU A 24 6.14 -6.73 6.25
C GLU A 24 5.47 -5.78 7.22
N GLY A 25 6.17 -5.46 8.30
CA GLY A 25 5.67 -4.57 9.31
C GLY A 25 5.34 -3.18 8.78
N ASP A 26 6.21 -2.66 7.91
CA ASP A 26 6.01 -1.33 7.33
C ASP A 26 4.80 -1.37 6.44
N ILE A 27 4.78 -2.38 5.58
CA ILE A 27 3.69 -2.59 4.65
C ILE A 27 2.37 -2.76 5.40
N LEU A 28 2.37 -3.56 6.43
CA LEU A 28 1.18 -3.84 7.21
C LEU A 28 0.59 -2.61 7.82
N THR A 29 1.43 -1.79 8.42
CA THR A 29 0.97 -0.56 9.03
C THR A 29 0.37 0.38 7.99
N VAL A 30 1.05 0.53 6.89
CA VAL A 30 0.62 1.41 5.83
C VAL A 30 -0.68 0.90 5.19
N PHE A 31 -0.71 -0.36 4.89
CA PHE A 31 -1.83 -1.00 4.27
C PHE A 31 -3.05 -1.05 5.20
N SER A 32 -2.81 -0.97 6.49
CA SER A 32 -3.87 -0.91 7.47
C SER A 32 -4.65 0.42 7.39
N GLU A 33 -4.08 1.44 6.75
CA GLU A 33 -4.80 2.69 6.54
C GLU A 33 -5.99 2.47 5.58
N TYR A 34 -5.85 1.47 4.72
CA TYR A 34 -6.82 1.22 3.67
C TYR A 34 -7.86 0.19 4.06
N GLY A 35 -7.58 -0.52 5.10
CA GLY A 35 -8.46 -1.52 5.55
C GLY A 35 -7.75 -2.49 6.41
N VAL A 36 -8.22 -3.68 6.44
CA VAL A 36 -7.67 -4.70 7.29
C VAL A 36 -6.84 -5.67 6.47
N PRO A 37 -5.51 -5.65 6.61
CA PRO A 37 -4.67 -6.61 5.97
C PRO A 37 -4.74 -7.91 6.76
N VAL A 38 -4.86 -9.02 6.08
CA VAL A 38 -4.98 -10.27 6.79
C VAL A 38 -3.74 -11.13 6.62
N ASP A 39 -2.99 -10.89 5.56
CA ASP A 39 -1.79 -11.66 5.32
C ASP A 39 -0.89 -10.87 4.40
N VAL A 40 0.40 -10.95 4.63
CA VAL A 40 1.37 -10.26 3.80
C VAL A 40 2.60 -11.16 3.60
N ILE A 41 3.07 -11.25 2.39
CA ILE A 41 4.28 -12.01 2.09
C ILE A 41 5.30 -11.09 1.49
N LEU A 42 6.45 -11.04 2.09
CA LEU A 42 7.51 -10.23 1.57
C LEU A 42 8.42 -11.17 0.81
N SER A 43 8.58 -10.93 -0.44
CA SER A 43 9.48 -11.72 -1.19
C SER A 43 10.86 -11.12 -0.99
N ARG A 44 11.73 -11.89 -0.39
CA ARG A 44 13.05 -11.42 -0.05
C ARG A 44 14.08 -12.30 -0.68
N ASP A 45 15.04 -11.69 -1.32
CA ASP A 45 16.14 -12.40 -1.90
C ASP A 45 16.94 -13.01 -0.78
N GLU A 46 17.18 -14.28 -0.85
CA GLU A 46 17.88 -15.01 0.21
C GLU A 46 19.31 -14.51 0.46
N ASN A 47 19.87 -13.82 -0.50
CA ASN A 47 21.24 -13.35 -0.35
C ASN A 47 21.26 -12.09 0.46
N THR A 48 20.42 -11.15 0.11
CA THR A 48 20.43 -9.88 0.80
C THR A 48 19.51 -9.89 2.02
N GLY A 49 18.53 -10.78 2.00
CA GLY A 49 17.56 -10.89 3.09
C GLY A 49 16.66 -9.67 3.19
N GLU A 50 16.77 -8.77 2.23
CA GLU A 50 16.06 -7.51 2.27
C GLU A 50 14.71 -7.61 1.59
N SER A 51 14.73 -7.65 0.29
CA SER A 51 13.52 -7.72 -0.48
C SER A 51 13.92 -8.09 -1.90
N GLN A 52 12.97 -8.55 -2.66
CA GLN A 52 13.16 -8.79 -4.08
C GLN A 52 12.59 -7.64 -4.86
N GLY A 53 12.05 -6.69 -4.12
CA GLY A 53 11.49 -5.51 -4.71
C GLY A 53 10.01 -5.63 -4.92
N PHE A 54 9.41 -6.67 -4.41
CA PHE A 54 7.99 -6.85 -4.57
C PHE A 54 7.45 -7.61 -3.37
N ALA A 55 6.20 -7.43 -3.08
CA ALA A 55 5.57 -8.10 -1.99
C ALA A 55 4.09 -8.32 -2.29
N TYR A 56 3.46 -9.08 -1.46
CA TYR A 56 2.06 -9.43 -1.59
C TYR A 56 1.35 -9.15 -0.28
N LEU A 57 0.14 -8.67 -0.36
CA LEU A 57 -0.67 -8.45 0.80
C LEU A 57 -2.12 -8.65 0.39
N LYS A 58 -2.89 -9.25 1.24
CA LYS A 58 -4.27 -9.46 0.96
C LYS A 58 -5.11 -8.83 2.06
N TYR A 59 -6.22 -8.29 1.69
CA TYR A 59 -7.11 -7.65 2.62
C TYR A 59 -8.29 -8.49 2.92
N GLU A 60 -8.96 -8.12 3.98
CA GLU A 60 -10.20 -8.74 4.38
C GLU A 60 -11.29 -8.35 3.37
N ASP A 61 -11.25 -7.10 2.91
CA ASP A 61 -12.25 -6.61 1.97
C ASP A 61 -11.60 -6.04 0.71
N GLN A 62 -12.26 -6.27 -0.41
CA GLN A 62 -11.82 -5.86 -1.73
C GLN A 62 -11.88 -4.33 -1.94
N ARG A 63 -12.70 -3.66 -1.19
CA ARG A 63 -12.77 -2.19 -1.24
C ARG A 63 -11.48 -1.62 -0.68
N SER A 64 -10.96 -2.28 0.28
CA SER A 64 -9.70 -1.94 0.88
C SER A 64 -8.54 -2.12 -0.11
N THR A 65 -8.59 -3.16 -0.95
CA THR A 65 -7.50 -3.40 -1.87
C THR A 65 -7.41 -2.28 -2.91
N ILE A 66 -8.56 -1.88 -3.46
CA ILE A 66 -8.63 -0.78 -4.42
C ILE A 66 -8.23 0.53 -3.77
N LEU A 67 -8.63 0.72 -2.50
CA LEU A 67 -8.23 1.88 -1.72
C LEU A 67 -6.74 1.96 -1.62
N ALA A 68 -6.12 0.83 -1.37
CA ALA A 68 -4.69 0.77 -1.24
C ALA A 68 -4.00 0.95 -2.57
N VAL A 69 -4.47 0.25 -3.59
CA VAL A 69 -3.85 0.32 -4.91
C VAL A 69 -3.81 1.75 -5.43
N ASP A 70 -4.92 2.41 -5.38
CA ASP A 70 -5.07 3.73 -5.97
C ASP A 70 -4.35 4.82 -5.17
N ASN A 71 -4.24 4.62 -3.89
CA ASN A 71 -3.63 5.62 -3.01
C ASN A 71 -2.10 5.42 -2.94
N LEU A 72 -1.68 4.17 -3.05
CA LEU A 72 -0.28 3.80 -2.87
C LEU A 72 0.47 3.75 -4.17
N ASN A 73 -0.21 3.44 -5.23
CA ASN A 73 0.42 3.38 -6.52
C ASN A 73 0.85 4.78 -6.92
N GLY A 74 2.11 4.91 -7.23
CA GLY A 74 2.67 6.20 -7.57
C GLY A 74 3.17 6.95 -6.35
N PHE A 75 2.89 6.45 -5.17
CA PHE A 75 3.28 7.09 -3.93
C PHE A 75 4.73 6.76 -3.63
N LYS A 76 5.48 7.72 -3.19
CA LYS A 76 6.88 7.52 -2.93
C LYS A 76 7.16 7.26 -1.48
N ILE A 77 7.81 6.16 -1.22
CA ILE A 77 8.27 5.82 0.11
C ILE A 77 9.75 5.50 -0.04
N GLY A 78 10.57 5.89 0.91
CA GLY A 78 12.00 5.60 0.85
C GLY A 78 12.72 6.27 -0.32
N GLY A 79 12.03 7.14 -1.04
CA GLY A 79 12.61 7.77 -2.19
C GLY A 79 12.22 7.08 -3.49
N ARG A 80 11.44 6.02 -3.39
CA ARG A 80 11.02 5.29 -4.58
C ARG A 80 9.51 5.21 -4.67
N ALA A 81 9.00 5.11 -5.86
CA ALA A 81 7.58 5.11 -6.12
C ALA A 81 7.02 3.72 -6.09
N LEU A 82 6.10 3.48 -5.19
CA LEU A 82 5.44 2.21 -5.09
C LEU A 82 4.55 1.92 -6.27
N LYS A 83 4.50 0.68 -6.63
CA LYS A 83 3.65 0.23 -7.67
C LYS A 83 2.71 -0.81 -7.11
N ILE A 84 1.44 -0.52 -7.14
CA ILE A 84 0.47 -1.46 -6.65
C ILE A 84 -0.43 -1.80 -7.78
N ASP A 85 -0.71 -3.05 -7.97
CA ASP A 85 -1.62 -3.48 -9.01
C ASP A 85 -2.41 -4.68 -8.53
N HIS A 86 -3.56 -4.93 -9.12
CA HIS A 86 -4.34 -6.10 -8.76
C HIS A 86 -3.85 -7.35 -9.45
N THR A 87 -3.68 -8.39 -8.69
CA THR A 87 -3.17 -9.64 -9.18
C THR A 87 -3.85 -10.74 -8.37
N PHE A 88 -3.83 -11.95 -8.82
CA PHE A 88 -4.29 -13.02 -8.00
C PHE A 88 -3.09 -13.83 -7.62
N TYR A 89 -2.74 -13.78 -6.38
CA TYR A 89 -1.60 -14.49 -5.89
C TYR A 89 -2.04 -15.67 -5.06
N ARG A 90 -1.38 -16.80 -5.22
CA ARG A 90 -1.64 -17.94 -4.37
C ARG A 90 -0.38 -18.22 -3.56
N PRO A 91 -0.45 -18.09 -2.23
CA PRO A 91 0.69 -18.28 -1.33
C PRO A 91 1.26 -19.70 -1.32
N LYS A 92 2.57 -19.74 -1.24
CA LYS A 92 3.32 -20.96 -1.06
C LYS A 92 4.11 -20.76 0.23
N ARG A 93 4.07 -21.72 1.11
CA ARG A 93 4.80 -21.61 2.36
C ARG A 93 5.93 -22.63 2.36
N ASN B 5 -10.10 8.22 0.41
CA ASN B 5 -10.27 8.11 -1.05
C ASN B 5 -11.75 7.78 -1.42
N ARG B 6 -12.73 8.27 -0.58
CA ARG B 6 -14.23 8.18 -0.81
C ARG B 6 -14.88 6.88 -0.30
N PHE B 7 -14.13 6.08 0.41
CA PHE B 7 -14.63 4.81 0.93
C PHE B 7 -14.72 4.88 2.43
N ALA B 8 -15.45 3.96 3.04
CA ALA B 8 -15.57 3.94 4.47
C ALA B 8 -15.32 2.54 5.00
N ILE B 9 -14.06 2.22 5.14
CA ILE B 9 -13.64 0.97 5.70
C ILE B 9 -12.78 1.25 6.92
N MET B 10 -13.00 0.49 7.96
CA MET B 10 -12.25 0.63 9.19
C MET B 10 -10.82 0.20 8.98
N PRO B 11 -9.87 0.94 9.53
CA PRO B 11 -8.45 0.63 9.42
C PRO B 11 -8.07 -0.65 10.18
N GLY B 12 -7.02 -1.29 9.73
CA GLY B 12 -6.53 -2.51 10.33
C GLY B 12 -5.86 -2.29 11.67
N SER B 13 -5.61 -3.36 12.36
CA SER B 13 -5.06 -3.32 13.71
C SER B 13 -3.56 -3.02 13.70
N ARG B 14 -2.93 -3.12 12.54
CA ARG B 14 -1.48 -2.90 12.42
C ARG B 14 -1.20 -1.41 12.19
N TRP B 15 -2.27 -0.62 12.15
CA TRP B 15 -2.18 0.77 11.87
C TRP B 15 -1.71 1.57 13.06
N ASP B 16 -0.71 2.29 12.80
CA ASP B 16 -0.15 3.27 13.65
C ASP B 16 -0.25 4.48 12.82
N GLY B 17 -0.50 5.61 13.44
CA GLY B 17 -0.68 6.96 12.85
C GLY B 17 0.24 7.31 11.70
N VAL B 18 0.02 6.61 10.67
CA VAL B 18 0.64 6.76 9.40
C VAL B 18 -0.39 7.25 8.44
N HIS B 19 -0.11 8.36 7.84
CA HIS B 19 -0.97 8.92 6.87
C HIS B 19 -0.28 8.87 5.51
N ARG B 20 -0.90 8.25 4.55
CA ARG B 20 -0.34 8.21 3.20
C ARG B 20 -1.23 9.06 2.28
N SER B 21 -0.70 10.10 1.76
CA SER B 21 -1.46 11.02 0.94
C SER B 21 -1.38 10.67 -0.55
N ASN B 22 -2.51 10.27 -1.11
CA ASN B 22 -2.63 10.02 -2.55
C ASN B 22 -2.40 11.32 -3.34
N GLY B 23 -1.28 11.37 -4.05
CA GLY B 23 -0.94 12.55 -4.79
C GLY B 23 -0.49 13.65 -3.87
N PHE B 24 0.48 13.34 -3.04
CA PHE B 24 0.98 14.27 -2.04
C PHE B 24 1.65 15.51 -2.65
N GLU B 25 2.31 15.34 -3.79
CA GLU B 25 3.07 16.40 -4.40
C GLU B 25 2.19 17.58 -4.82
N GLU B 26 1.03 17.28 -5.41
CA GLU B 26 0.10 18.32 -5.83
C GLU B 26 -0.41 19.09 -4.62
N LYS B 27 -0.57 18.39 -3.51
CA LYS B 27 -1.05 18.99 -2.29
C LYS B 27 -0.02 19.95 -1.77
N TRP B 28 1.23 19.52 -1.79
CA TRP B 28 2.34 20.34 -1.37
C TRP B 28 2.44 21.55 -2.27
N PHE B 29 2.26 21.33 -3.54
CA PHE B 29 2.27 22.36 -4.54
C PHE B 29 1.10 23.34 -4.35
N ALA B 30 -0.02 22.80 -3.94
CA ALA B 30 -1.20 23.58 -3.72
C ALA B 30 -1.07 24.46 -2.48
N LYS B 31 -0.39 23.95 -1.46
CA LYS B 31 -0.23 24.71 -0.22
C LYS B 31 0.99 25.60 -0.26
N GLN B 32 1.86 25.35 -1.21
CA GLN B 32 3.07 26.15 -1.36
C GLN B 32 2.76 27.44 -2.10
N ASN B 33 1.47 27.62 -2.42
CA ASN B 33 0.94 28.83 -3.11
C ASN B 33 1.35 30.10 -2.35
N GLU B 34 1.54 29.95 -1.05
CA GLU B 34 2.00 31.01 -0.21
C GLU B 34 3.50 31.12 -0.35
N ILE B 35 3.95 32.19 -0.95
CA ILE B 35 5.33 32.35 -1.28
C ILE B 35 5.97 33.47 -0.48
N ASN B 36 5.21 34.50 -0.21
CA ASN B 36 5.72 35.68 0.51
C ASN B 36 4.92 35.80 1.79
N GLU B 37 3.94 34.94 1.85
CA GLU B 37 3.01 34.82 2.92
C GLU B 37 3.61 34.14 4.13
N LYS B 38 2.76 33.81 5.06
CA LYS B 38 3.17 33.22 6.30
C LYS B 38 3.35 31.73 6.13
N LYS B 39 4.57 31.34 5.91
CA LYS B 39 4.89 29.97 5.74
C LYS B 39 5.30 29.40 7.08
N ASN A 5 -14.85 -8.75 1.84
CA ASN A 5 -15.45 -10.08 1.92
C ASN A 5 -14.37 -11.13 2.03
N GLU A 6 -14.35 -11.84 3.14
CA GLU A 6 -13.34 -12.87 3.40
C GLU A 6 -13.61 -14.10 2.56
N TYR A 7 -14.82 -14.18 2.09
CA TYR A 7 -15.28 -15.30 1.31
C TYR A 7 -14.85 -15.20 -0.15
N LYS A 8 -14.13 -14.16 -0.46
CA LYS A 8 -13.58 -13.98 -1.77
C LYS A 8 -12.11 -13.88 -1.66
N ASP A 9 -11.45 -14.40 -2.62
CA ASP A 9 -9.98 -14.43 -2.68
C ASP A 9 -9.54 -13.32 -3.59
N ASN A 10 -10.47 -12.44 -3.82
CA ASN A 10 -10.35 -11.28 -4.69
C ASN A 10 -9.62 -10.15 -3.95
N ALA A 11 -9.13 -10.48 -2.77
CA ALA A 11 -8.50 -9.51 -1.89
C ALA A 11 -6.99 -9.47 -2.09
N TYR A 12 -6.52 -10.05 -3.16
CA TYR A 12 -5.09 -10.12 -3.39
C TYR A 12 -4.63 -8.94 -4.25
N ILE A 13 -3.43 -8.47 -3.97
CA ILE A 13 -2.80 -7.40 -4.75
C ILE A 13 -1.33 -7.66 -4.85
N TYR A 14 -0.71 -6.95 -5.74
CA TYR A 14 0.67 -7.02 -5.98
C TYR A 14 1.29 -5.68 -5.66
N ILE A 15 2.28 -5.69 -4.83
CA ILE A 15 3.00 -4.51 -4.51
C ILE A 15 4.39 -4.66 -5.12
N GLY A 16 4.80 -3.70 -5.87
CA GLY A 16 6.07 -3.75 -6.53
C GLY A 16 6.87 -2.51 -6.24
N ASN A 17 8.16 -2.59 -6.55
CA ASN A 17 9.15 -1.53 -6.29
C ASN A 17 9.35 -1.34 -4.80
N LEU A 18 9.42 -2.44 -4.08
CA LEU A 18 9.66 -2.41 -2.65
C LEU A 18 11.06 -1.97 -2.35
N ASN A 19 11.19 -1.29 -1.26
CA ASN A 19 12.46 -0.80 -0.81
C ASN A 19 13.07 -1.85 0.06
N ARG A 20 14.39 -1.93 0.04
CA ARG A 20 15.13 -2.98 0.77
C ARG A 20 14.85 -2.95 2.26
N GLU A 21 14.41 -1.81 2.76
CA GLU A 21 14.19 -1.64 4.19
C GLU A 21 12.72 -1.81 4.55
N LEU A 22 11.88 -2.05 3.56
CA LEU A 22 10.49 -2.25 3.81
C LEU A 22 10.20 -3.70 4.12
N THR A 23 9.71 -3.91 5.29
CA THR A 23 9.39 -5.22 5.78
C THR A 23 7.88 -5.40 5.75
N GLU A 24 7.41 -6.60 6.07
CA GLU A 24 5.98 -6.88 6.12
C GLU A 24 5.30 -5.94 7.11
N GLY A 25 6.00 -5.64 8.19
CA GLY A 25 5.50 -4.75 9.22
C GLY A 25 5.25 -3.34 8.71
N ASP A 26 6.12 -2.87 7.81
CA ASP A 26 5.97 -1.53 7.24
C ASP A 26 4.75 -1.52 6.38
N ILE A 27 4.67 -2.51 5.53
CA ILE A 27 3.56 -2.68 4.62
C ILE A 27 2.25 -2.81 5.41
N LEU A 28 2.26 -3.61 6.44
CA LEU A 28 1.07 -3.84 7.25
C LEU A 28 0.57 -2.57 7.85
N THR A 29 1.48 -1.77 8.36
CA THR A 29 1.10 -0.54 8.99
C THR A 29 0.44 0.42 7.98
N VAL A 30 1.07 0.54 6.84
CA VAL A 30 0.59 1.43 5.78
C VAL A 30 -0.74 0.91 5.22
N PHE A 31 -0.76 -0.37 4.93
CA PHE A 31 -1.89 -1.02 4.36
C PHE A 31 -3.08 -1.09 5.31
N SER A 32 -2.81 -0.95 6.59
CA SER A 32 -3.85 -0.92 7.59
C SER A 32 -4.67 0.37 7.53
N GLU A 33 -4.11 1.44 6.96
CA GLU A 33 -4.89 2.66 6.81
C GLU A 33 -5.94 2.48 5.69
N TYR A 34 -5.70 1.52 4.80
CA TYR A 34 -6.60 1.27 3.68
C TYR A 34 -7.63 0.20 4.02
N GLY A 35 -7.42 -0.46 5.11
CA GLY A 35 -8.33 -1.48 5.54
C GLY A 35 -7.66 -2.44 6.45
N VAL A 36 -8.28 -3.57 6.65
CA VAL A 36 -7.74 -4.58 7.53
C VAL A 36 -6.97 -5.61 6.71
N PRO A 37 -5.64 -5.64 6.84
CA PRO A 37 -4.81 -6.62 6.19
C PRO A 37 -4.86 -7.92 6.98
N VAL A 38 -4.97 -9.03 6.30
CA VAL A 38 -5.05 -10.28 7.03
C VAL A 38 -3.80 -11.13 6.81
N ASP A 39 -3.11 -10.90 5.73
CA ASP A 39 -1.90 -11.65 5.42
C ASP A 39 -1.03 -10.83 4.52
N VAL A 40 0.25 -10.91 4.73
CA VAL A 40 1.20 -10.18 3.93
C VAL A 40 2.46 -11.04 3.73
N ILE A 41 2.96 -11.05 2.54
CA ILE A 41 4.20 -11.73 2.24
C ILE A 41 5.19 -10.74 1.67
N LEU A 42 6.32 -10.61 2.30
CA LEU A 42 7.38 -9.81 1.74
C LEU A 42 8.29 -10.78 1.03
N SER A 43 8.40 -10.65 -0.25
CA SER A 43 9.31 -11.47 -0.97
C SER A 43 10.71 -10.93 -0.73
N ARG A 44 11.54 -11.71 -0.09
CA ARG A 44 12.86 -11.25 0.26
C ARG A 44 13.90 -12.08 -0.44
N ASP A 45 14.81 -11.40 -1.10
CA ASP A 45 15.90 -12.04 -1.80
C ASP A 45 16.84 -12.67 -0.82
N GLU A 46 17.10 -13.91 -1.04
CA GLU A 46 17.95 -14.71 -0.19
C GLU A 46 19.39 -14.18 -0.11
N ASN A 47 19.83 -13.53 -1.18
CA ASN A 47 21.23 -13.11 -1.28
C ASN A 47 21.47 -11.85 -0.49
N THR A 48 20.59 -10.89 -0.66
CA THR A 48 20.72 -9.63 0.03
C THR A 48 20.08 -9.74 1.41
N GLY A 49 19.16 -10.67 1.54
CA GLY A 49 18.45 -10.88 2.77
C GLY A 49 17.47 -9.76 3.09
N GLU A 50 17.30 -8.84 2.15
CA GLU A 50 16.51 -7.66 2.41
C GLU A 50 15.16 -7.71 1.72
N SER A 51 15.14 -7.60 0.41
CA SER A 51 13.89 -7.61 -0.29
C SER A 51 14.13 -8.03 -1.74
N GLN A 52 13.09 -8.49 -2.39
CA GLN A 52 13.12 -8.79 -3.82
C GLN A 52 12.66 -7.57 -4.58
N GLY A 53 12.04 -6.65 -3.87
CA GLY A 53 11.52 -5.48 -4.50
C GLY A 53 10.06 -5.64 -4.85
N PHE A 54 9.42 -6.66 -4.33
CA PHE A 54 8.00 -6.84 -4.56
C PHE A 54 7.42 -7.59 -3.37
N ALA A 55 6.16 -7.39 -3.10
CA ALA A 55 5.50 -8.04 -2.00
C ALA A 55 4.03 -8.26 -2.30
N TYR A 56 3.36 -8.92 -1.39
CA TYR A 56 1.96 -9.27 -1.52
C TYR A 56 1.22 -9.01 -0.21
N LEU A 57 -0.02 -8.57 -0.30
CA LEU A 57 -0.84 -8.36 0.87
C LEU A 57 -2.29 -8.57 0.50
N LYS A 58 -3.04 -9.17 1.38
CA LYS A 58 -4.44 -9.41 1.17
C LYS A 58 -5.24 -8.80 2.31
N TYR A 59 -6.37 -8.31 1.97
CA TYR A 59 -7.24 -7.66 2.92
C TYR A 59 -8.44 -8.49 3.24
N GLU A 60 -9.10 -8.11 4.29
CA GLU A 60 -10.36 -8.70 4.65
C GLU A 60 -11.46 -8.16 3.69
N ASP A 61 -11.26 -6.95 3.19
CA ASP A 61 -12.25 -6.32 2.33
C ASP A 61 -11.62 -6.02 0.98
N GLN A 62 -12.35 -6.30 -0.07
CA GLN A 62 -11.87 -6.06 -1.42
C GLN A 62 -11.76 -4.56 -1.75
N ARG A 63 -12.57 -3.75 -1.11
CA ARG A 63 -12.55 -2.29 -1.31
C ARG A 63 -11.23 -1.71 -0.83
N SER A 64 -10.72 -2.31 0.18
CA SER A 64 -9.45 -1.96 0.73
C SER A 64 -8.33 -2.09 -0.32
N THR A 65 -8.40 -3.12 -1.20
CA THR A 65 -7.36 -3.33 -2.19
C THR A 65 -7.30 -2.14 -3.17
N ILE A 66 -8.45 -1.68 -3.63
CA ILE A 66 -8.55 -0.56 -4.54
C ILE A 66 -8.11 0.73 -3.84
N LEU A 67 -8.48 0.85 -2.55
CA LEU A 67 -8.05 1.99 -1.72
C LEU A 67 -6.54 2.06 -1.63
N ALA A 68 -5.92 0.92 -1.41
CA ALA A 68 -4.49 0.87 -1.28
C ALA A 68 -3.81 1.11 -2.61
N VAL A 69 -4.27 0.44 -3.65
CA VAL A 69 -3.70 0.61 -4.99
C VAL A 69 -3.75 2.07 -5.43
N ASP A 70 -4.85 2.70 -5.20
CA ASP A 70 -5.10 4.07 -5.63
C ASP A 70 -4.16 5.06 -4.96
N ASN A 71 -3.93 4.86 -3.70
CA ASN A 71 -3.15 5.81 -2.90
C ASN A 71 -1.68 5.50 -2.90
N LEU A 72 -1.35 4.24 -3.02
CA LEU A 72 0.04 3.81 -2.88
C LEU A 72 0.76 3.75 -4.18
N ASN A 73 0.03 3.47 -5.22
CA ASN A 73 0.64 3.42 -6.53
C ASN A 73 1.09 4.81 -6.90
N GLY A 74 2.36 4.95 -7.22
CA GLY A 74 2.91 6.24 -7.58
C GLY A 74 3.43 7.00 -6.35
N PHE A 75 3.26 6.42 -5.18
CA PHE A 75 3.70 7.06 -3.95
C PHE A 75 5.14 6.65 -3.69
N LYS A 76 5.98 7.59 -3.33
CA LYS A 76 7.38 7.30 -3.11
C LYS A 76 7.67 7.04 -1.64
N ILE A 77 8.09 5.83 -1.36
CA ILE A 77 8.56 5.47 -0.04
C ILE A 77 10.00 5.04 -0.24
N GLY A 78 10.89 5.38 0.68
CA GLY A 78 12.29 5.03 0.55
C GLY A 78 12.92 5.58 -0.72
N GLY A 79 12.38 6.70 -1.19
CA GLY A 79 12.86 7.33 -2.41
C GLY A 79 12.36 6.67 -3.69
N ARG A 80 11.65 5.56 -3.57
CA ARG A 80 11.19 4.84 -4.75
C ARG A 80 9.69 4.82 -4.83
N ALA A 81 9.17 4.77 -6.03
CA ALA A 81 7.75 4.83 -6.25
C ALA A 81 7.11 3.47 -6.21
N LEU A 82 6.23 3.27 -5.27
CA LEU A 82 5.53 2.03 -5.11
C LEU A 82 4.61 1.77 -6.26
N LYS A 83 4.63 0.56 -6.73
CA LYS A 83 3.77 0.16 -7.77
C LYS A 83 2.80 -0.84 -7.23
N ILE A 84 1.56 -0.52 -7.23
CA ILE A 84 0.59 -1.47 -6.77
C ILE A 84 -0.19 -1.90 -7.97
N ASP A 85 -0.54 -3.14 -8.04
CA ASP A 85 -1.32 -3.64 -9.14
C ASP A 85 -2.26 -4.70 -8.61
N HIS A 86 -3.38 -4.88 -9.23
CA HIS A 86 -4.29 -5.93 -8.85
C HIS A 86 -3.87 -7.23 -9.50
N THR A 87 -3.77 -8.27 -8.73
CA THR A 87 -3.33 -9.54 -9.23
C THR A 87 -3.92 -10.61 -8.35
N PHE A 88 -3.90 -11.83 -8.80
CA PHE A 88 -4.20 -12.91 -7.93
C PHE A 88 -2.89 -13.60 -7.66
N TYR A 89 -2.44 -13.52 -6.45
CA TYR A 89 -1.15 -14.05 -6.08
C TYR A 89 -1.36 -15.31 -5.30
N ARG A 90 -0.64 -16.33 -5.67
CA ARG A 90 -0.74 -17.58 -4.97
C ARG A 90 0.61 -17.89 -4.34
N PRO A 91 0.64 -17.92 -3.02
CA PRO A 91 1.87 -18.14 -2.25
C PRO A 91 2.45 -19.56 -2.38
N LYS A 92 3.75 -19.63 -2.52
CA LYS A 92 4.44 -20.89 -2.60
C LYS A 92 5.03 -21.27 -1.26
N ARG A 93 4.58 -22.38 -0.74
CA ARG A 93 5.08 -22.92 0.49
C ARG A 93 6.27 -23.76 0.16
N ASN B 5 -10.47 6.82 -1.80
CA ASN B 5 -11.28 8.05 -1.78
C ASN B 5 -12.76 7.67 -1.69
N ARG B 6 -13.42 8.18 -0.64
CA ARG B 6 -14.87 8.04 -0.31
C ARG B 6 -15.31 6.63 0.11
N PHE B 7 -14.39 5.83 0.57
CA PHE B 7 -14.72 4.51 1.04
C PHE B 7 -14.88 4.51 2.54
N ALA B 8 -15.49 3.49 3.07
CA ALA B 8 -15.69 3.38 4.49
C ALA B 8 -15.39 1.97 4.95
N ILE B 9 -14.15 1.72 5.18
CA ILE B 9 -13.66 0.47 5.68
C ILE B 9 -12.89 0.76 6.95
N MET B 10 -13.09 -0.06 7.96
CA MET B 10 -12.38 0.12 9.20
C MET B 10 -10.91 -0.22 9.03
N PRO B 11 -10.02 0.63 9.53
CA PRO B 11 -8.57 0.42 9.43
C PRO B 11 -8.10 -0.78 10.27
N GLY B 12 -6.99 -1.35 9.85
CA GLY B 12 -6.42 -2.49 10.52
C GLY B 12 -5.79 -2.14 11.85
N SER B 13 -5.47 -3.15 12.60
CA SER B 13 -4.90 -3.01 13.92
C SER B 13 -3.41 -2.66 13.87
N ARG B 14 -2.77 -2.99 12.77
CA ARG B 14 -1.32 -2.80 12.59
C ARG B 14 -0.98 -1.36 12.25
N TRP B 15 -2.00 -0.54 12.20
CA TRP B 15 -1.88 0.85 11.86
C TRP B 15 -1.39 1.67 13.03
N ASP B 16 -0.33 2.33 12.77
CA ASP B 16 0.29 3.30 13.61
C ASP B 16 0.11 4.55 12.86
N GLY B 17 -0.01 5.65 13.55
CA GLY B 17 -0.23 7.03 13.03
C GLY B 17 0.67 7.47 11.89
N VAL B 18 0.58 6.73 10.87
CA VAL B 18 1.19 6.88 9.61
C VAL B 18 0.09 7.20 8.65
N HIS B 19 0.20 8.27 7.97
CA HIS B 19 -0.81 8.64 7.01
C HIS B 19 -0.24 8.53 5.64
N ARG B 20 -0.88 7.78 4.79
CA ARG B 20 -0.46 7.61 3.43
C ARG B 20 -1.61 7.91 2.48
N SER B 21 -1.52 8.99 1.79
CA SER B 21 -2.55 9.41 0.88
C SER B 21 -1.92 9.71 -0.45
N ASN B 22 -2.71 9.60 -1.54
CA ASN B 22 -2.30 9.77 -2.97
C ASN B 22 -1.12 10.72 -3.11
N GLY B 23 0.04 10.13 -3.35
CA GLY B 23 1.26 10.87 -3.46
C GLY B 23 1.29 11.72 -4.68
N PHE B 24 0.77 11.22 -5.77
CA PHE B 24 0.75 11.98 -7.03
C PHE B 24 -0.07 13.26 -6.90
N GLU B 25 -1.13 13.22 -6.08
CA GLU B 25 -2.06 14.32 -5.91
C GLU B 25 -1.36 15.57 -5.40
N GLU B 26 -0.50 15.40 -4.41
CA GLU B 26 0.23 16.51 -3.86
C GLU B 26 1.23 17.06 -4.88
N LYS B 27 1.81 16.18 -5.69
CA LYS B 27 2.84 16.57 -6.64
C LYS B 27 2.23 17.41 -7.75
N TRP B 28 1.06 17.01 -8.21
CA TRP B 28 0.34 17.73 -9.24
C TRP B 28 -0.02 19.11 -8.72
N PHE B 29 -0.47 19.12 -7.49
CA PHE B 29 -0.84 20.34 -6.81
C PHE B 29 0.40 21.21 -6.54
N ALA B 30 1.52 20.58 -6.31
CA ALA B 30 2.73 21.27 -6.00
C ALA B 30 3.37 21.88 -7.23
N LYS B 31 3.04 21.38 -8.40
CA LYS B 31 3.62 21.94 -9.62
C LYS B 31 2.68 22.96 -10.24
N GLN B 32 1.38 22.76 -10.04
CA GLN B 32 0.33 23.61 -10.63
C GLN B 32 0.35 25.01 -10.00
N ASN B 33 1.09 25.14 -8.91
CA ASN B 33 1.26 26.42 -8.19
C ASN B 33 1.84 27.51 -9.09
N GLU B 34 2.62 27.09 -10.05
CA GLU B 34 3.30 27.97 -10.92
C GLU B 34 2.88 27.80 -12.35
N ILE B 35 3.29 28.76 -13.13
CA ILE B 35 3.06 28.78 -14.55
C ILE B 35 4.38 28.98 -15.28
N ASN B 36 5.35 29.63 -14.62
CA ASN B 36 6.62 29.94 -15.28
C ASN B 36 7.83 29.45 -14.50
N GLU B 37 7.76 29.47 -13.20
CA GLU B 37 8.87 29.04 -12.38
C GLU B 37 9.03 27.52 -12.29
N LYS B 38 10.17 27.11 -11.82
CA LYS B 38 10.57 25.72 -11.92
C LYS B 38 10.30 24.90 -10.67
N LYS B 39 9.05 24.56 -10.49
CA LYS B 39 8.61 23.63 -9.47
C LYS B 39 7.13 23.42 -9.68
#